data_5HBX
# 
_entry.id   5HBX 
# 
_audit_conform.dict_name       mmcif_pdbx.dic 
_audit_conform.dict_version    5.379 
_audit_conform.dict_location   http://mmcif.pdb.org/dictionaries/ascii/mmcif_pdbx.dic 
# 
loop_
_database_2.database_id 
_database_2.database_code 
_database_2.pdbx_database_accession 
_database_2.pdbx_DOI 
PDB   5HBX         pdb_00005hbx 10.2210/pdb5hbx/pdb 
WWPDB D_1000216803 ?            ?                   
# 
loop_
_pdbx_database_related.content_type 
_pdbx_database_related.db_id 
_pdbx_database_related.db_name 
_pdbx_database_related.details 
unspecified 5HBW PDB . 
unspecified 5HBY PDB . 
# 
_pdbx_database_status.status_code                     REL 
_pdbx_database_status.status_code_sf                  REL 
_pdbx_database_status.status_code_mr                  ? 
_pdbx_database_status.entry_id                        5HBX 
_pdbx_database_status.recvd_initial_deposition_date   2016-01-03 
_pdbx_database_status.SG_entry                        N 
_pdbx_database_status.deposit_site                    RCSB 
_pdbx_database_status.process_site                    RCSB 
_pdbx_database_status.status_code_cs                  ? 
_pdbx_database_status.methods_development_category    ? 
_pdbx_database_status.pdb_format_compatible           Y 
_pdbx_database_status.status_code_nmr_data            ? 
# 
loop_
_audit_author.name 
_audit_author.pdbx_ordinal 
_audit_author.identifier_ORCID 
'Zhang, W.'     1 ? 
'Tam, C.P.'     2 ? 
'Szostak, J.W.' 3 ? 
# 
_citation.abstract                  ? 
_citation.abstract_id_CAS           ? 
_citation.book_id_ISBN              ? 
_citation.book_publisher            ? 
_citation.book_publisher_city       ? 
_citation.book_title                ? 
_citation.coordinate_linkage        ? 
_citation.country                   US 
_citation.database_id_Medline       ? 
_citation.details                   ? 
_citation.id                        primary 
_citation.journal_abbrev            'ACS Cent Sci' 
_citation.journal_id_ASTM           ? 
_citation.journal_id_CSD            ? 
_citation.journal_id_ISSN           2374-7943 
_citation.journal_full              ? 
_citation.journal_issue             ? 
_citation.journal_volume            2 
_citation.language                  ? 
_citation.page_first                916 
_citation.page_last                 926 
_citation.title                     'Unusual Base-Pairing Interactions in Monomer-Template Complexes.' 
_citation.year                      2016 
_citation.database_id_CSD           ? 
_citation.pdbx_database_id_DOI      10.1021/acscentsci.6b00278 
_citation.pdbx_database_id_PubMed   28058281 
_citation.unpublished_flag          ? 
# 
loop_
_citation_author.citation_id 
_citation_author.name 
_citation_author.ordinal 
_citation_author.identifier_ORCID 
primary 'Zhang, W.'     1 ? 
primary 'Tam, C.P.'     2 ? 
primary 'Wang, J.'      3 ? 
primary 'Szostak, J.W.' 4 ? 
# 
_cell.angle_alpha                  90.00 
_cell.angle_alpha_esd              ? 
_cell.angle_beta                   90.00 
_cell.angle_beta_esd               ? 
_cell.angle_gamma                  120.00 
_cell.angle_gamma_esd              ? 
_cell.entry_id                     5HBX 
_cell.details                      ? 
_cell.formula_units_Z              ? 
_cell.length_a                     43.545 
_cell.length_a_esd                 ? 
_cell.length_b                     43.545 
_cell.length_b_esd                 ? 
_cell.length_c                     83.996 
_cell.length_c_esd                 ? 
_cell.volume                       ? 
_cell.volume_esd                   ? 
_cell.Z_PDB                        12 
_cell.reciprocal_angle_alpha       ? 
_cell.reciprocal_angle_beta        ? 
_cell.reciprocal_angle_gamma       ? 
_cell.reciprocal_angle_alpha_esd   ? 
_cell.reciprocal_angle_beta_esd    ? 
_cell.reciprocal_angle_gamma_esd   ? 
_cell.reciprocal_length_a          ? 
_cell.reciprocal_length_b          ? 
_cell.reciprocal_length_c          ? 
_cell.reciprocal_length_a_esd      ? 
_cell.reciprocal_length_b_esd      ? 
_cell.reciprocal_length_c_esd      ? 
_cell.pdbx_unique_axis             ? 
# 
_symmetry.entry_id                         5HBX 
_symmetry.cell_setting                     ? 
_symmetry.Int_Tables_number                143 
_symmetry.space_group_name_Hall            ? 
_symmetry.space_group_name_H-M             'P 3' 
_symmetry.pdbx_full_space_group_name_H-M   ? 
# 
loop_
_entity.id 
_entity.type 
_entity.src_method 
_entity.pdbx_description 
_entity.formula_weight 
_entity.pdbx_number_of_molecules 
_entity.pdbx_ec 
_entity.pdbx_mutation 
_entity.pdbx_fragment 
_entity.details 
1 polymer     syn 
;RNA (5'-R(*(LCC)P*(LCC)P*(LCA)P*(LCG)P*AP*CP*UP*UP*AP*AP*GP*UP*CP*U)-3')
;
4483.762 4  ? ? ? ? 
2 non-polymer syn 
;[(2~{R},3~{S},4~{R},5~{R})-5-(2-azanyl-6-oxidanylidene-1~{H}-purin-9-yl)-3,4-bis(oxidanyl)oxolan-2-yl]methoxy-(3-methyl-1~{H}-pyrazol-4-yl)phosphinic acid
;
427.309  8  ? ? ? ? 
3 water       nat water 18.015   91 ? ? ? ? 
# 
_entity_poly.entity_id                      1 
_entity_poly.type                           polyribonucleotide 
_entity_poly.nstd_linkage                   no 
_entity_poly.nstd_monomer                   yes 
_entity_poly.pdbx_seq_one_letter_code       '(LCC)(LCC)(LCA)(LCG)ACUUAAGUCU' 
_entity_poly.pdbx_seq_one_letter_code_can   NNAGACUUAAGUCU 
_entity_poly.pdbx_strand_id                 A,B,C,D 
_entity_poly.pdbx_target_identifier         ? 
# 
loop_
_entity_poly_seq.entity_id 
_entity_poly_seq.num 
_entity_poly_seq.mon_id 
_entity_poly_seq.hetero 
1 1  LCC n 
1 2  LCC n 
1 3  LCA n 
1 4  LCG n 
1 5  A   n 
1 6  C   n 
1 7  U   n 
1 8  U   n 
1 9  A   n 
1 10 A   n 
1 11 G   n 
1 12 U   n 
1 13 C   n 
1 14 U   n 
# 
_pdbx_entity_src_syn.entity_id              1 
_pdbx_entity_src_syn.pdbx_src_id            1 
_pdbx_entity_src_syn.pdbx_alt_source_flag   sample 
_pdbx_entity_src_syn.pdbx_beg_seq_num       1 
_pdbx_entity_src_syn.pdbx_end_seq_num       14 
_pdbx_entity_src_syn.organism_scientific    'synthetic construct' 
_pdbx_entity_src_syn.organism_common_name   ? 
_pdbx_entity_src_syn.ncbi_taxonomy_id       32630 
_pdbx_entity_src_syn.details                ? 
# 
_struct_ref.id                         1 
_struct_ref.db_name                    PDB 
_struct_ref.db_code                    5HBX 
_struct_ref.pdbx_db_accession          5HBX 
_struct_ref.pdbx_db_isoform            ? 
_struct_ref.entity_id                  1 
_struct_ref.pdbx_seq_one_letter_code   ? 
_struct_ref.pdbx_align_begin           1 
# 
loop_
_struct_ref_seq.align_id 
_struct_ref_seq.ref_id 
_struct_ref_seq.pdbx_PDB_id_code 
_struct_ref_seq.pdbx_strand_id 
_struct_ref_seq.seq_align_beg 
_struct_ref_seq.pdbx_seq_align_beg_ins_code 
_struct_ref_seq.seq_align_end 
_struct_ref_seq.pdbx_seq_align_end_ins_code 
_struct_ref_seq.pdbx_db_accession 
_struct_ref_seq.db_align_beg 
_struct_ref_seq.pdbx_db_align_beg_ins_code 
_struct_ref_seq.db_align_end 
_struct_ref_seq.pdbx_db_align_end_ins_code 
_struct_ref_seq.pdbx_auth_seq_align_beg 
_struct_ref_seq.pdbx_auth_seq_align_end 
1 1 5HBX A 1 ? 14 ? 5HBX 1 ? 14 ? 1 14 
2 1 5HBX B 1 ? 14 ? 5HBX 1 ? 14 ? 1 14 
3 1 5HBX C 1 ? 14 ? 5HBX 1 ? 14 ? 1 14 
4 1 5HBX D 1 ? 14 ? 5HBX 1 ? 14 ? 1 14 
# 
loop_
_chem_comp.id 
_chem_comp.type 
_chem_comp.mon_nstd_flag 
_chem_comp.name 
_chem_comp.pdbx_synonyms 
_chem_comp.formula 
_chem_comp.formula_weight 
A   'RNA linking' y "ADENOSINE-5'-MONOPHOSPHATE" ? 'C10 H14 N5 O7 P' 347.221 
C   'RNA linking' y "CYTIDINE-5'-MONOPHOSPHATE" ? 'C9 H14 N3 O8 P'  323.197 
G   'RNA linking' y "GUANOSINE-5'-MONOPHOSPHATE" ? 'C10 H14 N5 O8 P' 363.221 
HOH non-polymer   . WATER ? 'H2 O'            18.015  
LCA 'RNA linking' n '[(1R,3R,4R,7S)-7-HYDROXY-3-(ADENIN-9-YL)-2,5-DIOXABICYCLO[2.2.1]HEPT-1-YL]METHYL DIHYDROGEN PHOSPHATE' ? 
'C11 H14 N5 O7 P' 359.232 
LCC 'RNA linking' . 
'[(1R,3R,4R,7S)-7-HYDROXY-3-(5-METHYLCYTOSIN-1-YL)-2,5-DIOXABICYCLO[2.2.1]HEPT-1-YL]METHYL DIHYDROGEN PHOSPHATE' ? 
'C11 H16 N3 O8 P' 349.234 
LCG 'RNA linking' n '[(1R,3R,4R,7S)-7-HYDROXY-3-(GUANIN-9-YL)-2,5-DIOXABICYCLO[2.2.1]HEPT-1-YL]METHYL DIHYDROGEN PHOSPHATE' ? 
'C11 H14 N5 O8 P' 375.231 
PZG 'DNA linking' n 
;[(2~{R},3~{S},4~{R},5~{R})-5-(2-azanyl-6-oxidanylidene-1~{H}-purin-9-yl)-3,4-bis(oxidanyl)oxolan-2-yl]methoxy-(3-methyl-1~{H}-pyrazol-4-yl)phosphinic acid
;
? 'C14 H18 N7 O7 P' 427.309 
U   'RNA linking' y "URIDINE-5'-MONOPHOSPHATE" ? 'C9 H13 N2 O9 P'  324.181 
# 
_exptl.absorpt_coefficient_mu     ? 
_exptl.absorpt_correction_T_max   ? 
_exptl.absorpt_correction_T_min   ? 
_exptl.absorpt_correction_type    ? 
_exptl.absorpt_process_details    ? 
_exptl.entry_id                   5HBX 
_exptl.crystals_number            ? 
_exptl.details                    ? 
_exptl.method                     'X-RAY DIFFRACTION' 
_exptl.method_details             ? 
# 
_exptl_crystal.colour                      ? 
_exptl_crystal.density_diffrn              ? 
_exptl_crystal.density_Matthews            2.39 
_exptl_crystal.density_method              ? 
_exptl_crystal.density_percent_sol         52.02 
_exptl_crystal.description                 'a diamond shape crystal' 
_exptl_crystal.F_000                       ? 
_exptl_crystal.id                          1 
_exptl_crystal.preparation                 ? 
_exptl_crystal.size_max                    ? 
_exptl_crystal.size_mid                    ? 
_exptl_crystal.size_min                    ? 
_exptl_crystal.size_rad                    ? 
_exptl_crystal.colour_lustre               ? 
_exptl_crystal.colour_modifier             ? 
_exptl_crystal.colour_primary              ? 
_exptl_crystal.density_meas                ? 
_exptl_crystal.density_meas_esd            ? 
_exptl_crystal.density_meas_gt             ? 
_exptl_crystal.density_meas_lt             ? 
_exptl_crystal.density_meas_temp           ? 
_exptl_crystal.density_meas_temp_esd       ? 
_exptl_crystal.density_meas_temp_gt        ? 
_exptl_crystal.density_meas_temp_lt        ? 
_exptl_crystal.pdbx_crystal_image_url      ? 
_exptl_crystal.pdbx_crystal_image_format   ? 
_exptl_crystal.pdbx_mosaicity              ? 
_exptl_crystal.pdbx_mosaicity_esd          ? 
# 
_exptl_crystal_grow.apparatus       ? 
_exptl_crystal_grow.atmosphere      ? 
_exptl_crystal_grow.crystal_id      1 
_exptl_crystal_grow.details         ? 
_exptl_crystal_grow.method          'VAPOR DIFFUSION, SITTING DROP' 
_exptl_crystal_grow.method_ref      ? 
_exptl_crystal_grow.pH              7.5 
_exptl_crystal_grow.pressure        ? 
_exptl_crystal_grow.pressure_esd    ? 
_exptl_crystal_grow.seeding         ? 
_exptl_crystal_grow.seeding_ref     ? 
_exptl_crystal_grow.temp            292 
_exptl_crystal_grow.temp_details    ? 
_exptl_crystal_grow.temp_esd        ? 
_exptl_crystal_grow.time            ? 
_exptl_crystal_grow.pdbx_details    
'Ammonium acetate, Magnesium chloride hexahydrate,0.05 M TRIS hydrochloride pH 7.5,10% v/v (+/-)-2-Methyl-2,4-pentanediol' 
_exptl_crystal_grow.pdbx_pH_range   7.5 
# 
_diffrn.ambient_environment    ? 
_diffrn.ambient_temp           100 
_diffrn.ambient_temp_details   ? 
_diffrn.ambient_temp_esd       ? 
_diffrn.crystal_id             1 
_diffrn.crystal_support        ? 
_diffrn.crystal_treatment      ? 
_diffrn.details                ? 
_diffrn.id                     1 
_diffrn.ambient_pressure       ? 
_diffrn.ambient_pressure_esd   ? 
_diffrn.ambient_pressure_gt    ? 
_diffrn.ambient_pressure_lt    ? 
_diffrn.ambient_temp_gt        ? 
_diffrn.ambient_temp_lt        ? 
# 
_diffrn_detector.details                      ? 
_diffrn_detector.detector                     CCD 
_diffrn_detector.diffrn_id                    1 
_diffrn_detector.type                         'MAR CCD 165 mm' 
_diffrn_detector.area_resol_mean              ? 
_diffrn_detector.dtime                        ? 
_diffrn_detector.pdbx_frames_total            ? 
_diffrn_detector.pdbx_collection_time_total   ? 
_diffrn_detector.pdbx_collection_date         2015-10-18 
# 
_diffrn_radiation.collimation                      ? 
_diffrn_radiation.diffrn_id                        1 
_diffrn_radiation.filter_edge                      ? 
_diffrn_radiation.inhomogeneity                    ? 
_diffrn_radiation.monochromator                    none 
_diffrn_radiation.polarisn_norm                    ? 
_diffrn_radiation.polarisn_ratio                   ? 
_diffrn_radiation.probe                            ? 
_diffrn_radiation.type                             ? 
_diffrn_radiation.xray_symbol                      ? 
_diffrn_radiation.wavelength_id                    1 
_diffrn_radiation.pdbx_monochromatic_or_laue_m_l   M 
_diffrn_radiation.pdbx_wavelength_list             ? 
_diffrn_radiation.pdbx_wavelength                  ? 
_diffrn_radiation.pdbx_diffrn_protocol             'SINGLE WAVELENGTH' 
_diffrn_radiation.pdbx_analyzer                    ? 
_diffrn_radiation.pdbx_scattering_type             x-ray 
# 
_diffrn_radiation_wavelength.id           1 
_diffrn_radiation_wavelength.wavelength   0.987 
_diffrn_radiation_wavelength.wt           1.0 
# 
_diffrn_source.current                     ? 
_diffrn_source.details                     ? 
_diffrn_source.diffrn_id                   1 
_diffrn_source.power                       ? 
_diffrn_source.size                        ? 
_diffrn_source.source                      SYNCHROTRON 
_diffrn_source.target                      ? 
_diffrn_source.type                        'ALS BEAMLINE 8.2.1' 
_diffrn_source.voltage                     ? 
_diffrn_source.take-off_angle              ? 
_diffrn_source.pdbx_wavelength_list        0.987 
_diffrn_source.pdbx_wavelength             ? 
_diffrn_source.pdbx_synchrotron_beamline   8.2.1 
_diffrn_source.pdbx_synchrotron_site       ALS 
# 
_reflns.B_iso_Wilson_estimate            ? 
_reflns.entry_id                         5HBX 
_reflns.data_reduction_details           ? 
_reflns.data_reduction_method            ? 
_reflns.d_resolution_high                1.7 
_reflns.d_resolution_low                 50 
_reflns.details                          ? 
_reflns.limit_h_max                      ? 
_reflns.limit_h_min                      ? 
_reflns.limit_k_max                      ? 
_reflns.limit_k_min                      ? 
_reflns.limit_l_max                      ? 
_reflns.limit_l_min                      ? 
_reflns.number_all                       19566 
_reflns.number_obs                       19566 
_reflns.observed_criterion               ? 
_reflns.observed_criterion_F_max         ? 
_reflns.observed_criterion_F_min         ? 
_reflns.observed_criterion_I_max         ? 
_reflns.observed_criterion_I_min         ? 
_reflns.observed_criterion_sigma_F       0.05 
_reflns.observed_criterion_sigma_I       0.05 
_reflns.percent_possible_obs             99.9 
_reflns.R_free_details                   ? 
_reflns.Rmerge_F_all                     ? 
_reflns.Rmerge_F_obs                     ? 
_reflns.Friedel_coverage                 ? 
_reflns.number_gt                        ? 
_reflns.threshold_expression             ? 
_reflns.pdbx_redundancy                  7.4 
_reflns.pdbx_Rmerge_I_obs                0.128 
_reflns.pdbx_Rmerge_I_all                ? 
_reflns.pdbx_Rsym_value                  ? 
_reflns.pdbx_netI_over_av_sigmaI         14.6 
_reflns.pdbx_netI_over_sigmaI            14.6 
_reflns.pdbx_res_netI_over_av_sigmaI_2   ? 
_reflns.pdbx_res_netI_over_sigmaI_2      ? 
_reflns.pdbx_chi_squared                 ? 
_reflns.pdbx_scaling_rejects             ? 
_reflns.pdbx_d_res_high_opt              ? 
_reflns.pdbx_d_res_low_opt               ? 
_reflns.pdbx_d_res_opt_method            ? 
_reflns.phase_calculation_details        ? 
_reflns.pdbx_Rrim_I_all                  ? 
_reflns.pdbx_Rpim_I_all                  ? 
_reflns.pdbx_d_opt                       ? 
_reflns.pdbx_number_measured_all         ? 
_reflns.pdbx_diffrn_id                   1 
_reflns.pdbx_ordinal                     1 
_reflns.pdbx_CC_half                     ? 
_reflns.pdbx_R_split                     ? 
# 
_reflns_shell.d_res_high                  1.7 
_reflns_shell.d_res_low                   1.76 
_reflns_shell.meanI_over_sigI_all         ? 
_reflns_shell.meanI_over_sigI_obs         2.64 
_reflns_shell.number_measured_all         ? 
_reflns_shell.number_measured_obs         ? 
_reflns_shell.number_possible             ? 
_reflns_shell.number_unique_all           ? 
_reflns_shell.number_unique_obs           ? 
_reflns_shell.percent_possible_all        100 
_reflns_shell.percent_possible_obs        ? 
_reflns_shell.Rmerge_F_all                ? 
_reflns_shell.Rmerge_F_obs                ? 
_reflns_shell.Rmerge_I_all                ? 
_reflns_shell.Rmerge_I_obs                0.488 
_reflns_shell.meanI_over_sigI_gt          ? 
_reflns_shell.meanI_over_uI_all           ? 
_reflns_shell.meanI_over_uI_gt            ? 
_reflns_shell.number_measured_gt          ? 
_reflns_shell.number_unique_gt            ? 
_reflns_shell.percent_possible_gt         ? 
_reflns_shell.Rmerge_F_gt                 ? 
_reflns_shell.Rmerge_I_gt                 ? 
_reflns_shell.pdbx_redundancy             5.4 
_reflns_shell.pdbx_Rsym_value             ? 
_reflns_shell.pdbx_chi_squared            ? 
_reflns_shell.pdbx_netI_over_sigmaI_all   ? 
_reflns_shell.pdbx_netI_over_sigmaI_obs   ? 
_reflns_shell.pdbx_Rrim_I_all             ? 
_reflns_shell.pdbx_Rpim_I_all             ? 
_reflns_shell.pdbx_rejects                ? 
_reflns_shell.pdbx_ordinal                1 
_reflns_shell.pdbx_diffrn_id              1 
_reflns_shell.pdbx_CC_half                ? 
_reflns_shell.pdbx_R_split                ? 
# 
_refine.aniso_B[1][1]                            -0.00 
_refine.aniso_B[1][2]                            -0.00 
_refine.aniso_B[1][3]                            0.00 
_refine.aniso_B[2][2]                            -0.00 
_refine.aniso_B[2][3]                            -0.00 
_refine.aniso_B[3][3]                            0.01 
_refine.B_iso_max                                ? 
_refine.B_iso_mean                               29.324 
_refine.B_iso_min                                ? 
_refine.correlation_coeff_Fo_to_Fc               0.954 
_refine.correlation_coeff_Fo_to_Fc_free          0.943 
_refine.details                                  'HYDROGENS HAVE BEEN ADDED IN THE RIDING POSITIONS' 
_refine.diff_density_max                         ? 
_refine.diff_density_max_esd                     ? 
_refine.diff_density_min                         ? 
_refine.diff_density_min_esd                     ? 
_refine.diff_density_rms                         ? 
_refine.diff_density_rms_esd                     ? 
_refine.entry_id                                 5HBX 
_refine.pdbx_refine_id                           'X-RAY DIFFRACTION' 
_refine.ls_abs_structure_details                 ? 
_refine.ls_abs_structure_Flack                   ? 
_refine.ls_abs_structure_Flack_esd               ? 
_refine.ls_abs_structure_Rogers                  ? 
_refine.ls_abs_structure_Rogers_esd              ? 
_refine.ls_d_res_high                            1.70 
_refine.ls_d_res_low                             50 
_refine.ls_extinction_coef                       ? 
_refine.ls_extinction_coef_esd                   ? 
_refine.ls_extinction_expression                 ? 
_refine.ls_extinction_method                     ? 
_refine.ls_goodness_of_fit_all                   ? 
_refine.ls_goodness_of_fit_all_esd               ? 
_refine.ls_goodness_of_fit_obs                   ? 
_refine.ls_goodness_of_fit_obs_esd               ? 
_refine.ls_hydrogen_treatment                    ? 
_refine.ls_matrix_type                           ? 
_refine.ls_number_constraints                    ? 
_refine.ls_number_parameters                     ? 
_refine.ls_number_reflns_all                     ? 
_refine.ls_number_reflns_obs                     18463 
_refine.ls_number_reflns_R_free                  1103 
_refine.ls_number_reflns_R_work                  ? 
_refine.ls_number_restraints                     ? 
_refine.ls_percent_reflns_obs                    99.82 
_refine.ls_percent_reflns_R_free                 5.6 
_refine.ls_R_factor_all                          ? 
_refine.ls_R_factor_obs                          0.21478 
_refine.ls_R_factor_R_free                       0.24899 
_refine.ls_R_factor_R_free_error                 ? 
_refine.ls_R_factor_R_free_error_details         ? 
_refine.ls_R_factor_R_work                       0.21292 
_refine.ls_R_Fsqd_factor_obs                     ? 
_refine.ls_R_I_factor_obs                        ? 
_refine.ls_redundancy_reflns_all                 ? 
_refine.ls_redundancy_reflns_obs                 ? 
_refine.ls_restrained_S_all                      ? 
_refine.ls_restrained_S_obs                      ? 
_refine.ls_shift_over_esd_max                    ? 
_refine.ls_shift_over_esd_mean                   ? 
_refine.ls_structure_factor_coef                 ? 
_refine.ls_weighting_details                     ? 
_refine.ls_weighting_scheme                      ? 
_refine.ls_wR_factor_all                         ? 
_refine.ls_wR_factor_obs                         ? 
_refine.ls_wR_factor_R_free                      ? 
_refine.ls_wR_factor_R_work                      ? 
_refine.occupancy_max                            ? 
_refine.occupancy_min                            ? 
_refine.solvent_model_details                    MASK 
_refine.solvent_model_param_bsol                 ? 
_refine.solvent_model_param_ksol                 ? 
_refine.ls_R_factor_gt                           ? 
_refine.ls_goodness_of_fit_gt                    ? 
_refine.ls_goodness_of_fit_ref                   ? 
_refine.ls_shift_over_su_max                     ? 
_refine.ls_shift_over_su_max_lt                  ? 
_refine.ls_shift_over_su_mean                    ? 
_refine.ls_shift_over_su_mean_lt                 ? 
_refine.pdbx_ls_sigma_I                          ? 
_refine.pdbx_ls_sigma_F                          0.05 
_refine.pdbx_ls_sigma_Fsqd                       ? 
_refine.pdbx_data_cutoff_high_absF               ? 
_refine.pdbx_data_cutoff_high_rms_absF           ? 
_refine.pdbx_data_cutoff_low_absF                ? 
_refine.pdbx_isotropic_thermal_model             ? 
_refine.pdbx_ls_cross_valid_method               THROUGHOUT 
_refine.pdbx_method_to_determine_struct          'MOLECULAR REPLACEMENT' 
_refine.pdbx_starting_model                      5DHC 
_refine.pdbx_stereochemistry_target_values       'MAXIMUM LIKELIHOOD' 
_refine.pdbx_R_Free_selection_details            RANDOM 
_refine.pdbx_stereochem_target_val_spec_case     ? 
_refine.pdbx_overall_ESU_R                       0.129 
_refine.pdbx_overall_ESU_R_Free                  0.124 
_refine.pdbx_solvent_vdw_probe_radii             1.20 
_refine.pdbx_solvent_ion_probe_radii             0.80 
_refine.pdbx_solvent_shrinkage_radii             0.80 
_refine.pdbx_real_space_R                        ? 
_refine.pdbx_density_correlation                 ? 
_refine.pdbx_pd_number_of_powder_patterns        ? 
_refine.pdbx_pd_number_of_points                 ? 
_refine.pdbx_pd_meas_number_of_points            ? 
_refine.pdbx_pd_proc_ls_prof_R_factor            ? 
_refine.pdbx_pd_proc_ls_prof_wR_factor           ? 
_refine.pdbx_pd_Marquardt_correlation_coeff      ? 
_refine.pdbx_pd_Fsqrd_R_factor                   ? 
_refine.pdbx_pd_ls_matrix_band_width             ? 
_refine.pdbx_overall_phase_error                 ? 
_refine.pdbx_overall_SU_R_free_Cruickshank_DPI   ? 
_refine.pdbx_overall_SU_R_free_Blow_DPI          ? 
_refine.pdbx_overall_SU_R_Blow_DPI               ? 
_refine.pdbx_TLS_residual_ADP_flag               ? 
_refine.pdbx_diffrn_id                           1 
_refine.overall_SU_B                             2.567 
_refine.overall_SU_ML                            0.083 
_refine.overall_SU_R_Cruickshank_DPI             ? 
_refine.overall_SU_R_free                        ? 
_refine.overall_FOM_free_R_set                   ? 
_refine.overall_FOM_work_R_set                   ? 
_refine.pdbx_average_fsc_overall                 ? 
_refine.pdbx_average_fsc_work                    ? 
_refine.pdbx_average_fsc_free                    ? 
# 
_refine_hist.pdbx_refine_id                   'X-RAY DIFFRACTION' 
_refine_hist.cycle_id                         1 
_refine_hist.pdbx_number_atoms_protein        0 
_refine_hist.pdbx_number_atoms_nucleic_acid   1188 
_refine_hist.pdbx_number_atoms_ligand         232 
_refine_hist.number_atoms_solvent             91 
_refine_hist.number_atoms_total               1511 
_refine_hist.d_res_high                       1.70 
_refine_hist.d_res_low                        50 
# 
loop_
_refine_ls_restr.pdbx_refine_id 
_refine_ls_restr.criterion 
_refine_ls_restr.dev_ideal 
_refine_ls_restr.dev_ideal_target 
_refine_ls_restr.number 
_refine_ls_restr.rejects 
_refine_ls_restr.type 
_refine_ls_restr.weight 
_refine_ls_restr.pdbx_restraint_function 
'X-RAY DIFFRACTION' ? 0.026 0.018  1576 ? r_bond_refined_d             ? ? 
'X-RAY DIFFRACTION' ? 0.041 0.024  708  ? r_bond_other_d               ? ? 
'X-RAY DIFFRACTION' ? 2.770 2.030  2432 ? r_angle_refined_deg          ? ? 
'X-RAY DIFFRACTION' ? 3.869 3.269  1700 ? r_angle_other_deg            ? ? 
'X-RAY DIFFRACTION' ? ?     ?      ?    ? r_dihedral_angle_1_deg       ? ? 
'X-RAY DIFFRACTION' ? ?     ?      ?    ? r_dihedral_angle_2_deg       ? ? 
'X-RAY DIFFRACTION' ? ?     ?      ?    ? r_dihedral_angle_3_deg       ? ? 
'X-RAY DIFFRACTION' ? ?     ?      ?    ? r_dihedral_angle_4_deg       ? ? 
'X-RAY DIFFRACTION' ? 0.122 0.200  272  ? r_chiral_restr               ? ? 
'X-RAY DIFFRACTION' ? 0.018 0.021  816  ? r_gen_planes_refined         ? ? 
'X-RAY DIFFRACTION' ? 0.002 0.022  296  ? r_gen_planes_other           ? ? 
'X-RAY DIFFRACTION' ? ?     ?      ?    ? r_nbd_refined                ? ? 
'X-RAY DIFFRACTION' ? ?     ?      ?    ? r_nbd_other                  ? ? 
'X-RAY DIFFRACTION' ? ?     ?      ?    ? r_nbtor_refined              ? ? 
'X-RAY DIFFRACTION' ? ?     ?      ?    ? r_nbtor_other                ? ? 
'X-RAY DIFFRACTION' ? ?     ?      ?    ? r_xyhbond_nbd_refined        ? ? 
'X-RAY DIFFRACTION' ? ?     ?      ?    ? r_xyhbond_nbd_other          ? ? 
'X-RAY DIFFRACTION' ? ?     ?      ?    ? r_metal_ion_refined          ? ? 
'X-RAY DIFFRACTION' ? ?     ?      ?    ? r_metal_ion_other            ? ? 
'X-RAY DIFFRACTION' ? ?     ?      ?    ? r_symmetry_vdw_refined       ? ? 
'X-RAY DIFFRACTION' ? ?     ?      ?    ? r_symmetry_vdw_other         ? ? 
'X-RAY DIFFRACTION' ? ?     ?      ?    ? r_symmetry_hbond_refined     ? ? 
'X-RAY DIFFRACTION' ? ?     ?      ?    ? r_symmetry_hbond_other       ? ? 
'X-RAY DIFFRACTION' ? ?     ?      ?    ? r_symmetry_metal_ion_refined ? ? 
'X-RAY DIFFRACTION' ? ?     ?      ?    ? r_symmetry_metal_ion_other   ? ? 
'X-RAY DIFFRACTION' ? ?     ?      ?    ? r_mcbond_it                  ? ? 
'X-RAY DIFFRACTION' ? ?     ?      ?    ? r_mcbond_other               ? ? 
'X-RAY DIFFRACTION' ? ?     ?      ?    ? r_mcangle_it                 ? ? 
'X-RAY DIFFRACTION' ? ?     ?      ?    ? r_mcangle_other              ? ? 
'X-RAY DIFFRACTION' ? 3.730 3.030  1576 ? r_scbond_it                  ? ? 
'X-RAY DIFFRACTION' ? 3.729 3.035  1577 ? r_scbond_other               ? ? 
'X-RAY DIFFRACTION' ? ?     ?      ?    ? r_scangle_it                 ? ? 
'X-RAY DIFFRACTION' ? 5.728 4.529  2433 ? r_scangle_other              ? ? 
'X-RAY DIFFRACTION' ? 8.675 28.276 2244 ? r_long_range_B_refined       ? ? 
'X-RAY DIFFRACTION' ? 8.695 28.303 2231 ? r_long_range_B_other         ? ? 
'X-RAY DIFFRACTION' ? ?     ?      ?    ? r_rigid_bond_restr           ? ? 
'X-RAY DIFFRACTION' ? ?     ?      ?    ? r_sphericity_free            ? ? 
'X-RAY DIFFRACTION' ? ?     ?      ?    ? r_sphericity_bonded          ? ? 
# 
_refine_ls_shell.pdbx_refine_id                   'X-RAY DIFFRACTION' 
_refine_ls_shell.d_res_high                       1.702 
_refine_ls_shell.d_res_low                        1.746 
_refine_ls_shell.number_reflns_all                ? 
_refine_ls_shell.number_reflns_obs                ? 
_refine_ls_shell.number_reflns_R_free             109 
_refine_ls_shell.number_reflns_R_work             1361 
_refine_ls_shell.percent_reflns_obs               99.19 
_refine_ls_shell.percent_reflns_R_free            ? 
_refine_ls_shell.R_factor_all                     ? 
_refine_ls_shell.R_factor_obs                     ? 
_refine_ls_shell.R_factor_R_free                  0.223 
_refine_ls_shell.R_factor_R_free_error            ? 
_refine_ls_shell.R_factor_R_work                  0.223 
_refine_ls_shell.redundancy_reflns_all            ? 
_refine_ls_shell.redundancy_reflns_obs            ? 
_refine_ls_shell.wR_factor_all                    ? 
_refine_ls_shell.wR_factor_obs                    ? 
_refine_ls_shell.wR_factor_R_free                 ? 
_refine_ls_shell.wR_factor_R_work                 ? 
_refine_ls_shell.pdbx_total_number_of_bins_used   ? 
_refine_ls_shell.pdbx_phase_error                 ? 
_refine_ls_shell.pdbx_fsc_work                    ? 
_refine_ls_shell.pdbx_fsc_free                    ? 
# 
_struct.entry_id                     5HBX 
_struct.title                        
'RNA primer-template complex with 2-methylimidazole-activated monomer analogue-2 binding sites' 
_struct.pdbx_model_details           ? 
_struct.pdbx_formula_weight          ? 
_struct.pdbx_formula_weight_method   ? 
_struct.pdbx_model_type_details      ? 
_struct.pdbx_CASP_flag               ? 
# 
_struct_keywords.entry_id        5HBX 
_struct_keywords.text            RNA 
_struct_keywords.pdbx_keywords   RNA 
# 
loop_
_struct_asym.id 
_struct_asym.pdbx_blank_PDB_chainid_flag 
_struct_asym.pdbx_modified 
_struct_asym.entity_id 
_struct_asym.details 
A N N 1 ? 
B N N 1 ? 
C N N 1 ? 
D N N 1 ? 
E N N 2 ? 
F N N 2 ? 
G N N 2 ? 
H N N 2 ? 
I N N 2 ? 
J N N 2 ? 
K N N 2 ? 
L N N 2 ? 
M N N 3 ? 
N N N 3 ? 
O N N 3 ? 
P N N 3 ? 
# 
loop_
_struct_conn.id 
_struct_conn.conn_type_id 
_struct_conn.pdbx_leaving_atom_flag 
_struct_conn.pdbx_PDB_id 
_struct_conn.ptnr1_label_asym_id 
_struct_conn.ptnr1_label_comp_id 
_struct_conn.ptnr1_label_seq_id 
_struct_conn.ptnr1_label_atom_id 
_struct_conn.pdbx_ptnr1_label_alt_id 
_struct_conn.pdbx_ptnr1_PDB_ins_code 
_struct_conn.pdbx_ptnr1_standard_comp_id 
_struct_conn.ptnr1_symmetry 
_struct_conn.ptnr2_label_asym_id 
_struct_conn.ptnr2_label_comp_id 
_struct_conn.ptnr2_label_seq_id 
_struct_conn.ptnr2_label_atom_id 
_struct_conn.pdbx_ptnr2_label_alt_id 
_struct_conn.pdbx_ptnr2_PDB_ins_code 
_struct_conn.ptnr1_auth_asym_id 
_struct_conn.ptnr1_auth_comp_id 
_struct_conn.ptnr1_auth_seq_id 
_struct_conn.ptnr2_auth_asym_id 
_struct_conn.ptnr2_auth_comp_id 
_struct_conn.ptnr2_auth_seq_id 
_struct_conn.ptnr2_symmetry 
_struct_conn.pdbx_ptnr3_label_atom_id 
_struct_conn.pdbx_ptnr3_label_seq_id 
_struct_conn.pdbx_ptnr3_label_comp_id 
_struct_conn.pdbx_ptnr3_label_asym_id 
_struct_conn.pdbx_ptnr3_label_alt_id 
_struct_conn.pdbx_ptnr3_PDB_ins_code 
_struct_conn.details 
_struct_conn.pdbx_dist_value 
_struct_conn.pdbx_value_order 
_struct_conn.pdbx_role 
covale1  covale both ? A LCC 1  "O3'" ? ? ? 1_555 A LCC 2  P  ? ? A LCC 1  A LCC 2  1_555 ? ? ? ? ? ? ?            1.690 ? ? 
covale2  covale both ? A LCC 2  "O3'" ? ? ? 1_555 A LCA 3  P  ? ? A LCC 2  A LCA 3  1_555 ? ? ? ? ? ? ?            1.666 ? ? 
covale3  covale one  ? A LCA 3  "O3'" ? ? ? 1_555 A LCG 4  P  ? ? A LCA 3  A LCG 4  1_555 ? ? ? ? ? ? ?            1.671 ? ? 
covale4  covale both ? A LCG 4  "O3'" ? ? ? 1_555 A A   5  P  ? ? A LCG 4  A A   5  1_555 ? ? ? ? ? ? ?            1.696 ? ? 
covale5  covale both ? B LCC 1  "O3'" ? ? ? 1_555 B LCC 2  P  ? ? B LCC 1  B LCC 2  1_555 ? ? ? ? ? ? ?            1.671 ? ? 
covale6  covale both ? B LCC 2  "O3'" ? ? ? 1_555 B LCA 3  P  ? ? B LCC 2  B LCA 3  1_555 ? ? ? ? ? ? ?            1.679 ? ? 
covale7  covale one  ? B LCA 3  "O3'" ? ? ? 1_555 B LCG 4  P  ? ? B LCA 3  B LCG 4  1_555 ? ? ? ? ? ? ?            1.672 ? ? 
covale8  covale both ? B LCG 4  "O3'" ? ? ? 1_555 B A   5  P  ? ? B LCG 4  B A   5  1_555 ? ? ? ? ? ? ?            1.627 ? ? 
covale9  covale both ? C LCC 1  "O3'" ? ? ? 1_555 C LCC 2  P  ? ? C LCC 1  C LCC 2  1_555 ? ? ? ? ? ? ?            1.655 ? ? 
covale10 covale both ? C LCC 2  "O3'" ? ? ? 1_555 C LCA 3  P  ? ? C LCC 2  C LCA 3  1_555 ? ? ? ? ? ? ?            1.697 ? ? 
covale11 covale one  ? C LCA 3  "O3'" ? ? ? 1_555 C LCG 4  P  ? ? C LCA 3  C LCG 4  1_555 ? ? ? ? ? ? ?            1.653 ? ? 
covale12 covale both ? C LCG 4  "O3'" ? ? ? 1_555 C A   5  P  ? ? C LCG 4  C A   5  1_555 ? ? ? ? ? ? ?            1.665 ? ? 
covale13 covale both ? D LCC 1  "O3'" ? ? ? 1_555 D LCC 2  P  ? ? D LCC 1  D LCC 2  1_555 ? ? ? ? ? ? ?            1.699 ? ? 
covale14 covale both ? D LCC 2  "O3'" ? ? ? 1_555 D LCA 3  P  ? ? D LCC 2  D LCA 3  1_555 ? ? ? ? ? ? ?            1.674 ? ? 
covale15 covale one  ? D LCA 3  "O3'" ? ? ? 1_555 D LCG 4  P  ? ? D LCA 3  D LCG 4  1_555 ? ? ? ? ? ? ?            1.707 ? ? 
covale16 covale both ? D LCG 4  "O3'" ? ? ? 1_555 D A   5  P  ? ? D LCG 4  D A   5  1_555 ? ? ? ? ? ? ?            1.645 ? ? 
hydrog1  hydrog ?    ? A LCA 3  N1    ? ? ? 1_555 B U   14 N3 ? ? A LCA 3  B U   14 1_555 ? ? ? ? ? ? WATSON-CRICK ?     ? ? 
hydrog2  hydrog ?    ? A LCA 3  N6    ? ? ? 1_555 B U   14 O4 ? ? A LCA 3  B U   14 1_555 ? ? ? ? ? ? WATSON-CRICK ?     ? ? 
hydrog3  hydrog ?    ? A LCG 4  N1    ? ? ? 1_555 B C   13 N3 ? ? A LCG 4  B C   13 1_555 ? ? ? ? ? ? WATSON-CRICK ?     ? ? 
hydrog4  hydrog ?    ? A LCG 4  N2    ? ? ? 1_555 B C   13 O2 ? ? A LCG 4  B C   13 1_555 ? ? ? ? ? ? WATSON-CRICK ?     ? ? 
hydrog5  hydrog ?    ? A LCG 4  O6    ? ? ? 1_555 B C   13 N4 ? ? A LCG 4  B C   13 1_555 ? ? ? ? ? ? WATSON-CRICK ?     ? ? 
hydrog6  hydrog ?    ? A A   5  N1    ? ? ? 1_555 B U   12 N3 ? ? A A   5  B U   12 1_555 ? ? ? ? ? ? WATSON-CRICK ?     ? ? 
hydrog7  hydrog ?    ? A A   5  N6    ? ? ? 1_555 B U   12 O4 ? ? A A   5  B U   12 1_555 ? ? ? ? ? ? WATSON-CRICK ?     ? ? 
hydrog8  hydrog ?    ? A C   6  N3    ? ? ? 1_555 B G   11 N1 ? ? A C   6  B G   11 1_555 ? ? ? ? ? ? WATSON-CRICK ?     ? ? 
hydrog9  hydrog ?    ? A C   6  N4    ? ? ? 1_555 B G   11 O6 ? ? A C   6  B G   11 1_555 ? ? ? ? ? ? WATSON-CRICK ?     ? ? 
hydrog10 hydrog ?    ? A C   6  O2    ? ? ? 1_555 B G   11 N2 ? ? A C   6  B G   11 1_555 ? ? ? ? ? ? WATSON-CRICK ?     ? ? 
hydrog11 hydrog ?    ? A U   7  N3    ? ? ? 1_555 B A   10 N1 ? ? A U   7  B A   10 1_555 ? ? ? ? ? ? WATSON-CRICK ?     ? ? 
hydrog12 hydrog ?    ? A U   7  O4    ? ? ? 1_555 B A   10 N6 ? ? A U   7  B A   10 1_555 ? ? ? ? ? ? WATSON-CRICK ?     ? ? 
hydrog13 hydrog ?    ? A U   8  N3    ? ? ? 1_555 B A   9  N1 ? ? A U   8  B A   9  1_555 ? ? ? ? ? ? WATSON-CRICK ?     ? ? 
hydrog14 hydrog ?    ? A U   8  O4    ? ? ? 1_555 B A   9  N6 ? ? A U   8  B A   9  1_555 ? ? ? ? ? ? WATSON-CRICK ?     ? ? 
hydrog15 hydrog ?    ? A A   9  N1    ? ? ? 1_555 B U   8  N3 ? ? A A   9  B U   8  1_555 ? ? ? ? ? ? WATSON-CRICK ?     ? ? 
hydrog16 hydrog ?    ? A A   9  N6    ? ? ? 1_555 B U   8  O4 ? ? A A   9  B U   8  1_555 ? ? ? ? ? ? WATSON-CRICK ?     ? ? 
hydrog17 hydrog ?    ? A A   10 N1    ? ? ? 1_555 B U   7  N3 ? ? A A   10 B U   7  1_555 ? ? ? ? ? ? WATSON-CRICK ?     ? ? 
hydrog18 hydrog ?    ? A A   10 N6    ? ? ? 1_555 B U   7  O4 ? ? A A   10 B U   7  1_555 ? ? ? ? ? ? WATSON-CRICK ?     ? ? 
hydrog19 hydrog ?    ? A G   11 N1    ? ? ? 1_555 B C   6  N3 ? ? A G   11 B C   6  1_555 ? ? ? ? ? ? WATSON-CRICK ?     ? ? 
hydrog20 hydrog ?    ? A G   11 N2    ? ? ? 1_555 B C   6  O2 ? ? A G   11 B C   6  1_555 ? ? ? ? ? ? WATSON-CRICK ?     ? ? 
hydrog21 hydrog ?    ? A G   11 O6    ? ? ? 1_555 B C   6  N4 ? ? A G   11 B C   6  1_555 ? ? ? ? ? ? WATSON-CRICK ?     ? ? 
hydrog22 hydrog ?    ? A U   12 N3    ? ? ? 1_555 B A   5  N1 ? ? A U   12 B A   5  1_555 ? ? ? ? ? ? WATSON-CRICK ?     ? ? 
hydrog23 hydrog ?    ? A U   12 O4    ? ? ? 1_555 B A   5  N6 ? ? A U   12 B A   5  1_555 ? ? ? ? ? ? WATSON-CRICK ?     ? ? 
hydrog24 hydrog ?    ? A C   13 N3    ? ? ? 1_555 B LCG 4  N1 ? ? A C   13 B LCG 4  1_555 ? ? ? ? ? ? WATSON-CRICK ?     ? ? 
hydrog25 hydrog ?    ? A C   13 N4    ? ? ? 1_555 B LCG 4  O6 ? ? A C   13 B LCG 4  1_555 ? ? ? ? ? ? WATSON-CRICK ?     ? ? 
hydrog26 hydrog ?    ? A C   13 O2    ? ? ? 1_555 B LCG 4  N2 ? ? A C   13 B LCG 4  1_555 ? ? ? ? ? ? WATSON-CRICK ?     ? ? 
hydrog27 hydrog ?    ? A U   14 N3    ? ? ? 1_555 B LCA 3  N1 ? ? A U   14 B LCA 3  1_555 ? ? ? ? ? ? WATSON-CRICK ?     ? ? 
hydrog28 hydrog ?    ? A U   14 O4    ? ? ? 1_555 B LCA 3  N6 ? ? A U   14 B LCA 3  1_555 ? ? ? ? ? ? WATSON-CRICK ?     ? ? 
hydrog29 hydrog ?    ? C LCA 3  N1    ? ? ? 1_555 D U   14 N3 ? ? C LCA 3  D U   14 1_555 ? ? ? ? ? ? WATSON-CRICK ?     ? ? 
hydrog30 hydrog ?    ? C LCA 3  N6    ? ? ? 1_555 D U   14 O4 ? ? C LCA 3  D U   14 1_555 ? ? ? ? ? ? WATSON-CRICK ?     ? ? 
hydrog31 hydrog ?    ? C LCG 4  N1    ? ? ? 1_555 D C   13 N3 ? ? C LCG 4  D C   13 1_555 ? ? ? ? ? ? WATSON-CRICK ?     ? ? 
hydrog32 hydrog ?    ? C LCG 4  N2    ? ? ? 1_555 D C   13 O2 ? ? C LCG 4  D C   13 1_555 ? ? ? ? ? ? WATSON-CRICK ?     ? ? 
hydrog33 hydrog ?    ? C LCG 4  O6    ? ? ? 1_555 D C   13 N4 ? ? C LCG 4  D C   13 1_555 ? ? ? ? ? ? WATSON-CRICK ?     ? ? 
hydrog34 hydrog ?    ? C A   5  N1    ? ? ? 1_555 D U   12 N3 ? ? C A   5  D U   12 1_555 ? ? ? ? ? ? WATSON-CRICK ?     ? ? 
hydrog35 hydrog ?    ? C A   5  N6    ? ? ? 1_555 D U   12 O4 ? ? C A   5  D U   12 1_555 ? ? ? ? ? ? WATSON-CRICK ?     ? ? 
hydrog36 hydrog ?    ? C C   6  N3    ? ? ? 1_555 D G   11 N1 ? ? C C   6  D G   11 1_555 ? ? ? ? ? ? WATSON-CRICK ?     ? ? 
hydrog37 hydrog ?    ? C C   6  N4    ? ? ? 1_555 D G   11 O6 ? ? C C   6  D G   11 1_555 ? ? ? ? ? ? WATSON-CRICK ?     ? ? 
hydrog38 hydrog ?    ? C C   6  O2    ? ? ? 1_555 D G   11 N2 ? ? C C   6  D G   11 1_555 ? ? ? ? ? ? WATSON-CRICK ?     ? ? 
hydrog39 hydrog ?    ? C U   7  N3    ? ? ? 1_555 D A   10 N1 ? ? C U   7  D A   10 1_555 ? ? ? ? ? ? WATSON-CRICK ?     ? ? 
hydrog40 hydrog ?    ? C U   7  O4    ? ? ? 1_555 D A   10 N6 ? ? C U   7  D A   10 1_555 ? ? ? ? ? ? WATSON-CRICK ?     ? ? 
hydrog41 hydrog ?    ? C U   8  N3    ? ? ? 1_555 D A   9  N1 ? ? C U   8  D A   9  1_555 ? ? ? ? ? ? WATSON-CRICK ?     ? ? 
hydrog42 hydrog ?    ? C U   8  O4    ? ? ? 1_555 D A   9  N6 ? ? C U   8  D A   9  1_555 ? ? ? ? ? ? WATSON-CRICK ?     ? ? 
hydrog43 hydrog ?    ? C A   9  N1    ? ? ? 1_555 D U   8  N3 ? ? C A   9  D U   8  1_555 ? ? ? ? ? ? WATSON-CRICK ?     ? ? 
hydrog44 hydrog ?    ? C A   9  N6    ? ? ? 1_555 D U   8  O4 ? ? C A   9  D U   8  1_555 ? ? ? ? ? ? WATSON-CRICK ?     ? ? 
hydrog45 hydrog ?    ? C A   10 N1    ? ? ? 1_555 D U   7  N3 ? ? C A   10 D U   7  1_555 ? ? ? ? ? ? WATSON-CRICK ?     ? ? 
hydrog46 hydrog ?    ? C A   10 N6    ? ? ? 1_555 D U   7  O4 ? ? C A   10 D U   7  1_555 ? ? ? ? ? ? WATSON-CRICK ?     ? ? 
hydrog47 hydrog ?    ? C G   11 N1    ? ? ? 1_555 D C   6  N3 ? ? C G   11 D C   6  1_555 ? ? ? ? ? ? WATSON-CRICK ?     ? ? 
hydrog48 hydrog ?    ? C G   11 N2    ? ? ? 1_555 D C   6  O2 ? ? C G   11 D C   6  1_555 ? ? ? ? ? ? WATSON-CRICK ?     ? ? 
hydrog49 hydrog ?    ? C G   11 O6    ? ? ? 1_555 D C   6  N4 ? ? C G   11 D C   6  1_555 ? ? ? ? ? ? WATSON-CRICK ?     ? ? 
hydrog50 hydrog ?    ? C U   12 N3    ? ? ? 1_555 D A   5  N1 ? ? C U   12 D A   5  1_555 ? ? ? ? ? ? WATSON-CRICK ?     ? ? 
hydrog51 hydrog ?    ? C U   12 O4    ? ? ? 1_555 D A   5  N6 ? ? C U   12 D A   5  1_555 ? ? ? ? ? ? WATSON-CRICK ?     ? ? 
hydrog52 hydrog ?    ? C C   13 N3    ? ? ? 1_555 D LCG 4  N1 ? ? C C   13 D LCG 4  1_555 ? ? ? ? ? ? WATSON-CRICK ?     ? ? 
hydrog53 hydrog ?    ? C C   13 N4    ? ? ? 1_555 D LCG 4  O6 ? ? C C   13 D LCG 4  1_555 ? ? ? ? ? ? WATSON-CRICK ?     ? ? 
hydrog54 hydrog ?    ? C C   13 O2    ? ? ? 1_555 D LCG 4  N2 ? ? C C   13 D LCG 4  1_555 ? ? ? ? ? ? WATSON-CRICK ?     ? ? 
hydrog55 hydrog ?    ? C U   14 N3    ? ? ? 1_555 D LCA 3  N1 ? ? C U   14 D LCA 3  1_555 ? ? ? ? ? ? WATSON-CRICK ?     ? ? 
hydrog56 hydrog ?    ? C U   14 O4    ? ? ? 1_555 D LCA 3  N6 ? ? C U   14 D LCA 3  1_555 ? ? ? ? ? ? WATSON-CRICK ?     ? ? 
# 
loop_
_struct_conn_type.id 
_struct_conn_type.criteria 
_struct_conn_type.reference 
covale ? ? 
hydrog ? ? 
# 
loop_
_struct_site.id 
_struct_site.pdbx_evidence_code 
_struct_site.pdbx_auth_asym_id 
_struct_site.pdbx_auth_comp_id 
_struct_site.pdbx_auth_seq_id 
_struct_site.pdbx_auth_ins_code 
_struct_site.pdbx_num_residues 
_struct_site.details 
AC1 Software A PZG 101 ? 7 'binding site for residue PZG A 101' 
AC2 Software A PZG 102 ? 8 'binding site for residue PZG A 102' 
AC3 Software B PZG 101 ? 7 'binding site for residue PZG B 101' 
AC4 Software B PZG 102 ? 8 'binding site for residue PZG B 102' 
AC5 Software C PZG 101 ? 7 'binding site for residue PZG C 101' 
AC6 Software C PZG 102 ? 9 'binding site for residue PZG C 102' 
AC7 Software D PZG 101 ? 7 'binding site for residue PZG D 101' 
AC8 Software D PZG 102 ? 8 'binding site for residue PZG D 102' 
# 
loop_
_struct_site_gen.id 
_struct_site_gen.site_id 
_struct_site_gen.pdbx_num_res 
_struct_site_gen.label_comp_id 
_struct_site_gen.label_asym_id 
_struct_site_gen.label_seq_id 
_struct_site_gen.pdbx_auth_ins_code 
_struct_site_gen.auth_comp_id 
_struct_site_gen.auth_asym_id 
_struct_site_gen.auth_seq_id 
_struct_site_gen.label_atom_id 
_struct_site_gen.label_alt_id 
_struct_site_gen.symmetry 
_struct_site_gen.details 
1  AC1 7 LCC A 2  ? LCC A 2   . ? 1_555 ? 
2  AC1 7 LCA A 3  ? LCA A 3   . ? 1_555 ? 
3  AC1 7 PZG F .  ? PZG A 102 . ? 1_555 ? 
4  AC1 7 PZG F .  ? PZG A 102 . ? 3_575 ? 
5  AC1 7 U   B 14 ? U   B 14  . ? 1_555 ? 
6  AC1 7 U   B 14 ? U   B 14  . ? 2_775 ? 
7  AC1 7 LCC C 1  ? LCC C 1   . ? 3_674 ? 
8  AC2 8 LCC A 1  ? LCC A 1   . ? 1_555 ? 
9  AC2 8 LCC A 2  ? LCC A 2   . ? 1_555 ? 
10 AC2 8 PZG E .  ? PZG A 101 . ? 2_775 ? 
11 AC2 8 PZG E .  ? PZG A 101 . ? 1_555 ? 
12 AC2 8 HOH M .  ? HOH A 201 . ? 1_555 ? 
13 AC2 8 U   B 14 ? U   B 14  . ? 1_555 ? 
14 AC2 8 U   B 14 ? U   B 14  . ? 2_775 ? 
15 AC2 8 LCC C 1  ? LCC C 1   . ? 1_564 ? 
16 AC3 7 U   A 14 ? U   A 14  . ? 3_575 ? 
17 AC3 7 U   A 14 ? U   A 14  . ? 1_555 ? 
18 AC3 7 LCC B 2  ? LCC B 2   . ? 1_555 ? 
19 AC3 7 LCA B 3  ? LCA B 3   . ? 1_555 ? 
20 AC3 7 PZG H .  ? PZG B 102 . ? 2_775 ? 
21 AC3 7 PZG H .  ? PZG B 102 . ? 1_555 ? 
22 AC3 7 C   C 13 ? C   C 13  . ? 1_565 ? 
23 AC4 8 U   A 14 ? U   A 14  . ? 3_575 ? 
24 AC4 8 LCC B 1  ? LCC B 1   . ? 1_555 ? 
25 AC4 8 LCC B 2  ? LCC B 2   . ? 1_555 ? 
26 AC4 8 PZG G .  ? PZG B 101 . ? 1_555 ? 
27 AC4 8 PZG G .  ? PZG B 101 . ? 3_575 ? 
28 AC4 8 U   C 12 ? U   C 12  . ? 1_565 ? 
29 AC4 8 C   C 13 ? C   C 13  . ? 1_565 ? 
30 AC4 8 LCC D 1  ? LCC D 1   . ? 2_565 ? 
31 AC5 7 LCC A 1  ? LCC A 1   . ? 2_656 ? 
32 AC5 7 LCC C 2  ? LCC C 2   . ? 1_555 ? 
33 AC5 7 LCA C 3  ? LCA C 3   . ? 1_555 ? 
34 AC5 7 PZG J .  ? PZG C 102 . ? 2_545 ? 
35 AC5 7 PZG J .  ? PZG C 102 . ? 1_555 ? 
36 AC5 7 U   D 14 ? U   D 14  . ? 1_555 ? 
37 AC5 7 U   D 14 ? U   D 14  . ? 3_655 ? 
38 AC6 9 LCC A 1  ? LCC A 1   . ? 1_546 ? 
39 AC6 9 LCC C 1  ? LCC C 1   . ? 1_555 ? 
40 AC6 9 LCC C 2  ? LCC C 2   . ? 1_555 ? 
41 AC6 9 PZG I .  ? PZG C 101 . ? 1_555 ? 
42 AC6 9 PZG I .  ? PZG C 101 . ? 3_655 ? 
43 AC6 9 HOH O .  ? HOH C 202 . ? 1_555 ? 
44 AC6 9 C   D 13 ? C   D 13  . ? 1_555 ? 
45 AC6 9 U   D 14 ? U   D 14  . ? 1_555 ? 
46 AC6 9 U   D 14 ? U   D 14  . ? 3_655 ? 
47 AC7 7 C   A 13 ? C   A 13  . ? 1_545 ? 
48 AC7 7 U   C 14 ? U   C 14  . ? 2_545 ? 
49 AC7 7 U   C 14 ? U   C 14  . ? 1_555 ? 
50 AC7 7 LCC D 2  ? LCC D 2   . ? 1_555 ? 
51 AC7 7 LCA D 3  ? LCA D 3   . ? 1_555 ? 
52 AC7 7 PZG L .  ? PZG D 102 . ? 3_655 ? 
53 AC7 7 PZG L .  ? PZG D 102 . ? 1_555 ? 
54 AC8 8 U   A 12 ? U   A 12  . ? 1_545 ? 
55 AC8 8 C   A 13 ? C   A 13  . ? 1_545 ? 
56 AC8 8 LCC B 1  ? LCC B 1   . ? 3_455 ? 
57 AC8 8 U   C 14 ? U   C 14  . ? 2_545 ? 
58 AC8 8 LCC D 1  ? LCC D 1   . ? 1_555 ? 
59 AC8 8 LCC D 2  ? LCC D 2   . ? 1_555 ? 
60 AC8 8 PZG K .  ? PZG D 101 . ? 2_545 ? 
61 AC8 8 PZG K .  ? PZG D 101 . ? 1_555 ? 
# 
_atom_sites.entry_id                    5HBX 
_atom_sites.fract_transf_matrix[1][1]   0.02200060 
_atom_sites.fract_transf_matrix[1][2]   -0.00490167 
_atom_sites.fract_transf_matrix[1][3]   0.01396924 
_atom_sites.fract_transf_matrix[2][1]   0.01879133 
_atom_sites.fract_transf_matrix[2][2]   -0.01582562 
_atom_sites.fract_transf_matrix[2][3]   -0.00997933 
_atom_sites.fract_transf_matrix[3][1]   0.00527815 
_atom_sites.fract_transf_matrix[3][2]   0.00942393 
_atom_sites.fract_transf_matrix[3][3]   -0.00500596 
_atom_sites.fract_transf_vector[1]      0.297252 
_atom_sites.fract_transf_vector[2]      0.499987 
_atom_sites.fract_transf_vector[3]      0.493831 
# 
loop_
_atom_type.symbol 
C 
N 
O 
P 
# 
loop_
_atom_site.group_PDB 
_atom_site.id 
_atom_site.type_symbol 
_atom_site.label_atom_id 
_atom_site.label_alt_id 
_atom_site.label_comp_id 
_atom_site.label_asym_id 
_atom_site.label_entity_id 
_atom_site.label_seq_id 
_atom_site.pdbx_PDB_ins_code 
_atom_site.Cartn_x 
_atom_site.Cartn_y 
_atom_site.Cartn_z 
_atom_site.occupancy 
_atom_site.B_iso_or_equiv 
_atom_site.pdbx_formal_charge 
_atom_site.auth_seq_id 
_atom_site.auth_comp_id 
_atom_site.auth_asym_id 
_atom_site.auth_atom_id 
_atom_site.pdbx_PDB_model_num 
HETATM 1    O "O5'" . LCC A 1 1  ? -11.646 -39.270 6.141   1.00 32.75  ? 1   LCC A "O5'" 1 
HETATM 2    C "C5'" . LCC A 1 1  ? -11.298 -38.874 7.481   1.00 30.71  ? 1   LCC A "C5'" 1 
HETATM 3    C "C4'" . LCC A 1 1  ? -10.072 -39.702 7.883   1.00 33.12  ? 1   LCC A "C4'" 1 
HETATM 4    O "O4'" . LCC A 1 1  ? -10.048 -41.160 7.650   1.00 31.84  ? 1   LCC A "O4'" 1 
HETATM 5    C "C1'" . LCC A 1 1  ? -8.556  -41.447 7.913   1.00 30.54  ? 1   LCC A "C1'" 1 
HETATM 6    N N1    . LCC A 1 1  ? -8.154  -42.302 6.809   1.00 29.39  ? 1   LCC A N1    1 
HETATM 7    C C6    . LCC A 1 1  ? -8.975  -42.408 5.660   1.00 27.05  ? 1   LCC A C6    1 
HETATM 8    C C5    . LCC A 1 1  ? -8.612  -43.307 4.662   1.00 30.38  ? 1   LCC A C5    1 
HETATM 9    C C5M   . LCC A 1 1  ? -9.362  -43.478 3.507   1.00 36.62  ? 1   LCC A C5M   1 
HETATM 10   C C4    . LCC A 1 1  ? -7.478  -44.062 4.884   1.00 29.53  ? 1   LCC A C4    1 
HETATM 11   N N4    . LCC A 1 1  ? -7.125  -44.919 3.937   1.00 34.87  ? 1   LCC A N4    1 
HETATM 12   N N3    . LCC A 1 1  ? -6.737  -43.901 6.005   1.00 28.23  ? 1   LCC A N3    1 
HETATM 13   C C2    . LCC A 1 1  ? -7.049  -43.072 6.970   1.00 27.19  ? 1   LCC A C2    1 
HETATM 14   O O2    . LCC A 1 1  ? -6.275  -42.958 7.958   1.00 24.99  ? 1   LCC A O2    1 
HETATM 15   C "C3'" . LCC A 1 1  ? -8.806  -39.297 7.198   1.00 30.42  ? 1   LCC A "C3'" 1 
HETATM 16   C "C2'" . LCC A 1 1  ? -7.929  -40.147 8.063   1.00 31.22  ? 1   LCC A "C2'" 1 
HETATM 17   O "O2'" . LCC A 1 1  ? -8.289  -39.620 9.414   1.00 34.04  ? 1   LCC A "O2'" 1 
HETATM 18   O "O3'" . LCC A 1 1  ? -8.433  -37.932 7.290   1.00 35.48  ? 1   LCC A "O3'" 1 
HETATM 19   C "C6'" . LCC A 1 1  ? -9.751  -39.378 9.360   1.00 33.82  ? 1   LCC A "C6'" 1 
HETATM 20   O "O5'" . LCC A 1 2  ? -6.056  -37.704 6.348   1.00 27.45  ? 2   LCC A "O5'" 1 
HETATM 21   C "C5'" . LCC A 1 2  ? -5.134  -37.450 7.393   1.00 27.78  ? 2   LCC A "C5'" 1 
HETATM 22   C "C4'" . LCC A 1 2  ? -4.215  -38.675 7.232   1.00 24.61  ? 2   LCC A "C4'" 1 
HETATM 23   O "O4'" . LCC A 1 2  ? -4.826  -39.967 7.086   1.00 23.87  ? 2   LCC A "O4'" 1 
HETATM 24   C "C1'" . LCC A 1 2  ? -3.823  -40.787 6.486   1.00 24.11  ? 2   LCC A "C1'" 1 
HETATM 25   N N1    . LCC A 1 2  ? -4.320  -41.283 5.193   1.00 23.98  ? 2   LCC A N1    1 
HETATM 26   C C6    . LCC A 1 2  ? -5.477  -40.746 4.609   1.00 22.56  ? 2   LCC A C6    1 
HETATM 27   C C5    . LCC A 1 2  ? -5.947  -41.232 3.409   1.00 24.64  ? 2   LCC A C5    1 
HETATM 28   C C5M   . LCC A 1 2  ? -7.130  -40.696 2.790   1.00 25.95  ? 2   LCC A C5M   1 
HETATM 29   C C4    . LCC A 1 2  ? -5.249  -42.262 2.811   1.00 25.36  ? 2   LCC A C4    1 
HETATM 30   N N4    . LCC A 1 2  ? -5.776  -42.680 1.640   1.00 26.30  ? 2   LCC A N4    1 
HETATM 31   N N3    . LCC A 1 2  ? -4.111  -42.791 3.363   1.00 26.69  ? 2   LCC A N3    1 
HETATM 32   C C2    . LCC A 1 2  ? -3.650  -42.303 4.551   1.00 22.62  ? 2   LCC A C2    1 
HETATM 33   O O2    . LCC A 1 2  ? -2.636  -42.831 5.023   1.00 24.53  ? 2   LCC A O2    1 
HETATM 34   C "C3'" . LCC A 1 2  ? -3.430  -38.641 5.971   1.00 21.59  ? 2   LCC A "C3'" 1 
HETATM 35   C "C2'" . LCC A 1 2  ? -2.670  -39.818 6.269   1.00 24.11  ? 2   LCC A "C2'" 1 
HETATM 36   O "O2'" . LCC A 1 2  ? -2.116  -39.515 7.572   1.00 25.44  ? 2   LCC A "O2'" 1 
HETATM 37   O "O3'" . LCC A 1 2  ? -2.620  -37.441 5.953   1.00 21.99  ? 2   LCC A "O3'" 1 
HETATM 38   C "C6'" . LCC A 1 2  ? -3.172  -38.804 8.363   1.00 28.83  ? 2   LCC A "C6'" 1 
HETATM 39   P P     . LCC A 1 2  ? -7.588  -37.006 6.157   1.00 32.90  ? 2   LCC A P     1 
HETATM 40   O O1P   . LCC A 1 2  ? -7.452  -35.597 6.568   1.00 29.69  ? 2   LCC A O1P   1 
HETATM 41   O O2P   . LCC A 1 2  ? -8.102  -37.399 4.857   1.00 32.83  ? 2   LCC A O2P   1 
HETATM 42   P P     . LCA A 1 3  ? -1.904  -36.832 4.578   1.00 27.46  ? 3   LCA A P     1 
HETATM 43   O O1P   . LCA A 1 3  ? -1.251  -35.492 4.832   1.00 27.57  ? 3   LCA A O1P   1 
HETATM 44   O "O5'" . LCA A 1 3  ? -0.816  -37.992 4.266   1.00 22.89  ? 3   LCA A "O5'" 1 
HETATM 45   C "C5'" . LCA A 1 3  ? 0.269   -38.165 5.146   1.00 22.19  ? 3   LCA A "C5'" 1 
HETATM 46   C "C3'" . LCA A 1 3  ? 1.560   -39.276 3.215   1.00 20.59  ? 3   LCA A "C3'" 1 
HETATM 47   C "C6'" . LCA A 1 3  ? 2.387   -39.661 5.401   1.00 21.49  ? 3   LCA A "C6'" 1 
HETATM 48   N N9    . LCA A 1 3  ? -0.069  -41.539 2.422   1.00 20.43  ? 3   LCA A N9    1 
HETATM 49   C C8    . LCA A 1 3  ? -1.268  -40.941 2.315   1.00 20.63  ? 3   LCA A C8    1 
HETATM 50   C C4    . LCA A 1 3  ? 0.035   -42.450 1.435   1.00 20.34  ? 3   LCA A C4    1 
HETATM 51   N N7    . LCA A 1 3  ? -1.869  -41.406 1.199   1.00 21.33  ? 3   LCA A N7    1 
HETATM 52   C C5    . LCA A 1 3  ? -1.074  -42.407 0.678   1.00 19.73  ? 3   LCA A C5    1 
HETATM 53   C C6    . LCA A 1 3  ? -1.193  -43.220 -0.393  1.00 18.85  ? 3   LCA A C6    1 
HETATM 54   C "C2'" . LCA A 1 3  ? 2.148   -40.590 3.209   1.00 19.95  ? 3   LCA A "C2'" 1 
HETATM 55   N N6    . LCA A 1 3  ? -2.254  -43.192 -1.127  1.00 20.96  ? 3   LCA A N6    1 
HETATM 56   C "C4'" . LCA A 1 3  ? 1.096   -39.370 4.634   1.00 20.62  ? 3   LCA A "C4'" 1 
HETATM 57   C "C1'" . LCA A 1 3  ? 0.964   -41.365 3.541   1.00 22.70  ? 3   LCA A "C1'" 1 
HETATM 58   C C2    . LCA A 1 3  ? 0.851   -44.084 0.008   1.00 17.72  ? 3   LCA A C2    1 
HETATM 59   N N1    . LCA A 1 3  ? -0.272  -44.081 -0.775  1.00 18.44  ? 3   LCA A N1    1 
HETATM 60   O "O4'" . LCA A 1 3  ? 0.285   -40.542 4.571   1.00 22.04  ? 3   LCA A "O4'" 1 
HETATM 61   O O2P   . LCA A 1 3  ? -2.825  -36.918 3.392   1.00 26.86  ? 3   LCA A O2P   1 
HETATM 62   N N3    . LCA A 1 3  ? 1.049   -43.304 1.144   1.00 19.68  ? 3   LCA A N3    1 
HETATM 63   O "O3'" . LCA A 1 3  ? 2.542   -38.272 3.061   1.00 20.95  ? 3   LCA A "O3'" 1 
HETATM 64   O "O2'" . LCA A 1 3  ? 3.049   -40.541 4.373   1.00 21.41  ? 3   LCA A "O2'" 1 
HETATM 65   P P     . LCG A 1 4  ? 2.727   -37.220 1.777   1.00 22.64  ? 4   LCG A P     1 
HETATM 66   O OP1   . LCG A 1 4  ? 3.691   -36.221 2.163   1.00 23.99  ? 4   LCG A OP1   1 
HETATM 67   O "O5'" . LCG A 1 4  ? 3.302   -38.281 0.672   1.00 20.13  ? 4   LCG A "O5'" 1 
HETATM 68   C "C5'" . LCG A 1 4  ? 4.596   -38.877 0.939   1.00 18.41  ? 4   LCG A "C5'" 1 
HETATM 69   C "C3'" . LCG A 1 4  ? 4.554   -39.525 -1.461  1.00 17.64  ? 4   LCG A "C3'" 1 
HETATM 70   C "C6'" . LCG A 1 4  ? 6.077   -40.757 -0.102  1.00 19.93  ? 4   LCG A "C6'" 1 
HETATM 71   N N9    . LCG A 1 4  ? 2.299   -41.448 -1.821  1.00 19.05  ? 4   LCG A N9    1 
HETATM 72   C C8    . LCG A 1 4  ? 1.376   -40.584 -1.353  1.00 21.51  ? 4   LCG A C8    1 
HETATM 73   C C4    . LCG A 1 4  ? 1.740   -42.155 -2.819  1.00 20.92  ? 4   LCG A C4    1 
HETATM 74   N N7    . LCG A 1 4  ? 0.246   -40.725 -2.036  1.00 19.68  ? 4   LCG A N7    1 
HETATM 75   C C5    . LCG A 1 4  ? 0.480   -41.742 -2.964  1.00 21.81  ? 4   LCG A C5    1 
HETATM 76   C C6    . LCG A 1 4  ? -0.289  -42.328 -3.918  1.00 20.82  ? 4   LCG A C6    1 
HETATM 77   C "C2'" . LCG A 1 4  ? 4.717   -40.836 -2.056  1.00 20.03  ? 4   LCG A "C2'" 1 
HETATM 78   O O6    . LCG A 1 4  ? -1.477  -42.028 -4.150  1.00 21.80  ? 4   LCG A O6    1 
HETATM 79   C "C4'" . LCG A 1 4  ? 4.760   -39.964 -0.112  1.00 18.62  ? 4   LCG A "C4'" 1 
HETATM 80   C "C1'" . LCG A 1 4  ? 3.640   -41.606 -1.290  1.00 18.85  ? 4   LCG A "C1'" 1 
HETATM 81   C C2    . LCG A 1 4  ? 1.561   -43.693 -4.499  1.00 18.10  ? 4   LCG A C2    1 
HETATM 82   N N1    . LCG A 1 4  ? 0.278   -43.293 -4.714  1.00 18.53  ? 4   LCG A N1    1 
HETATM 83   O "O4'" . LCG A 1 4  ? 3.671   -40.969 0.002   1.00 19.33  ? 4   LCG A "O4'" 1 
HETATM 84   O OP2   . LCG A 1 4  ? 1.398   -36.825 1.181   1.00 20.91  ? 4   LCG A OP2   1 
HETATM 85   N N2    . LCG A 1 4  ? 2.135   -44.681 -5.220  1.00 19.24  ? 4   LCG A N2    1 
HETATM 86   N N3    . LCG A 1 4  ? 2.301   -43.110 -3.587  1.00 19.54  ? 4   LCG A N3    1 
HETATM 87   O "O2'" . LCG A 1 4  ? 5.965   -41.345 -1.582  1.00 21.05  ? 4   LCG A "O2'" 1 
HETATM 88   O "O3'" . LCG A 1 4  ? 5.621   -38.572 -1.807  1.00 20.74  ? 4   LCG A "O3'" 1 
ATOM   89   P P     . A   A 1 5  ? 5.359   -37.501 -3.096  1.00 21.80  ? 5   A   A P     1 
ATOM   90   O OP1   . A   A 1 5  ? 6.542   -36.596 -2.918  1.00 22.44  ? 5   A   A OP1   1 
ATOM   91   O OP2   . A   A 1 5  ? 4.030   -36.904 -3.283  1.00 21.97  ? 5   A   A OP2   1 
ATOM   92   O "O5'" . A   A 1 5  ? 5.572   -38.363 -4.429  1.00 20.43  ? 5   A   A "O5'" 1 
ATOM   93   C "C5'" . A   A 1 5  ? 6.778   -39.133 -4.595  1.00 20.14  ? 5   A   A "C5'" 1 
ATOM   94   C "C4'" . A   A 1 5  ? 6.638   -40.072 -5.769  1.00 18.85  ? 5   A   A "C4'" 1 
ATOM   95   O "O4'" . A   A 1 5  ? 5.718   -41.147 -5.408  1.00 18.13  ? 5   A   A "O4'" 1 
ATOM   96   C "C3'" . A   A 1 5  ? 6.091   -39.497 -7.079  1.00 17.75  ? 5   A   A "C3'" 1 
ATOM   97   O "O3'" . A   A 1 5  ? 7.162   -38.849 -7.772  1.00 17.71  ? 5   A   A "O3'" 1 
ATOM   98   C "C2'" . A   A 1 5  ? 5.569   -40.765 -7.725  1.00 17.78  ? 5   A   A "C2'" 1 
ATOM   99   O "O2'" . A   A 1 5  ? 6.720   -41.454 -8.174  1.00 19.24  ? 5   A   A "O2'" 1 
ATOM   100  C "C1'" . A   A 1 5  ? 4.903   -41.446 -6.527  1.00 18.12  ? 5   A   A "C1'" 1 
ATOM   101  N N9    . A   A 1 5  ? 3.550   -40.933 -6.271  1.00 17.36  ? 5   A   A N9    1 
ATOM   102  C C8    . A   A 1 5  ? 3.094   -39.966 -5.407  1.00 18.33  ? 5   A   A C8    1 
ATOM   103  N N7    . A   A 1 5  ? 1.807   -39.724 -5.518  1.00 19.98  ? 5   A   A N7    1 
ATOM   104  C C5    . A   A 1 5  ? 1.387   -40.594 -6.515  1.00 17.74  ? 5   A   A C5    1 
ATOM   105  C C6    . A   A 1 5  ? 0.109   -40.898 -7.038  1.00 21.01  ? 5   A   A C6    1 
ATOM   106  N N6    . A   A 1 5  ? -1.007  -40.266 -6.675  1.00 19.65  ? 5   A   A N6    1 
ATOM   107  N N1    . A   A 1 5  ? 0.042   -41.799 -8.043  1.00 19.99  ? 5   A   A N1    1 
ATOM   108  C C2    . A   A 1 5  ? 1.173   -42.411 -8.431  1.00 21.88  ? 5   A   A C2    1 
ATOM   109  N N3    . A   A 1 5  ? 2.414   -42.267 -7.964  1.00 20.19  ? 5   A   A N3    1 
ATOM   110  C C4    . A   A 1 5  ? 2.457   -41.314 -7.017  1.00 18.55  ? 5   A   A C4    1 
ATOM   111  P P     . C   A 1 6  ? 6.894   -37.658 -8.797  1.00 20.06  ? 6   C   A P     1 
ATOM   112  O OP1   . C   A 1 6  ? 8.205   -37.040 -9.250  1.00 18.89  ? 6   C   A OP1   1 
ATOM   113  O OP2   . C   A 1 6  ? 5.819   -36.762 -8.220  1.00 19.46  ? 6   C   A OP2   1 
ATOM   114  O "O5'" . C   A 1 6  ? 6.191   -38.341 -10.044 1.00 17.94  ? 6   C   A "O5'" 1 
ATOM   115  C "C5'" . C   A 1 6  ? 6.834   -39.402 -10.778 1.00 17.50  ? 6   C   A "C5'" 1 
ATOM   116  C "C4'" . C   A 1 6  ? 5.787   -40.126 -11.601 1.00 16.85  ? 6   C   A "C4'" 1 
ATOM   117  O "O4'" . C   A 1 6  ? 4.775   -40.729 -10.752 1.00 18.41  ? 6   C   A "O4'" 1 
ATOM   118  C "C3'" . C   A 1 6  ? 4.987   -39.251 -12.530 1.00 18.09  ? 6   C   A "C3'" 1 
ATOM   119  O "O3'" . C   A 1 6  ? 5.738   -39.036 -13.718 1.00 19.58  ? 6   C   A "O3'" 1 
ATOM   120  C "C2'" . C   A 1 6  ? 3.786   -40.105 -12.802 1.00 16.85  ? 6   C   A "C2'" 1 
ATOM   121  O "O2'" . C   A 1 6  ? 4.170   -41.167 -13.645 1.00 19.82  ? 6   C   A "O2'" 1 
ATOM   122  C "C1'" . C   A 1 6  ? 3.510   -40.647 -11.406 1.00 18.89  ? 6   C   A "C1'" 1 
ATOM   123  N N1    . C   A 1 6  ? 2.611   -39.785 -10.607 1.00 18.67  ? 6   C   A N1    1 
ATOM   124  C C2    . C   A 1 6  ? 1.232   -39.975 -10.773 1.00 19.05  ? 6   C   A C2    1 
ATOM   125  O O2    . C   A 1 6  ? 0.838   -40.771 -11.647 1.00 18.21  ? 6   C   A O2    1 
ATOM   126  N N3    . C   A 1 6  ? 0.366   -39.214 -10.051 1.00 18.62  ? 6   C   A N3    1 
ATOM   127  C C4    . C   A 1 6  ? 0.834   -38.349 -9.148  1.00 19.59  ? 6   C   A C4    1 
ATOM   128  N N4    . C   A 1 6  ? -0.056  -37.667 -8.423  1.00 19.92  ? 6   C   A N4    1 
ATOM   129  C C5    . C   A 1 6  ? 2.234   -38.210 -8.889  1.00 18.63  ? 6   C   A C5    1 
ATOM   130  C C6    . C   A 1 6  ? 3.080   -38.891 -9.678  1.00 17.96  ? 6   C   A C6    1 
ATOM   131  P P     . U   A 1 7  ? 5.485   -37.736 -14.612 1.00 21.40  ? 7   U   A P     1 
ATOM   132  O OP1   . U   A 1 7  ? 6.537   -37.771 -15.691 1.00 22.75  ? 7   U   A OP1   1 
ATOM   133  O OP2   . U   A 1 7  ? 5.354   -36.558 -13.744 1.00 18.50  ? 7   U   A OP2   1 
ATOM   134  O "O5'" . U   A 1 7  ? 4.017   -38.016 -15.188 1.00 20.69  ? 7   U   A "O5'" 1 
ATOM   135  C "C5'" . U   A 1 7  ? 3.780   -39.038 -16.118 1.00 21.84  ? 7   U   A "C5'" 1 
ATOM   136  C "C4'" . U   A 1 7  ? 2.326   -39.090 -16.496 1.00 22.21  ? 7   U   A "C4'" 1 
ATOM   137  O "O4'" . U   A 1 7  ? 1.474   -39.429 -15.367 1.00 22.40  ? 7   U   A "O4'" 1 
ATOM   138  C "C3'" . U   A 1 7  ? 1.740   -37.800 -17.020 1.00 21.48  ? 7   U   A "C3'" 1 
ATOM   139  O "O3'" . U   A 1 7  ? 2.052   -37.577 -18.389 1.00 21.73  ? 7   U   A "O3'" 1 
ATOM   140  C "C2'" . U   A 1 7  ? 0.259   -38.080 -16.878 1.00 20.20  ? 7   U   A "C2'" 1 
ATOM   141  O "O2'" . U   A 1 7  ? -0.198  -38.946 -17.899 1.00 20.50  ? 7   U   A "O2'" 1 
ATOM   142  C "C1'" . U   A 1 7  ? 0.237   -38.744 -15.502 1.00 22.79  ? 7   U   A "C1'" 1 
ATOM   143  N N1    . U   A 1 7  ? 0.082   -37.877 -14.322 1.00 19.20  ? 7   U   A N1    1 
ATOM   144  C C2    . U   A 1 7  ? -1.203  -37.536 -13.948 1.00 20.15  ? 7   U   A C2    1 
ATOM   145  O O2    . U   A 1 7  ? -2.163  -37.781 -14.634 1.00 20.12  ? 7   U   A O2    1 
ATOM   146  N N3    . U   A 1 7  ? -1.294  -36.788 -12.800 1.00 19.13  ? 7   U   A N3    1 
ATOM   147  C C4    . U   A 1 7  ? -0.254  -36.405 -11.967 1.00 18.67  ? 7   U   A C4    1 
ATOM   148  O O4    . U   A 1 7  ? -0.505  -35.792 -10.923 1.00 19.27  ? 7   U   A O4    1 
ATOM   149  C C5    . U   A 1 7  ? 1.042   -36.801 -12.417 1.00 19.97  ? 7   U   A C5    1 
ATOM   150  C C6    . U   A 1 7  ? 1.170   -37.491 -13.558 1.00 19.90  ? 7   U   A C6    1 
ATOM   151  P P     . U   A 1 8  ? 2.389   -36.147 -18.851 1.00 22.14  ? 8   U   A P     1 
ATOM   152  O OP1   . U   A 1 8  ? 2.911   -36.253 -20.245 1.00 24.62  ? 8   U   A OP1   1 
ATOM   153  O OP2   . U   A 1 8  ? 3.154   -35.409 -17.801 1.00 23.84  ? 8   U   A OP2   1 
ATOM   154  O "O5'" . U   A 1 8  ? 0.988   -35.414 -18.912 1.00 20.13  ? 8   U   A "O5'" 1 
ATOM   155  C "C5'" . U   A 1 8  ? 0.059   -35.831 -19.966 1.00 22.12  ? 8   U   A "C5'" 1 
ATOM   156  C "C4'" . U   A 1 8  ? -1.292  -35.202 -19.704 1.00 21.33  ? 8   U   A "C4'" 1 
ATOM   157  O "O4'" . U   A 1 8  ? -1.888  -35.753 -18.513 1.00 20.07  ? 8   U   A "O4'" 1 
ATOM   158  C "C3'" . U   A 1 8  ? -1.303  -33.729 -19.424 1.00 20.36  ? 8   U   A "C3'" 1 
ATOM   159  O "O3'" . U   A 1 8  ? -1.083  -33.000 -20.634 1.00 19.77  ? 8   U   A "O3'" 1 
ATOM   160  C "C2'" . U   A 1 8  ? -2.691  -33.577 -18.859 1.00 21.37  ? 8   U   A "C2'" 1 
ATOM   161  O "O2'" . U   A 1 8  ? -3.759  -33.744 -19.782 1.00 22.55  ? 8   U   A "O2'" 1 
ATOM   162  C "C1'" . U   A 1 8  ? -2.726  -34.754 -17.895 1.00 21.12  ? 8   U   A "C1'" 1 
ATOM   163  N N1    . U   A 1 8  ? -2.193  -34.370 -16.566 1.00 19.97  ? 8   U   A N1    1 
ATOM   164  C C2    . U   A 1 8  ? -3.073  -33.781 -15.676 1.00 21.98  ? 8   U   A C2    1 
ATOM   165  O O2    . U   A 1 8  ? -4.245  -33.552 -15.953 1.00 20.61  ? 8   U   A O2    1 
ATOM   166  N N3    . U   A 1 8  ? -2.531  -33.450 -14.461 1.00 19.04  ? 8   U   A N3    1 
ATOM   167  C C4    . U   A 1 8  ? -1.227  -33.635 -14.055 1.00 21.98  ? 8   U   A C4    1 
ATOM   168  O O4    . U   A 1 8  ? -0.890  -33.283 -12.934 1.00 20.12  ? 8   U   A O4    1 
ATOM   169  C C5    . U   A 1 8  ? -0.366  -34.208 -15.046 1.00 21.13  ? 8   U   A C5    1 
ATOM   170  C C6    . U   A 1 8  ? -0.877  -34.581 -16.228 1.00 18.39  ? 8   U   A C6    1 
ATOM   171  P P     . A   A 1 9  ? -0.460  -31.548 -20.644 1.00 22.08  ? 9   A   A P     1 
ATOM   172  O OP1   . A   A 1 9  ? -0.369  -31.056 -22.067 1.00 22.88  ? 9   A   A OP1   1 
ATOM   173  O OP2   . A   A 1 9  ? 0.829   -31.588 -19.837 1.00 23.79  ? 9   A   A OP2   1 
ATOM   174  O "O5'" . A   A 1 9  ? -1.507  -30.631 -19.861 1.00 21.44  ? 9   A   A "O5'" 1 
ATOM   175  C "C5'" . A   A 1 9  ? -2.713  -30.229 -20.527 1.00 20.39  ? 9   A   A "C5'" 1 
ATOM   176  C "C4'" . A   A 1 9  ? -3.663  -29.523 -19.569 1.00 20.73  ? 9   A   A "C4'" 1 
ATOM   177  O "O4'" . A   A 1 9  ? -3.942  -30.367 -18.436 1.00 20.69  ? 9   A   A "O4'" 1 
ATOM   178  C "C3'" . A   A 1 9  ? -3.145  -28.244 -18.943 1.00 20.07  ? 9   A   A "C3'" 1 
ATOM   179  O "O3'" . A   A 1 9  ? -3.301  -27.194 -19.866 1.00 22.66  ? 9   A   A "O3'" 1 
ATOM   180  C "C2'" . A   A 1 9  ? -4.093  -28.099 -17.783 1.00 18.75  ? 9   A   A "C2'" 1 
ATOM   181  O "O2'" . A   A 1 9  ? -5.365  -27.709 -18.253 1.00 22.29  ? 9   A   A "O2'" 1 
ATOM   182  C "C1'" . A   A 1 9  ? -4.157  -29.543 -17.294 1.00 21.47  ? 9   A   A "C1'" 1 
ATOM   183  N N9    . A   A 1 9  ? -3.123  -29.846 -16.303 1.00 18.23  ? 9   A   A N9    1 
ATOM   184  C C8    . A   A 1 9  ? -1.921  -30.481 -16.488 1.00 19.91  ? 9   A   A C8    1 
ATOM   185  N N7    . A   A 1 9  ? -1.211  -30.598 -15.392 1.00 22.45  ? 9   A   A N7    1 
ATOM   186  C C5    . A   A 1 9  ? -1.993  -29.982 -14.422 1.00 17.79  ? 9   A   A C5    1 
ATOM   187  C C6    . A   A 1 9  ? -1.802  -29.786 -13.038 1.00 17.69  ? 9   A   A C6    1 
ATOM   188  N N6    . A   A 1 9  ? -0.729  -30.209 -12.384 1.00 18.60  ? 9   A   A N6    1 
ATOM   189  N N1    . A   A 1 9  ? -2.758  -29.124 -12.357 1.00 15.90  ? 9   A   A N1    1 
ATOM   190  C C2    . A   A 1 9  ? -3.820  -28.676 -13.029 1.00 17.16  ? 9   A   A C2    1 
ATOM   191  N N3    . A   A 1 9  ? -4.137  -28.841 -14.320 1.00 18.76  ? 9   A   A N3    1 
ATOM   192  C C4    . A   A 1 9  ? -3.144  -29.466 -14.975 1.00 16.99  ? 9   A   A C4    1 
ATOM   193  P P     . A   A 1 10 ? -2.300  -25.971 -19.866 1.00 23.81  ? 10  A   A P     1 
ATOM   194  O OP1   . A   A 1 10 ? -2.627  -25.126 -21.016 1.00 24.35  ? 10  A   A OP1   1 
ATOM   195  O OP2   . A   A 1 10 ? -0.938  -26.422 -19.560 1.00 23.80  ? 10  A   A OP2   1 
ATOM   196  O "O5'" . A   A 1 10 ? -2.720  -25.150 -18.551 1.00 20.09  ? 10  A   A "O5'" 1 
ATOM   197  C "C5'" . A   A 1 10 ? -3.939  -24.383 -18.595 1.00 17.98  ? 10  A   A "C5'" 1 
ATOM   198  C "C4'" . A   A 1 10 ? -4.295  -23.876 -17.214 1.00 18.60  ? 10  A   A "C4'" 1 
ATOM   199  O "O4'" . A   A 1 10 ? -4.488  -24.960 -16.269 1.00 17.50  ? 10  A   A "O4'" 1 
ATOM   200  C "C3'" . A   A 1 10 ? -3.267  -22.994 -16.537 1.00 18.19  ? 10  A   A "C3'" 1 
ATOM   201  O "O3'" . A   A 1 10 ? -3.247  -21.735 -17.160 1.00 20.38  ? 10  A   A "O3'" 1 
ATOM   202  C "C2'" . A   A 1 10 ? -3.755  -23.051 -15.101 1.00 19.81  ? 10  A   A "C2'" 1 
ATOM   203  O "O2'" . A   A 1 10 ? -4.907  -22.231 -14.985 1.00 20.24  ? 10  A   A "O2'" 1 
ATOM   204  C "C1'" . A   A 1 10 ? -4.051  -24.543 -14.986 1.00 17.90  ? 10  A   A "C1'" 1 
ATOM   205  N N9    . A   A 1 10 ? -2.846  -25.317 -14.667 1.00 16.75  ? 10  A   A N9    1 
ATOM   206  C C8    . A   A 1 10 ? -2.008  -26.046 -15.481 1.00 17.71  ? 10  A   A C8    1 
ATOM   207  N N7    . A   A 1 10 ? -1.026  -26.632 -14.836 1.00 18.32  ? 10  A   A N7    1 
ATOM   208  C C5    . A   A 1 10 ? -1.241  -26.276 -13.510 1.00 16.35  ? 10  A   A C5    1 
ATOM   209  C C6    . A   A 1 10 ? -0.519  -26.533 -12.327 1.00 19.48  ? 10  A   A C6    1 
ATOM   210  N N6    . A   A 1 10 ? 0.549   -27.329 -12.279 1.00 20.08  ? 10  A   A N6    1 
ATOM   211  N N1    . A   A 1 10 ? -0.975  -25.984 -11.178 1.00 19.78  ? 10  A   A N1    1 
ATOM   212  C C2    . A   A 1 10 ? -2.057  -25.204 -11.227 1.00 20.38  ? 10  A   A C2    1 
ATOM   213  N N3    . A   A 1 10 ? -2.810  -24.874 -12.272 1.00 19.62  ? 10  A   A N3    1 
ATOM   214  C C4    . A   A 1 10 ? -2.336  -25.436 -13.400 1.00 17.26  ? 10  A   A C4    1 
ATOM   215  P P     . G   A 1 11 ? -1.884  -20.818 -17.151 1.00 24.90  ? 11  G   A P     1 
ATOM   216  O OP1   . G   A 1 11 ? -2.201  -19.595 -17.925 1.00 25.84  ? 11  G   A OP1   1 
ATOM   217  O OP2   . G   A 1 11 ? -0.704  -21.683 -17.474 1.00 25.23  ? 11  G   A OP2   1 
ATOM   218  O "O5'" . G   A 1 11 ? -1.678  -20.480 -15.611 1.00 22.97  ? 11  G   A "O5'" 1 
ATOM   219  C "C5'" . G   A 1 11 ? -2.590  -19.671 -14.930 1.00 25.81  ? 11  G   A "C5'" 1 
ATOM   220  C "C4'" . G   A 1 11 ? -2.244  -19.655 -13.465 1.00 25.37  ? 11  G   A "C4'" 1 
ATOM   221  O "O4'" . G   A 1 11 ? -2.349  -20.996 -12.910 1.00 24.17  ? 11  G   A "O4'" 1 
ATOM   222  C "C3'" . G   A 1 11 ? -0.833  -19.205 -13.092 1.00 26.24  ? 11  G   A "C3'" 1 
ATOM   223  O "O3'" . G   A 1 11 ? -0.733  -17.778 -13.126 1.00 27.98  ? 11  G   A "O3'" 1 
ATOM   224  C "C2'" . G   A 1 11 ? -0.744  -19.759 -11.686 1.00 23.38  ? 11  G   A "C2'" 1 
ATOM   225  O "O2'" . G   A 1 11 ? -1.548  -19.067 -10.736 1.00 26.48  ? 11  G   A "O2'" 1 
ATOM   226  C "C1'" . G   A 1 11 ? -1.350  -21.145 -11.915 1.00 23.95  ? 11  G   A "C1'" 1 
ATOM   227  N N9    . G   A 1 11 ? -0.357  -22.145 -12.312 1.00 21.10  ? 11  G   A N9    1 
ATOM   228  C C8    . G   A 1 11 ? -0.074  -22.704 -13.535 1.00 20.53  ? 11  G   A C8    1 
ATOM   229  N N7    . G   A 1 11 ? 0.910   -23.566 -13.483 1.00 20.43  ? 11  G   A N7    1 
ATOM   230  C C5    . G   A 1 11 ? 1.216   -23.661 -12.130 1.00 20.16  ? 11  G   A C5    1 
ATOM   231  C C6    . G   A 1 11 ? 2.198   -24.447 -11.447 1.00 18.73  ? 11  G   A C6    1 
ATOM   232  O O6    . G   A 1 11 ? 2.960   -25.309 -11.897 1.00 19.19  ? 11  G   A O6    1 
ATOM   233  N N1    . G   A 1 11 ? 2.236   -24.154 -10.095 1.00 20.50  ? 11  G   A N1    1 
ATOM   234  C C2    . G   A 1 11 ? 1.397   -23.279 -9.452  1.00 20.38  ? 11  G   A C2    1 
ATOM   235  N N2    . G   A 1 11 ? 1.589   -23.146 -8.127  1.00 21.69  ? 11  G   A N2    1 
ATOM   236  N N3    . G   A 1 11 ? 0.505   -22.517 -10.070 1.00 21.13  ? 11  G   A N3    1 
ATOM   237  C C4    . G   A 1 11 ? 0.486   -22.746 -11.404 1.00 22.10  ? 11  G   A C4    1 
ATOM   238  P P     . U   A 1 12 ? 0.645   -17.045 -13.275 1.00 30.05  ? 12  U   A P     1 
ATOM   239  O OP1   . U   A 1 12 ? 0.346   -15.597 -13.573 1.00 32.38  ? 12  U   A OP1   1 
ATOM   240  O OP2   . U   A 1 12 ? 1.524   -17.791 -14.205 1.00 32.53  ? 12  U   A OP2   1 
ATOM   241  O "O5'" . U   A 1 12 ? 1.336   -17.240 -11.858 1.00 30.64  ? 12  U   A "O5'" 1 
ATOM   242  C "C5'" . U   A 1 12 ? 0.784   -16.740 -10.630 1.00 33.08  ? 12  U   A "C5'" 1 
ATOM   243  C "C4'" . U   A 1 12 ? 1.651   -17.181 -9.468  1.00 32.76  ? 12  U   A "C4'" 1 
ATOM   244  O "O4'" . U   A 1 12 ? 1.508   -18.623 -9.250  1.00 31.73  ? 12  U   A "O4'" 1 
ATOM   245  C "C3'" . U   A 1 12 ? 3.158   -16.979 -9.596  1.00 30.68  ? 12  U   A "C3'" 1 
ATOM   246  O "O3'" . U   A 1 12 ? 3.592   -15.647 -9.291  1.00 32.77  ? 12  U   A "O3'" 1 
ATOM   247  C "C2'" . U   A 1 12 ? 3.669   -17.956 -8.554  1.00 26.42  ? 12  U   A "C2'" 1 
ATOM   248  O "O2'" . U   A 1 12 ? 3.396   -17.552 -7.234  1.00 30.91  ? 12  U   A "O2'" 1 
ATOM   249  C "C1'" . U   A 1 12 ? 2.752   -19.155 -8.815  1.00 29.67  ? 12  U   A "C1'" 1 
ATOM   250  N N1    . U   A 1 12 ? 3.257   -20.085 -9.842  1.00 26.25  ? 12  U   A N1    1 
ATOM   251  C C2    . U   A 1 12 ? 4.208   -21.005 -9.436  1.00 27.46  ? 12  U   A C2    1 
ATOM   252  O O2    . U   A 1 12 ? 4.616   -21.068 -8.285  1.00 28.21  ? 12  U   A O2    1 
ATOM   253  N N3    . U   A 1 12 ? 4.619   -21.879 -10.415 1.00 24.75  ? 12  U   A N3    1 
ATOM   254  C C4    . U   A 1 12 ? 4.241   -21.878 -11.742 1.00 25.38  ? 12  U   A C4    1 
ATOM   255  O O4    . U   A 1 12 ? 4.724   -22.708 -12.511 1.00 26.08  ? 12  U   A O4    1 
ATOM   256  C C5    . U   A 1 12 ? 3.326   -20.840 -12.101 1.00 25.85  ? 12  U   A C5    1 
ATOM   257  C C6    . U   A 1 12 ? 2.887   -19.992 -11.167 1.00 24.11  ? 12  U   A C6    1 
ATOM   258  P P     . C   A 1 13 ? 4.852   -15.009 -10.026 1.00 31.17  ? 13  C   A P     1 
ATOM   259  O OP1   . C   A 1 13 ? 4.855   -13.557 -9.700  1.00 37.74  ? 13  C   A OP1   1 
ATOM   260  O OP2   . C   A 1 13 ? 4.937   -15.458 -11.425 1.00 32.15  ? 13  C   A OP2   1 
ATOM   261  O "O5'" . C   A 1 13 ? 6.083   -15.683 -9.267  1.00 29.84  ? 13  C   A "O5'" 1 
ATOM   262  C "C5'" . C   A 1 13 ? 6.208   -15.627 -7.840  1.00 29.99  ? 13  C   A "C5'" 1 
ATOM   263  C "C4'" . C   A 1 13 ? 7.209   -16.654 -7.357  1.00 29.08  ? 13  C   A "C4'" 1 
ATOM   264  O "O4'" . C   A 1 13 ? 6.682   -18.000 -7.561  1.00 27.72  ? 13  C   A "O4'" 1 
ATOM   265  C "C3'" . C   A 1 13 ? 8.565   -16.694 -8.036  1.00 27.23  ? 13  C   A "C3'" 1 
ATOM   266  O "O3'" . C   A 1 13 ? 9.479   -15.818 -7.425  1.00 29.68  ? 13  C   A "O3'" 1 
ATOM   267  C "C2'" . C   A 1 13 ? 9.036   -18.089 -7.648  1.00 26.35  ? 13  C   A "C2'" 1 
ATOM   268  O "O2'" . C   A 1 13 ? 9.345   -18.225 -6.263  1.00 23.40  ? 13  C   A "O2'" 1 
ATOM   269  C "C1'" . C   A 1 13 ? 7.757   -18.869 -7.900  1.00 24.91  ? 13  C   A "C1'" 1 
ATOM   270  N N1    . C   A 1 13 ? 7.614   -19.360 -9.288  1.00 25.58  ? 13  C   A N1    1 
ATOM   271  C C2    . C   A 1 13 ? 8.262   -20.561 -9.600  1.00 24.58  ? 13  C   A C2    1 
ATOM   272  O O2    . C   A 1 13 ? 8.961   -21.098 -8.729  1.00 23.24  ? 13  C   A O2    1 
ATOM   273  N N3    . C   A 1 13 ? 8.118   -21.095 -10.835 1.00 20.59  ? 13  C   A N3    1 
ATOM   274  C C4    . C   A 1 13 ? 7.366   -20.466 -11.746 1.00 25.05  ? 13  C   A C4    1 
ATOM   275  N N4    . C   A 1 13 ? 7.271   -21.006 -12.960 1.00 23.84  ? 13  C   A N4    1 
ATOM   276  C C5    . C   A 1 13 ? 6.719   -19.224 -11.465 1.00 25.76  ? 13  C   A C5    1 
ATOM   277  C C6    . C   A 1 13 ? 6.863   -18.716 -10.233 1.00 24.77  ? 13  C   A C6    1 
ATOM   278  P P     . U   A 1 14 ? 10.601  -15.119 -8.311  1.00 30.55  ? 14  U   A P     1 
ATOM   279  O OP1   . U   A 1 14 ? 11.209  -14.048 -7.452  1.00 37.83  ? 14  U   A OP1   1 
ATOM   280  O OP2   . U   A 1 14 ? 10.076  -14.820 -9.678  1.00 32.78  ? 14  U   A OP2   1 
ATOM   281  O "O5'" . U   A 1 14 ? 11.657  -16.277 -8.582  1.00 27.26  ? 14  U   A "O5'" 1 
ATOM   282  C "C5'" . U   A 1 14 ? 12.581  -16.735 -7.573  1.00 27.71  ? 14  U   A "C5'" 1 
ATOM   283  C "C4'" . U   A 1 14 ? 13.318  -17.958 -8.061  1.00 28.21  ? 14  U   A "C4'" 1 
ATOM   284  O "O4'" . U   A 1 14 ? 12.396  -19.007 -8.446  1.00 28.20  ? 14  U   A "O4'" 1 
ATOM   285  C "C3'" . U   A 1 14 ? 14.189  -17.819 -9.298  1.00 30.83  ? 14  U   A "C3'" 1 
ATOM   286  O "O3'" . U   A 1 14 ? 15.427  -17.136 -9.076  1.00 36.36  ? 14  U   A "O3'" 1 
ATOM   287  C "C2'" . U   A 1 14 ? 14.435  -19.281 -9.626  1.00 30.53  ? 14  U   A "C2'" 1 
ATOM   288  O "O2'" . U   A 1 14 ? 15.310  -19.859 -8.671  1.00 33.23  ? 14  U   A "O2'" 1 
ATOM   289  C "C1'" . U   A 1 14 ? 13.051  -19.871 -9.380  1.00 26.57  ? 14  U   A "C1'" 1 
ATOM   290  N N1    . U   A 1 14 ? 12.245  -20.003 -10.608 1.00 24.47  ? 14  U   A N1    1 
ATOM   291  C C2    . U   A 1 14 ? 12.517  -21.087 -11.428 1.00 23.64  ? 14  U   A C2    1 
ATOM   292  O O2    . U   A 1 14 ? 13.369  -21.923 -11.163 1.00 27.25  ? 14  U   A O2    1 
ATOM   293  N N3    . U   A 1 14 ? 11.760  -21.157 -12.570 1.00 24.50  ? 14  U   A N3    1 
ATOM   294  C C4    . U   A 1 14 ? 10.772  -20.285 -12.965 1.00 24.78  ? 14  U   A C4    1 
ATOM   295  O O4    . U   A 1 14 ? 10.147  -20.517 -13.989 1.00 24.77  ? 14  U   A O4    1 
ATOM   296  C C5    . U   A 1 14 ? 10.556  -19.172 -12.073 1.00 26.28  ? 14  U   A C5    1 
ATOM   297  C C6    . U   A 1 14 ? 11.284  -19.075 -10.951 1.00 25.59  ? 14  U   A C6    1 
HETATM 298  O "O5'" . LCC B 1 1  ? 9.265   -25.311 -29.150 1.00 47.30  ? 1   LCC B "O5'" 1 
HETATM 299  C "C5'" . LCC B 1 1  ? 10.576  -25.787 -29.523 1.00 43.79  ? 1   LCC B "C5'" 1 
HETATM 300  C "C4'" . LCC B 1 1  ? 11.500  -25.304 -28.402 1.00 39.35  ? 1   LCC B "C4'" 1 
HETATM 301  O "O4'" . LCC B 1 1  ? 11.610  -23.914 -28.095 1.00 38.13  ? 1   LCC B "O4'" 1 
HETATM 302  C "C1'" . LCC B 1 1  ? 12.495  -23.855 -26.957 1.00 36.32  ? 1   LCC B "C1'" 1 
HETATM 303  N N1    . LCC B 1 1  ? 11.873  -22.878 -26.051 1.00 33.82  ? 1   LCC B N1    1 
HETATM 304  C C6    . LCC B 1 1  ? 10.576  -22.430 -26.389 1.00 36.06  ? 1   LCC B C6    1 
HETATM 305  C C5    . LCC B 1 1  ? 9.970   -21.530 -25.536 1.00 32.77  ? 1   LCC B C5    1 
HETATM 306  C C5M   . LCC B 1 1  ? 8.701   -21.065 -25.859 1.00 39.04  ? 1   LCC B C5M   1 
HETATM 307  C C4    . LCC B 1 1  ? 10.675  -21.097 -24.397 1.00 37.12  ? 1   LCC B C4    1 
HETATM 308  N N4    . LCC B 1 1  ? 10.119  -20.214 -23.551 1.00 35.45  ? 1   LCC B N4    1 
HETATM 309  N N3    . LCC B 1 1  ? 11.906  -21.562 -24.129 1.00 31.57  ? 1   LCC B N3    1 
HETATM 310  C C2    . LCC B 1 1  ? 12.475  -22.420 -24.943 1.00 30.30  ? 1   LCC B C2    1 
HETATM 311  O O2    . LCC B 1 1  ? 13.566  -22.800 -24.600 1.00 33.81  ? 1   LCC B O2    1 
HETATM 312  C "C3'" . LCC B 1 1  ? 11.131  -25.741 -27.041 1.00 40.88  ? 1   LCC B "C3'" 1 
HETATM 313  C "C2'" . LCC B 1 1  ? 12.423  -25.279 -26.462 1.00 38.27  ? 1   LCC B "C2'" 1 
HETATM 314  O "O2'" . LCC B 1 1  ? 13.375  -26.007 -27.240 1.00 40.42  ? 1   LCC B "O2'" 1 
HETATM 315  O "O3'" . LCC B 1 1  ? 10.745  -27.159 -26.770 1.00 40.26  ? 1   LCC B "O3'" 1 
HETATM 316  C "C6'" . LCC B 1 1  ? 12.913  -25.927 -28.625 1.00 42.74  ? 1   LCC B "C6'" 1 
HETATM 317  O "O5'" . LCC B 1 2  ? 11.160  -27.596 -24.439 1.00 31.57  ? 2   LCC B "O5'" 1 
HETATM 318  C "C5'" . LCC B 1 2  ? 12.421  -28.301 -24.601 1.00 31.83  ? 2   LCC B "C5'" 1 
HETATM 319  C "C4'" . LCC B 1 2  ? 13.354  -27.769 -23.504 1.00 26.82  ? 2   LCC B "C4'" 1 
HETATM 320  O "O4'" . LCC B 1 2  ? 13.724  -26.426 -23.505 1.00 29.01  ? 2   LCC B "O4'" 1 
HETATM 321  C "C1'" . LCC B 1 2  ? 14.063  -26.094 -22.188 1.00 27.58  ? 2   LCC B "C1'" 1 
HETATM 322  N N1    . LCC B 1 2  ? 13.085  -25.093 -21.715 1.00 26.81  ? 2   LCC B N1    1 
HETATM 323  C C6    . LCC B 1 2  ? 11.816  -24.901 -22.349 1.00 29.49  ? 2   LCC B C6    1 
HETATM 324  C C5    . LCC B 1 2  ? 11.003  -23.909 -21.795 1.00 27.85  ? 2   LCC B C5    1 
HETATM 325  C C5M   . LCC B 1 2  ? 9.733   -23.669 -22.355 1.00 33.14  ? 2   LCC B C5M   1 
HETATM 326  C C4    . LCC B 1 2  ? 11.466  -23.207 -20.703 1.00 29.54  ? 2   LCC B C4    1 
HETATM 327  N N4    . LCC B 1 2  ? 10.703  -22.255 -20.131 1.00 32.29  ? 2   LCC B N4    1 
HETATM 328  N N3    . LCC B 1 2  ? 12.653  -23.422 -20.127 1.00 27.95  ? 2   LCC B N3    1 
HETATM 329  C C2    . LCC B 1 2  ? 13.458  -24.359 -20.650 1.00 26.01  ? 2   LCC B C2    1 
HETATM 330  O O2    . LCC B 1 2  ? 14.530  -24.508 -20.059 1.00 26.10  ? 2   LCC B O2    1 
HETATM 331  C "C3'" . LCC B 1 2  ? 12.807  -27.969 -22.027 1.00 26.74  ? 2   LCC B "C3'" 1 
HETATM 332  C "C2'" . LCC B 1 2  ? 14.057  -27.403 -21.420 1.00 25.85  ? 2   LCC B "C2'" 1 
HETATM 333  O "O2'" . LCC B 1 2  ? 15.133  -28.217 -22.044 1.00 29.14  ? 2   LCC B "O2'" 1 
HETATM 334  O "O3'" . LCC B 1 2  ? 12.576  -29.363 -21.732 1.00 33.23  ? 2   LCC B "O3'" 1 
HETATM 335  C "C6'" . LCC B 1 2  ? 14.661  -28.604 -23.454 1.00 28.17  ? 2   LCC B "C6'" 1 
HETATM 336  P P     . LCC B 1 2  ? 9.913   -27.729 -25.437 1.00 36.68  ? 2   LCC B P     1 
HETATM 337  O O1P   . LCC B 1 2  ? 8.804   -26.963 -24.786 1.00 33.22  ? 2   LCC B O1P   1 
HETATM 338  O O2P   . LCC B 1 2  ? 9.788   -29.114 -25.973 1.00 34.51  ? 2   LCC B O2P   1 
HETATM 339  P P     . LCA B 1 3  ? 11.638  -29.911 -20.451 1.00 28.04  ? 3   LCA B P     1 
HETATM 340  O O1P   . LCA B 1 3  ? 10.401  -29.094 -20.337 1.00 29.58  ? 3   LCA B O1P   1 
HETATM 341  O "O5'" . LCA B 1 3  ? 12.570  -29.455 -19.247 1.00 27.79  ? 3   LCA B "O5'" 1 
HETATM 342  C "C5'" . LCA B 1 3  ? 13.887  -30.015 -19.040 1.00 24.17  ? 3   LCA B "C5'" 1 
HETATM 343  C "C3'" . LCA B 1 3  ? 13.671  -29.240 -16.621 1.00 24.20  ? 3   LCA B "C3'" 1 
HETATM 344  C "C6'" . LCA B 1 3  ? 15.875  -29.783 -17.283 1.00 24.46  ? 3   LCA B "C6'" 1 
HETATM 345  N N9    . LCA B 1 3  ? 13.411  -26.346 -16.800 1.00 23.04  ? 3   LCA B N9    1 
HETATM 346  C C8    . LCA B 1 3  ? 12.415  -26.259 -17.708 1.00 22.79  ? 3   LCA B C8    1 
HETATM 347  C C4    . LCA B 1 3  ? 13.204  -25.395 -15.870 1.00 22.12  ? 3   LCA B C4    1 
HETATM 348  N N7    . LCA B 1 3  ? 11.625  -25.239 -17.297 1.00 22.77  ? 3   LCA B N7    1 
HETATM 349  C C5    . LCA B 1 3  ? 12.085  -24.680 -16.169 1.00 20.34  ? 3   LCA B C5    1 
HETATM 350  C C6    . LCA B 1 3  ? 11.660  -23.658 -15.379 1.00 19.16  ? 3   LCA B C6    1 
HETATM 351  C "C2'" . LCA B 1 3  ? 14.641  -28.417 -15.794 1.00 25.55  ? 3   LCA B "C2'" 1 
HETATM 352  N N6    . LCA B 1 3  ? 10.521  -22.977 -15.726 1.00 21.86  ? 3   LCA B N6    1 
HETATM 353  C "C4'" . LCA B 1 3  ? 14.526  -29.226 -17.867 1.00 23.13  ? 3   LCA B "C4'" 1 
HETATM 354  C "C1'" . LCA B 1 3  ? 14.641  -27.242 -16.750 1.00 23.57  ? 3   LCA B "C1'" 1 
HETATM 355  C C2    . LCA B 1 3  ? 13.504  -24.053 -13.924 1.00 21.22  ? 3   LCA B C2    1 
HETATM 356  N N1    . LCA B 1 3  ? 12.321  -23.327 -14.260 1.00 22.03  ? 3   LCA B N1    1 
HETATM 357  O "O4'" . LCA B 1 3  ? 14.591  -27.798 -18.065 1.00 23.24  ? 3   LCA B "O4'" 1 
HETATM 358  O O2P   . LCA B 1 3  ? 11.628  -31.429 -20.580 1.00 28.14  ? 3   LCA B O2P   1 
HETATM 359  N N3    . LCA B 1 3  ? 13.936  -25.120 -14.778 1.00 22.68  ? 3   LCA B N3    1 
HETATM 360  O "O3'" . LCA B 1 3  ? 13.595  -30.539 -16.106 1.00 23.86  ? 3   LCA B "O3'" 1 
HETATM 361  O "O2'" . LCA B 1 3  ? 15.922  -29.123 -15.882 1.00 27.32  ? 3   LCA B "O2'" 1 
HETATM 362  P P     . LCG B 1 4  ? 12.401  -31.237 -15.166 1.00 23.99  ? 4   LCG B P     1 
HETATM 363  O OP1   . LCG B 1 4  ? 12.598  -32.665 -14.860 1.00 22.97  ? 4   LCG B OP1   1 
HETATM 364  O "O5'" . LCG B 1 4  ? 12.586  -30.303 -13.851 1.00 21.88  ? 4   LCG B "O5'" 1 
HETATM 365  C "C5'" . LCG B 1 4  ? 13.677  -30.558 -12.916 1.00 19.83  ? 4   LCG B "C5'" 1 
HETATM 366  C "C3'" . LCG B 1 4  ? 12.250  -29.409 -11.148 1.00 19.28  ? 4   LCG B "C3'" 1 
HETATM 367  C "C6'" . LCG B 1 4  ? 14.611  -29.508 -10.751 1.00 23.32  ? 4   LCG B "C6'" 1 
HETATM 368  N N9    . LCG B 1 4  ? 11.777  -26.623 -12.157 1.00 20.69  ? 4   LCG B N9    1 
HETATM 369  C C8    . LCG B 1 4  ? 11.204  -26.976 -13.318 1.00 19.36  ? 4   LCG B C8    1 
HETATM 370  C C4    . LCG B 1 4  ? 11.124  -25.519 -11.698 1.00 19.39  ? 4   LCG B C4    1 
HETATM 371  N N7    . LCG B 1 4  ? 10.215  -26.111 -13.593 1.00 20.36  ? 4   LCG B N7    1 
HETATM 372  C C5    . LCG B 1 4  ? 10.198  -25.207 -12.574 1.00 22.03  ? 4   LCG B C5    1 
HETATM 373  C C6    . LCG B 1 4  ? 9.455   -24.097 -12.363 1.00 22.62  ? 4   LCG B C6    1 
HETATM 374  C "C2'" . LCG B 1 4  ? 12.600  -28.243 -10.276 1.00 20.47  ? 4   LCG B "C2'" 1 
HETATM 375  O O6    . LCG B 1 4  ? 8.608   -23.717 -13.162 1.00 21.75  ? 4   LCG B O6    1 
HETATM 376  C "C4'" . LCG B 1 4  ? 13.582  -29.417 -11.869 1.00 21.23  ? 4   LCG B "C4'" 1 
HETATM 377  C "C1'" . LCG B 1 4  ? 12.874  -27.208 -11.432 1.00 20.65  ? 4   LCG B "C1'" 1 
HETATM 378  C C2    . LCG B 1 4  ? 10.595  -23.771 -10.314 1.00 20.30  ? 4   LCG B C2    1 
HETATM 379  N N1    . LCG B 1 4  ? 9.632   -23.380 -11.233 1.00 20.91  ? 4   LCG B N1    1 
HETATM 380  O "O4'" . LCG B 1 4  ? 13.616  -28.026 -12.446 1.00 24.74  ? 4   LCG B "O4'" 1 
HETATM 381  O OP2   . LCG B 1 4  ? 11.089  -30.784 -15.773 1.00 24.26  ? 4   LCG B OP2   1 
HETATM 382  N N2    . LCG B 1 4  ? 10.807  -23.110 -9.196  1.00 21.76  ? 4   LCG B N2    1 
HETATM 383  N N3    . LCG B 1 4  ? 11.344  -24.834 -10.558 1.00 18.54  ? 4   LCG B N3    1 
HETATM 384  O "O2'" . LCG B 1 4  ? 13.944  -28.603 -9.733  1.00 22.83  ? 4   LCG B "O2'" 1 
HETATM 385  O "O3'" . LCG B 1 4  ? 12.049  -30.603 -10.405 1.00 20.45  ? 4   LCG B "O3'" 1 
ATOM   386  P P     . A   B 1 5  ? 10.637  -31.210 -9.872  1.00 22.99  ? 5   A   B P     1 
ATOM   387  O OP1   . A   B 1 5  ? 10.947  -32.544 -9.314  1.00 25.17  ? 5   A   B OP1   1 
ATOM   388  O OP2   . A   B 1 5  ? 9.561   -31.067 -10.854 1.00 21.18  ? 5   A   B OP2   1 
ATOM   389  O "O5'" . A   B 1 5  ? 10.272  -30.289 -8.612  1.00 21.60  ? 5   A   B "O5'" 1 
ATOM   390  C "C5'" . A   B 1 5  ? 11.189  -30.124 -7.535  1.00 20.25  ? 5   A   B "C5'" 1 
ATOM   391  C "C4'" . A   B 1 5  ? 10.695  -29.004 -6.630  1.00 20.63  ? 5   A   B "C4'" 1 
ATOM   392  O "O4'" . A   B 1 5  ? 10.927  -27.699 -7.275  1.00 20.95  ? 5   A   B "O4'" 1 
ATOM   393  C "C3'" . A   B 1 5  ? 9.199   -28.994 -6.310  1.00 20.79  ? 5   A   B "C3'" 1 
ATOM   394  O "O3'" . A   B 1 5  ? 8.898   -29.892 -5.264  1.00 21.25  ? 5   A   B "O3'" 1 
ATOM   395  C "C2'" . A   B 1 5  ? 9.018   -27.542 -5.896  1.00 19.54  ? 5   A   B "C2'" 1 
ATOM   396  O "O2'" . A   B 1 5  ? 9.584   -27.392 -4.597  1.00 23.61  ? 5   A   B "O2'" 1 
ATOM   397  C "C1'" . A   B 1 5  ? 9.843   -26.841 -6.985  1.00 21.27  ? 5   A   B "C1'" 1 
ATOM   398  N N9    . A   B 1 5  ? 9.070   -26.667 -8.208  1.00 19.27  ? 5   A   B N9    1 
ATOM   399  C C8    . A   B 1 5  ? 9.057   -27.423 -9.359  1.00 21.52  ? 5   A   B C8    1 
ATOM   400  N N7    . A   B 1 5  ? 8.225   -26.974 -10.275 1.00 23.60  ? 5   A   B N7    1 
ATOM   401  C C5    . A   B 1 5  ? 7.696   -25.822 -9.707  1.00 21.62  ? 5   A   B C5    1 
ATOM   402  C C6    . A   B 1 5  ? 6.813   -24.844 -10.197 1.00 22.17  ? 5   A   B C6    1 
ATOM   403  N N6    . A   B 1 5  ? 6.245   -24.903 -11.401 1.00 22.87  ? 5   A   B N6    1 
ATOM   404  N N1    . A   B 1 5  ? 6.487   -23.818 -9.371  1.00 21.10  ? 5   A   B N1    1 
ATOM   405  C C2    . A   B 1 5  ? 7.034   -23.779 -8.149  1.00 20.14  ? 5   A   B C2    1 
ATOM   406  N N3    . A   B 1 5  ? 7.903   -24.618 -7.590  1.00 21.58  ? 5   A   B N3    1 
ATOM   407  C C4    . A   B 1 5  ? 8.211   -25.619 -8.436  1.00 21.47  ? 5   A   B C4    1 
ATOM   408  P P     . C   B 1 6  ? 7.469   -30.575 -5.115  1.00 19.84  ? 6   C   B P     1 
ATOM   409  O OP1   . C   B 1 6  ? 7.591   -31.691 -4.094  1.00 18.68  ? 6   C   B OP1   1 
ATOM   410  O OP2   . C   B 1 6  ? 6.959   -30.926 -6.493  1.00 20.07  ? 6   C   B OP2   1 
ATOM   411  O "O5'" . C   B 1 6  ? 6.515   -29.373 -4.745  1.00 17.47  ? 6   C   B "O5'" 1 
ATOM   412  C "C5'" . C   B 1 6  ? 6.707   -28.690 -3.499  1.00 19.34  ? 6   C   B "C5'" 1 
ATOM   413  C "C4'" . C   B 1 6  ? 5.880   -27.443 -3.467  1.00 19.79  ? 6   C   B "C4'" 1 
ATOM   414  O "O4'" . C   B 1 6  ? 6.291   -26.537 -4.530  1.00 20.17  ? 6   C   B "O4'" 1 
ATOM   415  C "C3'" . C   B 1 6  ? 4.392   -27.634 -3.722  1.00 20.41  ? 6   C   B "C3'" 1 
ATOM   416  O "O3'" . C   B 1 6  ? 3.756   -28.067 -2.525  1.00 22.99  ? 6   C   B "O3'" 1 
ATOM   417  C "C2'" . C   B 1 6  ? 3.996   -26.232 -4.123  1.00 19.69  ? 6   C   B "C2'" 1 
ATOM   418  O "O2'" . C   B 1 6  ? 4.009   -25.294 -3.064  1.00 22.51  ? 6   C   B "O2'" 1 
ATOM   419  C "C1'" . C   B 1 6  ? 5.149   -25.867 -5.041  1.00 17.78  ? 6   C   B "C1'" 1 
ATOM   420  N N1    . C   B 1 6  ? 4.925   -26.302 -6.436  1.00 19.16  ? 6   C   B N1    1 
ATOM   421  C C2    . C   B 1 6  ? 4.156   -25.477 -7.253  1.00 22.06  ? 6   C   B C2    1 
ATOM   422  O O2    . C   B 1 6  ? 3.672   -24.431 -6.763  1.00 21.07  ? 6   C   B O2    1 
ATOM   423  N N3    . C   B 1 6  ? 3.935   -25.843 -8.544  1.00 18.51  ? 6   C   B N3    1 
ATOM   424  C C4    . C   B 1 6  ? 4.467   -26.979 -9.013  1.00 21.89  ? 6   C   B C4    1 
ATOM   425  N N4    . C   B 1 6  ? 4.264   -27.290 -10.305 1.00 19.17  ? 6   C   B N4    1 
ATOM   426  C C5    . C   B 1 6  ? 5.207   -27.861 -8.182  1.00 18.24  ? 6   C   B C5    1 
ATOM   427  C C6    . C   B 1 6  ? 5.431   -27.477 -6.915  1.00 20.13  ? 6   C   B C6    1 
ATOM   428  P P     . U   B 1 7  ? 2.410   -28.883 -2.543  1.00 23.43  ? 7   U   B P     1 
ATOM   429  O OP1   . U   B 1 7  ? 2.086   -29.269 -1.125  1.00 24.01  ? 7   U   B OP1   1 
ATOM   430  O OP2   . U   B 1 7  ? 2.414   -29.907 -3.586  1.00 22.81  ? 7   U   B OP2   1 
ATOM   431  O "O5'" . U   B 1 7  ? 1.311   -27.818 -3.009  1.00 22.35  ? 7   U   B "O5'" 1 
ATOM   432  C "C5'" . U   B 1 7  ? 1.057   -26.605 -2.294  1.00 23.78  ? 7   U   B "C5'" 1 
ATOM   433  C "C4'" . U   B 1 7  ? 0.076   -25.745 -3.074  1.00 22.26  ? 7   U   B "C4'" 1 
ATOM   434  O "O4'" . U   B 1 7  ? 0.708   -25.197 -4.266  1.00 22.99  ? 7   U   B "O4'" 1 
ATOM   435  C "C3'" . U   B 1 7  ? -1.158  -26.474 -3.628  1.00 21.52  ? 7   U   B "C3'" 1 
ATOM   436  O "O3'" . U   B 1 7  ? -2.195  -26.604 -2.640  1.00 22.31  ? 7   U   B "O3'" 1 
ATOM   437  C "C2'" . U   B 1 7  ? -1.601  -25.495 -4.686  1.00 19.20  ? 7   U   B "C2'" 1 
ATOM   438  O "O2'" . U   B 1 7  ? -2.165  -24.342 -4.098  1.00 23.47  ? 7   U   B "O2'" 1 
ATOM   439  C "C1'" . U   B 1 7  ? -0.266  -25.129 -5.312  1.00 21.01  ? 7   U   B "C1'" 1 
ATOM   440  N N1    . U   B 1 7  ? 0.155   -26.012 -6.413  1.00 21.10  ? 7   U   B N1    1 
ATOM   441  C C2    . U   B 1 7  ? -0.351  -25.722 -7.667  1.00 21.60  ? 7   U   B C2    1 
ATOM   442  O O2    . U   B 1 7  ? -1.159  -24.826 -7.861  1.00 21.59  ? 7   U   B O2    1 
ATOM   443  N N3    . U   B 1 7  ? 0.134   -26.508 -8.680  1.00 19.07  ? 7   U   B N3    1 
ATOM   444  C C4    . U   B 1 7  ? 1.020   -27.563 -8.569  1.00 20.59  ? 7   U   B C4    1 
ATOM   445  O O4    . U   B 1 7  ? 1.352   -28.188 -9.583  1.00 20.54  ? 7   U   B O4    1 
ATOM   446  C C5    . U   B 1 7  ? 1.488   -27.812 -7.235  1.00 19.36  ? 7   U   B C5    1 
ATOM   447  C C6    . U   B 1 7  ? 1.024   -27.065 -6.221  1.00 19.10  ? 7   U   B C6    1 
ATOM   448  P P     . U   B 1 8  ? -3.208  -27.845 -2.707  1.00 23.61  ? 8   U   B P     1 
ATOM   449  O OP1   . U   B 1 8  ? -4.006  -27.808 -1.444  1.00 23.11  ? 8   U   B OP1   1 
ATOM   450  O OP2   . U   B 1 8  ? -2.506  -29.131 -3.054  1.00 20.52  ? 8   U   B OP2   1 
ATOM   451  O "O5'" . U   B 1 8  ? -4.130  -27.542 -3.975  1.00 22.30  ? 8   U   B "O5'" 1 
ATOM   452  C "C5'" . U   B 1 8  ? -4.967  -26.383 -3.982  1.00 23.50  ? 8   U   B "C5'" 1 
ATOM   453  C "C4'" . U   B 1 8  ? -5.531  -26.115 -5.350  1.00 23.02  ? 8   U   B "C4'" 1 
ATOM   454  O "O4'" . U   B 1 8  ? -4.495  -25.728 -6.319  1.00 22.32  ? 8   U   B "O4'" 1 
ATOM   455  C "C3'" . U   B 1 8  ? -6.221  -27.294 -5.996  1.00 23.51  ? 8   U   B "C3'" 1 
ATOM   456  O "O3'" . U   B 1 8  ? -7.527  -27.434 -5.425  1.00 22.66  ? 8   U   B "O3'" 1 
ATOM   457  C "C2'" . U   B 1 8  ? -6.222  -26.882 -7.456  1.00 22.88  ? 8   U   B "C2'" 1 
ATOM   458  O "O2'" . U   B 1 8  ? -7.195  -25.890 -7.703  1.00 22.87  ? 8   U   B "O2'" 1 
ATOM   459  C "C1'" . U   B 1 8  ? -4.825  -26.295 -7.582  1.00 20.91  ? 8   U   B "C1'" 1 
ATOM   460  N N1    . U   B 1 8  ? -3.838  -27.323 -7.947  1.00 20.20  ? 8   U   B N1    1 
ATOM   461  C C2    . U   B 1 8  ? -3.753  -27.556 -9.312  1.00 19.91  ? 8   U   B C2    1 
ATOM   462  O O2    . U   B 1 8  ? -4.473  -27.004 -10.109 1.00 19.77  ? 8   U   B O2    1 
ATOM   463  N N3    . U   B 1 8  ? -2.834  -28.498 -9.684  1.00 19.45  ? 8   U   B N3    1 
ATOM   464  C C4    . U   B 1 8  ? -2.033  -29.246 -8.862  1.00 20.59  ? 8   U   B C4    1 
ATOM   465  O O4    . U   B 1 8  ? -1.239  -30.034 -9.365  1.00 22.17  ? 8   U   B O4    1 
ATOM   466  C C5    . U   B 1 8  ? -2.157  -28.944 -7.458  1.00 18.45  ? 8   U   B C5    1 
ATOM   467  C C6    . U   B 1 8  ? -3.037  -28.011 -7.059  1.00 19.30  ? 8   U   B C6    1 
ATOM   468  P P     . A   B 1 9  ? -8.125  -28.882 -5.260  1.00 24.06  ? 9   A   B P     1 
ATOM   469  O OP1   . A   B 1 9  ? -9.450  -28.769 -4.555  1.00 26.86  ? 9   A   B OP1   1 
ATOM   470  O OP2   . A   B 1 9  ? -7.102  -29.823 -4.751  1.00 27.52  ? 9   A   B OP2   1 
ATOM   471  O "O5'" . A   B 1 9  ? -8.458  -29.301 -6.753  1.00 20.72  ? 9   A   B "O5'" 1 
ATOM   472  C "C5'" . A   B 1 9  ? -9.566  -28.698 -7.454  1.00 22.72  ? 9   A   B "C5'" 1 
ATOM   473  C "C4'" . A   B 1 9  ? -9.652  -29.220 -8.875  1.00 21.04  ? 9   A   B "C4'" 1 
ATOM   474  O "O4'" . A   B 1 9  ? -8.528  -28.768 -9.674  1.00 20.20  ? 9   A   B "O4'" 1 
ATOM   475  C "C3'" . A   B 1 9  ? -9.624  -30.729 -9.058  1.00 22.74  ? 9   A   B "C3'" 1 
ATOM   476  O "O3'" . A   B 1 9  ? -10.882 -31.246 -8.673  1.00 26.11  ? 9   A   B "O3'" 1 
ATOM   477  C "C2'" . A   B 1 9  ? -9.306  -30.824 -10.537 1.00 22.52  ? 9   A   B "C2'" 1 
ATOM   478  O "O2'" . A   B 1 9  ? -10.418 -30.381 -11.290 1.00 21.90  ? 9   A   B "O2'" 1 
ATOM   479  C "C1'" . A   B 1 9  ? -8.220  -29.752 -10.647 1.00 21.55  ? 9   A   B "C1'" 1 
ATOM   480  N N9    . A   B 1 9  ? -6.896  -30.294 -10.368 1.00 20.40  ? 9   A   B N9    1 
ATOM   481  C C8    . A   B 1 9  ? -6.175  -30.320 -9.195  1.00 22.42  ? 9   A   B C8    1 
ATOM   482  N N7    . A   B 1 9  ? -5.015  -30.928 -9.304  1.00 23.22  ? 9   A   B N7    1 
ATOM   483  C C5    . A   B 1 9  ? -4.972  -31.329 -10.638 1.00 18.83  ? 9   A   B C5    1 
ATOM   484  C C6    . A   B 1 9  ? -3.994  -31.987 -11.392 1.00 17.82  ? 9   A   B C6    1 
ATOM   485  N N6    . A   B 1 9  ? -2.833  -32.406 -10.887 1.00 19.80  ? 9   A   B N6    1 
ATOM   486  N N1    . A   B 1 9  ? -4.268  -32.254 -12.693 1.00 17.08  ? 9   A   B N1    1 
ATOM   487  C C2    . A   B 1 9  ? -5.434  -31.827 -13.202 1.00 19.46  ? 9   A   B C2    1 
ATOM   488  N N3    . A   B 1 9  ? -6.426  -31.172 -12.596 1.00 17.68  ? 9   A   B N3    1 
ATOM   489  C C4    . A   B 1 9  ? -6.123  -30.946 -11.301 1.00 20.00  ? 9   A   B C4    1 
ATOM   490  P P     . A   B 1 10 ? -11.054 -32.735 -8.143  1.00 32.28  ? 10  A   B P     1 
ATOM   491  O OP1   . A   B 1 10 ? -12.484 -32.975 -7.806  1.00 37.25  ? 10  A   B OP1   1 
ATOM   492  O OP2   . A   B 1 10 ? -9.948  -33.117 -7.286  1.00 26.47  ? 10  A   B OP2   1 
ATOM   493  O "O5'" . A   B 1 10 ? -10.756 -33.653 -9.415  1.00 22.34  ? 10  A   B "O5'" 1 
ATOM   494  C "C5'" . A   B 1 10 ? -11.623 -33.684 -10.533 1.00 24.09  ? 10  A   B "C5'" 1 
ATOM   495  C "C4'" . A   B 1 10 ? -10.935 -34.379 -11.675 1.00 22.06  ? 10  A   B "C4'" 1 
ATOM   496  O "O4'" . A   B 1 10 ? -9.753  -33.672 -12.078 1.00 19.77  ? 10  A   B "O4'" 1 
ATOM   497  C "C3'" . A   B 1 10 ? -10.463 -35.801 -11.421 1.00 24.43  ? 10  A   B "C3'" 1 
ATOM   498  O "O3'" . A   B 1 10 ? -11.581 -36.669 -11.497 1.00 24.64  ? 10  A   B "O3'" 1 
ATOM   499  C "C2'" . A   B 1 10 ? -9.482  -35.971 -12.575 1.00 22.50  ? 10  A   B "C2'" 1 
ATOM   500  O "O2'" . A   B 1 10 ? -10.177 -36.141 -13.810 1.00 23.25  ? 10  A   B "O2'" 1 
ATOM   501  C "C1'" . A   B 1 10 ? -8.786  -34.609 -12.561 1.00 21.08  ? 10  A   B "C1'" 1 
ATOM   502  N N9    . A   B 1 10 ? -7.626  -34.587 -11.654 1.00 19.75  ? 10  A   B N9    1 
ATOM   503  C C8    . A   B 1 10 ? -7.495  -34.182 -10.346 1.00 19.33  ? 10  A   B C8    1 
ATOM   504  N N7    . A   B 1 10 ? -6.294  -34.386 -9.850  1.00 19.60  ? 10  A   B N7    1 
ATOM   505  C C5    . A   B 1 10 ? -5.588  -34.936 -10.915 1.00 17.98  ? 10  A   B C5    1 
ATOM   506  C C6    . A   B 1 10 ? -4.262  -35.391 -11.032 1.00 20.61  ? 10  A   B C6    1 
ATOM   507  N N6    . A   B 1 10 ? -3.376  -35.294 -10.051 1.00 21.01  ? 10  A   B N6    1 
ATOM   508  N N1    . A   B 1 10 ? -3.859  -35.880 -12.231 1.00 19.87  ? 10  A   B N1    1 
ATOM   509  C C2    . A   B 1 10 ? -4.761  -35.971 -13.216 1.00 18.15  ? 10  A   B C2    1 
ATOM   510  N N3    . A   B 1 10 ? -6.054  -35.598 -13.218 1.00 19.64  ? 10  A   B N3    1 
ATOM   511  C C4    . A   B 1 10 ? -6.403  -35.095 -12.017 1.00 19.45  ? 10  A   B C4    1 
ATOM   512  P P     . G   B 1 11 ? -11.557 -38.056 -10.739 1.00 27.00  ? 11  G   B P     1 
ATOM   513  O OP1   . G   B 1 11 ? -12.855 -38.720 -11.041 1.00 23.99  ? 11  G   B OP1   1 
ATOM   514  O OP2   . G   B 1 11 ? -11.045 -37.841 -9.377  1.00 23.60  ? 11  G   B OP2   1 
ATOM   515  O "O5'" . G   B 1 11 ? -10.321 -38.884 -11.342 1.00 26.79  ? 11  G   B "O5'" 1 
ATOM   516  C "C5'" . G   B 1 11 ? -10.476 -39.567 -12.568 1.00 26.09  ? 11  G   B "C5'" 1 
ATOM   517  C "C4'" . G   B 1 11 ? -9.159  -40.139 -13.077 1.00 22.89  ? 11  G   B "C4'" 1 
ATOM   518  O "O4'" . G   B 1 11 ? -8.169  -39.084 -13.192 1.00 21.56  ? 11  G   B "O4'" 1 
ATOM   519  C "C3'" . G   B 1 11 ? -8.426  -41.211 -12.278 1.00 22.42  ? 11  G   B "C3'" 1 
ATOM   520  O "O3'" . G   B 1 11 ? -9.065  -42.469 -12.475 1.00 23.48  ? 11  G   B "O3'" 1 
ATOM   521  C "C2'" . G   B 1 11 ? -7.089  -41.164 -12.991 1.00 18.85  ? 11  G   B "C2'" 1 
ATOM   522  O "O2'" . G   B 1 11 ? -7.301  -41.648 -14.321 1.00 20.94  ? 11  G   B "O2'" 1 
ATOM   523  C "C1'" . G   B 1 11 ? -6.878  -39.653 -13.058 1.00 21.68  ? 11  G   B "C1'" 1 
ATOM   524  N N9    . G   B 1 11 ? -6.208  -39.128 -11.865 1.00 18.91  ? 11  G   B N9    1 
ATOM   525  C C8    . G   B 1 11 ? -6.709  -38.471 -10.759 1.00 20.04  ? 11  G   B C8    1 
ATOM   526  N N7    . G   B 1 11 ? -5.789  -38.202 -9.865  1.00 20.18  ? 11  G   B N7    1 
ATOM   527  C C5    . G   B 1 11 ? -4.616  -38.700 -10.426 1.00 17.58  ? 11  G   B C5    1 
ATOM   528  C C6    . G   B 1 11 ? -3.274  -38.705 -9.926  1.00 19.84  ? 11  G   B C6    1 
ATOM   529  O O6    . G   B 1 11 ? -2.832  -38.212 -8.884  1.00 20.46  ? 11  G   B O6    1 
ATOM   530  N N1    . G   B 1 11 ? -2.404  -39.309 -10.817 1.00 17.14  ? 11  G   B N1    1 
ATOM   531  C C2    . G   B 1 11 ? -2.765  -39.913 -11.996 1.00 17.57  ? 11  G   B C2    1 
ATOM   532  N N2    . G   B 1 11 ? -1.775  -40.512 -12.679 1.00 15.71  ? 11  G   B N2    1 
ATOM   533  N N3    . G   B 1 11 ? -4.003  -39.932 -12.474 1.00 19.04  ? 11  G   B N3    1 
ATOM   534  C C4    . G   B 1 11 ? -4.871  -39.310 -11.636 1.00 20.06  ? 11  G   B C4    1 
ATOM   535  P P     . U   B 1 12 ? -8.919  -43.718 -11.473 1.00 24.15  ? 12  U   B P     1 
ATOM   536  O OP1   . U   B 1 12 ? -9.973  -44.711 -11.836 1.00 25.77  ? 12  U   B OP1   1 
ATOM   537  O OP2   . U   B 1 12 ? -8.851  -43.247 -10.082 1.00 24.75  ? 12  U   B OP2   1 
ATOM   538  O "O5'" . U   B 1 12 ? -7.455  -44.279 -11.721 1.00 24.18  ? 12  U   B "O5'" 1 
ATOM   539  C "C5'" . U   B 1 12 ? -7.081  -44.872 -12.966 1.00 24.61  ? 12  U   B "C5'" 1 
ATOM   540  C "C4'" . U   B 1 12 ? -5.585  -45.130 -12.989 1.00 25.87  ? 12  U   B "C4'" 1 
ATOM   541  O "O4'" . U   B 1 12 ? -4.837  -43.878 -12.978 1.00 22.62  ? 12  U   B "O4'" 1 
ATOM   542  C "C3'" . U   B 1 12 ? -5.020  -45.887 -11.796 1.00 22.90  ? 12  U   B "C3'" 1 
ATOM   543  O "O3'" . U   B 1 12 ? -5.276  -47.267 -12.026 1.00 27.49  ? 12  U   B "O3'" 1 
ATOM   544  C "C2'" . U   B 1 12 ? -3.546  -45.559 -11.949 1.00 23.77  ? 12  U   B "C2'" 1 
ATOM   545  O "O2'" . U   B 1 12 ? -2.914  -46.158 -13.060 1.00 24.75  ? 12  U   B "O2'" 1 
ATOM   546  C "C1'" . U   B 1 12 ? -3.632  -44.063 -12.263 1.00 22.41  ? 12  U   B "C1'" 1 
ATOM   547  N N1    . U   B 1 12 ? -3.656  -43.255 -11.037 1.00 21.75  ? 12  U   B N1    1 
ATOM   548  C C2    . U   B 1 12 ? -2.438  -43.089 -10.396 1.00 22.68  ? 12  U   B C2    1 
ATOM   549  O O2    . U   B 1 12 ? -1.391  -43.565 -10.826 1.00 22.54  ? 12  U   B O2    1 
ATOM   550  N N3    . U   B 1 12 ? -2.488  -42.333 -9.252  1.00 24.29  ? 12  U   B N3    1 
ATOM   551  C C4    . U   B 1 12 ? -3.603  -41.753 -8.679  1.00 25.49  ? 12  U   B C4    1 
ATOM   552  O O4    . U   B 1 12 ? -3.472  -41.071 -7.652  1.00 23.20  ? 12  U   B O4    1 
ATOM   553  C C5    . U   B 1 12 ? -4.833  -42.002 -9.380  1.00 22.84  ? 12  U   B C5    1 
ATOM   554  C C6    . U   B 1 12 ? -4.819  -42.734 -10.502 1.00 24.76  ? 12  U   B C6    1 
ATOM   555  P P     . C   B 1 13 ? -5.488  -48.279 -10.822 1.00 26.82  ? 13  C   B P     1 
ATOM   556  O OP1   . C   B 1 13 ? -6.035  -49.555 -11.411 1.00 28.15  ? 13  C   B OP1   1 
ATOM   557  O OP2   . C   B 1 13 ? -6.276  -47.673 -9.763  1.00 24.22  ? 13  C   B OP2   1 
ATOM   558  O "O5'" . C   B 1 13 ? -4.009  -48.494 -10.251 1.00 22.74  ? 13  C   B "O5'" 1 
ATOM   559  C "C5'" . C   B 1 13 ? -2.993  -49.140 -11.031 1.00 22.72  ? 13  C   B "C5'" 1 
ATOM   560  C "C4'" . C   B 1 13 ? -1.633  -48.803 -10.470 1.00 24.17  ? 13  C   B "C4'" 1 
ATOM   561  O "O4'" . C   B 1 13 ? -1.383  -47.357 -10.479 1.00 21.31  ? 13  C   B "O4'" 1 
ATOM   562  C "C3'" . C   B 1 13 ? -1.359  -49.229 -9.039  1.00 23.34  ? 13  C   B "C3'" 1 
ATOM   563  O "O3'" . C   B 1 13 ? -0.889  -50.587 -9.045  1.00 23.43  ? 13  C   B "O3'" 1 
ATOM   564  C "C2'" . C   B 1 13 ? -0.160  -48.353 -8.707  1.00 20.44  ? 13  C   B "C2'" 1 
ATOM   565  O "O2'" . C   B 1 13 ? 0.976   -48.818 -9.390  1.00 22.88  ? 13  C   B "O2'" 1 
ATOM   566  C "C1'" . C   B 1 13 ? -0.610  -47.021 -9.315  1.00 22.25  ? 13  C   B "C1'" 1 
ATOM   567  N N1    . C   B 1 13 ? -1.407  -46.174 -8.395  1.00 22.29  ? 13  C   B N1    1 
ATOM   568  C C2    . C   B 1 13 ? -0.712  -45.392 -7.461  1.00 22.87  ? 13  C   B C2    1 
ATOM   569  O O2    . C   B 1 13 ? 0.518   -45.508 -7.378  1.00 21.01  ? 13  C   B O2    1 
ATOM   570  N N3    . C   B 1 13 ? -1.408  -44.587 -6.618  1.00 20.64  ? 13  C   B N3    1 
ATOM   571  C C4    . C   B 1 13 ? -2.741  -44.545 -6.683  1.00 21.94  ? 13  C   B C4    1 
ATOM   572  N N4    . C   B 1 13 ? -3.381  -43.722 -5.844  1.00 20.55  ? 13  C   B N4    1 
ATOM   573  C C5    . C   B 1 13 ? -3.475  -45.333 -7.621  1.00 21.32  ? 13  C   B C5    1 
ATOM   574  C C6    . C   B 1 13 ? -2.773  -46.108 -8.469  1.00 21.30  ? 13  C   B C6    1 
ATOM   575  P P     . U   B 1 14 ? -1.277  -51.567 -7.853  1.00 27.64  ? 14  U   B P     1 
ATOM   576  O OP1   . U   B 1 14 ? -0.725  -52.919 -8.224  1.00 27.43  ? 14  U   B OP1   1 
ATOM   577  O OP2   . U   B 1 14 ? -2.670  -51.365 -7.417  1.00 27.13  ? 14  U   B OP2   1 
ATOM   578  O "O5'" . U   B 1 14 ? -0.392  -51.012 -6.656  1.00 28.50  ? 14  U   B "O5'" 1 
ATOM   579  C "C5'" . U   B 1 14 ? 1.033   -51.096 -6.774  1.00 27.02  ? 14  U   B "C5'" 1 
ATOM   580  C "C4'" . U   B 1 14 ? 1.675   -50.645 -5.480  1.00 29.21  ? 14  U   B "C4'" 1 
ATOM   581  O "O4'" . U   B 1 14 ? 1.695   -49.191 -5.423  1.00 25.70  ? 14  U   B "O4'" 1 
ATOM   582  C "C3'" . U   B 1 14 ? 0.945   -51.034 -4.203  1.00 33.92  ? 14  U   B "C3'" 1 
ATOM   583  O "O3'" . U   B 1 14 ? 1.167   -52.390 -3.818  1.00 38.06  ? 14  U   B "O3'" 1 
ATOM   584  C "C2'" . U   B 1 14 ? 1.532   -50.043 -3.218  1.00 33.45  ? 14  U   B "C2'" 1 
ATOM   585  O "O2'" . U   B 1 14 ? 2.821   -50.479 -2.829  1.00 43.71  ? 14  U   B "O2'" 1 
ATOM   586  C "C1'" . U   B 1 14 ? 1.615   -48.771 -4.073  1.00 29.88  ? 14  U   B "C1'" 1 
ATOM   587  N N1    . U   B 1 14 ? 0.479   -47.838 -3.904  1.00 24.95  ? 14  U   B N1    1 
ATOM   588  C C2    . U   B 1 14 ? 0.605   -46.872 -2.917  1.00 26.17  ? 14  U   B C2    1 
ATOM   589  O O2    . U   B 1 14 ? 1.597   -46.777 -2.217  1.00 25.70  ? 14  U   B O2    1 
ATOM   590  N N3    . U   B 1 14 ? -0.472  -46.023 -2.790  1.00 22.28  ? 14  U   B N3    1 
ATOM   591  C C4    . U   B 1 14 ? -1.647  -46.053 -3.505  1.00 21.52  ? 14  U   B C4    1 
ATOM   592  O O4    . U   B 1 14 ? -2.554  -45.262 -3.223  1.00 26.02  ? 14  U   B O4    1 
ATOM   593  C C5    . U   B 1 14 ? -1.710  -47.091 -4.501  1.00 23.11  ? 14  U   B C5    1 
ATOM   594  C C6    . U   B 1 14 ? -0.678  -47.935 -4.650  1.00 23.37  ? 14  U   B C6    1 
HETATM 595  O "O5'" . LCC C 1 1  ? 16.466  40.451  1.211   1.00 33.80  ? 1   LCC C "O5'" 1 
HETATM 596  C "C5'" . LCC C 1 1  ? 17.669  40.434  1.997   1.00 31.45  ? 1   LCC C "C5'" 1 
HETATM 597  C "C4'" . LCC C 1 1  ? 17.434  41.436  3.118   1.00 31.71  ? 1   LCC C "C4'" 1 
HETATM 598  O "O4'" . LCC C 1 1  ? 16.983  42.791  2.732   1.00 31.89  ? 1   LCC C "O4'" 1 
HETATM 599  C "C1'" . LCC C 1 1  ? 16.593  43.345  4.088   1.00 29.22  ? 1   LCC C "C1'" 1 
HETATM 600  N N1    . LCC C 1 1  ? 15.300  44.027  3.877   1.00 27.94  ? 1   LCC C N1    1 
HETATM 601  C C6    . LCC C 1 1  ? 14.541  43.773  2.717   1.00 26.39  ? 1   LCC C C6    1 
HETATM 602  C C5    . LCC C 1 1  ? 13.370  44.490  2.501   1.00 28.32  ? 1   LCC C C5    1 
HETATM 603  C C5M   . LCC C 1 1  ? 12.602  44.293  1.367   1.00 34.95  ? 1   LCC C C5M   1 
HETATM 604  C C4    . LCC C 1 1  ? 13.010  45.422  3.466   1.00 28.46  ? 1   LCC C C4    1 
HETATM 605  N N4    . LCC C 1 1  ? 11.884  46.109  3.273   1.00 34.12  ? 1   LCC C N4    1 
HETATM 606  N N3    . LCC C 1 1  ? 13.771  45.622  4.575   1.00 28.15  ? 1   LCC C N3    1 
HETATM 607  C C2    . LCC C 1 1  ? 14.899  44.951  4.792   1.00 26.05  ? 1   LCC C C2    1 
HETATM 608  O O2    . LCC C 1 1  ? 15.525  45.142  5.858   1.00 26.76  ? 1   LCC C O2    1 
HETATM 609  C "C3'" . LCC C 1 1  ? 16.377  41.051  4.120   1.00 29.69  ? 1   LCC C "C3'" 1 
HETATM 610  C "C2'" . LCC C 1 1  ? 16.674  42.185  4.994   1.00 30.18  ? 1   LCC C "C2'" 1 
HETATM 611  O "O2'" . LCC C 1 1  ? 18.116  41.876  5.279   1.00 31.55  ? 1   LCC C "O2'" 1 
HETATM 612  O "O3'" . LCC C 1 1  ? 16.508  39.770  4.844   1.00 34.83  ? 1   LCC C "O3'" 1 
HETATM 613  C "C6'" . LCC C 1 1  ? 18.702  41.496  3.983   1.00 31.46  ? 1   LCC C "C6'" 1 
HETATM 614  O "O5'" . LCC C 1 2  ? 14.698  39.821  6.559   1.00 28.25  ? 2   LCC C "O5'" 1 
HETATM 615  C "C5'" . LCC C 1 2  ? 15.335  39.947  7.812   1.00 29.20  ? 2   LCC C "C5'" 1 
HETATM 616  C "C4'" . LCC C 1 2  ? 14.635  41.191  8.361   1.00 25.38  ? 2   LCC C "C4'" 1 
HETATM 617  O "O4'" . LCC C 1 2  ? 14.542  42.370  7.516   1.00 24.47  ? 2   LCC C "O4'" 1 
HETATM 618  C "C1'" . LCC C 1 2  ? 13.460  43.135  8.035   1.00 24.79  ? 2   LCC C "C1'" 1 
HETATM 619  N N1    . LCC C 1 2  ? 12.427  43.279  6.996   1.00 24.53  ? 2   LCC C N1    1 
HETATM 620  C C6    . LCC C 1 2  ? 12.441  42.464  5.860   1.00 25.76  ? 2   LCC C C6    1 
HETATM 621  C C5    . LCC C 1 2  ? 11.483  42.596  4.879   1.00 27.62  ? 2   LCC C C5    1 
HETATM 622  C C5M   . LCC C 1 2  ? 11.518  41.750  3.703   1.00 28.24  ? 2   LCC C C5M   1 
HETATM 623  C C4    . LCC C 1 2  ? 10.553  43.606  5.047   1.00 26.70  ? 2   LCC C C4    1 
HETATM 624  N N4    . LCC C 1 2  ? 9.637   43.710  4.063   1.00 28.34  ? 2   LCC C N4    1 
HETATM 625  N N3    . LCC C 1 2  ? 10.523  44.416  6.160   1.00 29.49  ? 2   LCC C N3    1 
HETATM 626  C C2    . LCC C 1 2  ? 11.455  44.244  7.140   1.00 25.58  ? 2   LCC C C2    1 
HETATM 627  O O2    . LCC C 1 2  ? 11.434  44.985  8.133   1.00 25.38  ? 2   LCC C O2    1 
HETATM 628  C "C3'" . LCC C 1 2  ? 13.162  41.005  8.659   1.00 23.19  ? 2   LCC C "C3'" 1 
HETATM 629  C "C2'" . LCC C 1 2  ? 12.977  42.302  9.212   1.00 23.58  ? 2   LCC C "C2'" 1 
HETATM 630  O "O2'" . LCC C 1 2  ? 14.034  42.386  10.223  1.00 24.82  ? 2   LCC C "O2'" 1 
HETATM 631  O "O3'" . LCC C 1 2  ? 13.003  39.958  9.620   1.00 23.93  ? 2   LCC C "O3'" 1 
HETATM 632  C "C6'" . LCC C 1 2  ? 15.273  41.697  9.668   1.00 29.31  ? 2   LCC C "C6'" 1 
HETATM 633  P P     . LCC C 1 2  ? 15.239  38.820  5.318   1.00 33.93  ? 2   LCC C P     1 
HETATM 634  O O1P   . LCC C 1 2  ? 14.175  38.812  4.306   1.00 33.58  ? 2   LCC C O1P   1 
HETATM 635  O O2P   . LCC C 1 2  ? 15.773  37.583  5.913   1.00 27.47  ? 2   LCC C O2P   1 
HETATM 636  P P     . LCA C 1 3  ? 11.541  39.149  9.914   1.00 27.65  ? 3   LCA C P     1 
HETATM 637  O O1P   . LCA C 1 3  ? 10.790  38.857  8.645   1.00 27.17  ? 3   LCA C O1P   1 
HETATM 638  O "O5'" . LCA C 1 3  ? 10.664  40.356  10.573  1.00 22.93  ? 3   LCA C "O5'" 1 
HETATM 639  C "C5'" . LCA C 1 3  ? 11.061  40.897  11.779  1.00 22.80  ? 3   LCA C "C5'" 1 
HETATM 640  C "C3'" . LCA C 1 3  ? 8.605   41.694  12.039  1.00 21.73  ? 3   LCA C "C3'" 1 
HETATM 641  C "C6'" . LCA C 1 3  ? 10.155  42.628  13.538  1.00 22.44  ? 3   LCA C "C6'" 1 
HETATM 642  N N9    . LCA C 1 3  ? 8.215   43.500  9.815   1.00 21.23  ? 3   LCA C N9    1 
HETATM 643  C C8    . LCA C 1 3  ? 8.690   42.721  8.824   1.00 21.58  ? 3   LCA C C8    1 
HETATM 644  C C4    . LCA C 1 3  ? 7.165   44.174  9.335   1.00 20.89  ? 3   LCA C C4    1 
HETATM 645  N N7    . LCA C 1 3  ? 7.859   42.842  7.756   1.00 21.77  ? 3   LCA C N7    1 
HETATM 646  C C5    . LCA C 1 3  ? 6.920   43.808  8.078   1.00 18.94  ? 3   LCA C C5    1 
HETATM 647  C C6    . LCA C 1 3  ? 5.856   44.359  7.400   1.00 18.51  ? 3   LCA C C6    1 
HETATM 648  C "C2'" . LCA C 1 3  ? 8.174   43.068  12.304  1.00 21.07  ? 3   LCA C "C2'" 1 
HETATM 649  N N6    . LCA C 1 3  ? 5.599   44.005  6.170   1.00 20.62  ? 3   LCA C N6    1 
HETATM 650  C "C4'" . LCA C 1 3  ? 10.046  42.027  12.123  1.00 21.80  ? 3   LCA C "C4'" 1 
HETATM 651  C "C1'" . LCA C 1 3  ? 8.828   43.721  11.173  1.00 23.50  ? 3   LCA C "C1'" 1 
HETATM 652  C C2    . LCA C 1 3  ? 5.313   45.556  9.205   1.00 17.53  ? 3   LCA C C2    1 
HETATM 653  N N1    . LCA C 1 3  ? 5.005   45.246  7.920   1.00 18.85  ? 3   LCA C N1    1 
HETATM 654  O "O4'" . LCA C 1 3  ? 10.142  43.047  11.135  1.00 23.24  ? 3   LCA C "O4'" 1 
HETATM 655  O O2P   . LCA C 1 3  ? 11.675  37.980  10.850  1.00 27.59  ? 3   LCA C O2P   1 
HETATM 656  N N3    . LCA C 1 3  ? 6.366   45.091  9.954   1.00 18.83  ? 3   LCA C N3    1 
HETATM 657  O "O3'" . LCA C 1 3  ? 8.229   40.838  13.088  1.00 21.32  ? 3   LCA C "O3'" 1 
HETATM 658  O "O2'" . LCA C 1 3  ? 8.875   43.442  13.501  1.00 22.79  ? 3   LCA C "O2'" 1 
HETATM 659  P P     . LCG C 1 4  ? 7.159   39.579  13.024  1.00 22.51  ? 4   LCG C P     1 
HETATM 660  O OP1   . LCG C 1 4  ? 7.290   38.882  14.287  1.00 23.52  ? 4   LCG C OP1   1 
HETATM 661  O "O5'" . LCG C 1 4  ? 5.790   40.476  12.935  1.00 20.59  ? 4   LCG C "O5'" 1 
HETATM 662  C "C5'" . LCG C 1 4  ? 5.385   41.290  14.057  1.00 19.09  ? 4   LCG C "C5'" 1 
HETATM 663  C "C3'" . LCG C 1 4  ? 3.121   41.369  12.982  1.00 17.21  ? 4   LCG C "C3'" 1 
HETATM 664  C "C6'" . LCG C 1 4  ? 3.626   43.104  14.582  1.00 19.97  ? 4   LCG C "C6'" 1 
HETATM 665  N N9    . LCG C 1 4  ? 3.431   42.825  10.436  1.00 18.34  ? 4   LCG C N9    1 
HETATM 666  C C8    . LCG C 1 4  ? 4.342   41.963  9.968   1.00 20.20  ? 4   LCG C C8    1 
HETATM 667  C C4    . LCG C 1 4  ? 2.656   43.213  9.410   1.00 19.78  ? 4   LCG C C4    1 
HETATM 668  N N7    . LCG C 1 4  ? 4.172   41.776  8.664   1.00 18.79  ? 4   LCG C N7    1 
HETATM 669  C C5    . LCG C 1 4  ? 3.091   42.583  8.316   1.00 21.73  ? 4   LCG C C5    1 
HETATM 670  C C6    . LCG C 1 4  ? 2.456   42.843  7.151   1.00 21.49  ? 4   LCG C C6    1 
HETATM 671  C "C2'" . LCG C 1 4  ? 2.317   42.594  12.660  1.00 20.02  ? 4   LCG C "C2'" 1 
HETATM 672  O O6    . LCG C 1 4  ? 2.752   42.350  6.062   1.00 21.87  ? 4   LCG C O6    1 
HETATM 673  C "C4'" . LCG C 1 4  ? 4.224   42.139  13.550  1.00 18.77  ? 4   LCG C "C4'" 1 
HETATM 674  C "C1'" . LCG C 1 4  ? 3.354   43.296  11.816  1.00 18.42  ? 4   LCG C "C1'" 1 
HETATM 675  C C2    . LCG C 1 4  ? 0.981   44.317  8.304   1.00 19.65  ? 4   LCG C C2    1 
HETATM 676  N N1    . LCG C 1 4  ? 1.400   43.698  7.137   1.00 19.57  ? 4   LCG C N1    1 
HETATM 677  O "O4'" . LCG C 1 4  ? 4.617   42.947  12.404  1.00 19.17  ? 4   LCG C "O4'" 1 
HETATM 678  O OP2   . LCG C 1 4  ? 7.162   38.878  11.680  1.00 21.49  ? 4   LCG C OP2   1 
HETATM 679  N N2    . LCG C 1 4  ? -0.031  45.208  8.292   1.00 18.96  ? 4   LCG C N2    1 
HETATM 680  N N3    . LCG C 1 4  ? 1.611   44.058  9.407   1.00 19.56  ? 4   LCG C N3    1 
HETATM 681  O "O2'" . LCG C 1 4  ? 2.210   43.348  13.889  1.00 21.06  ? 4   LCG C "O2'" 1 
HETATM 682  O "O3'" . LCG C 1 4  ? 2.532   40.526  14.033  1.00 20.25  ? 4   LCG C "O3'" 1 
ATOM   683  P P     . A   C 1 5  ? 1.623   39.197  13.611  1.00 22.44  ? 5   A   C P     1 
ATOM   684  O OP1   . A   C 1 5  ? 1.442   38.475  14.915  1.00 24.15  ? 5   A   C OP1   1 
ATOM   685  O OP2   . A   C 1 5  ? 2.082   38.432  12.456  1.00 21.86  ? 5   A   C OP2   1 
ATOM   686  O "O5'" . A   C 1 5  ? 0.201   39.775  13.143  1.00 21.12  ? 5   A   C "O5'" 1 
ATOM   687  C "C5'" . A   C 1 5  ? -0.570  40.633  14.022  1.00 20.60  ? 5   A   C "C5'" 1 
ATOM   688  C "C4'" . A   C 1 5  ? -1.683  41.306  13.238  1.00 20.42  ? 5   A   C "C4'" 1 
ATOM   689  O "O4'" . A   C 1 5  ? -1.107  42.238  12.277  1.00 18.42  ? 5   A   C "O4'" 1 
ATOM   690  C "C3'" . A   C 1 5  ? -2.555  40.386  12.388  1.00 18.35  ? 5   A   C "C3'" 1 
ATOM   691  O "O3'" . A   C 1 5  ? -3.488  39.741  13.233  1.00 18.53  ? 5   A   C "O3'" 1 
ATOM   692  C "C2'" . A   C 1 5  ? -3.109  41.380  11.384  1.00 17.68  ? 5   A   C "C2'" 1 
ATOM   693  O "O2'" . A   C 1 5  ? -4.072  42.092  12.120  1.00 18.61  ? 5   A   C "O2'" 1 
ATOM   694  C "C1'" . A   C 1 5  ? -1.859  42.192  11.069  1.00 18.74  ? 5   A   C "C1'" 1 
ATOM   695  N N9    . A   C 1 5  ? -1.038  41.560  10.036  1.00 18.93  ? 5   A   C N9    1 
ATOM   696  C C8    . A   C 1 5  ? 0.062   40.747  10.150  1.00 18.90  ? 5   A   C C8    1 
ATOM   697  N N7    . A   C 1 5  ? 0.519   40.316  8.997   1.00 21.48  ? 5   A   C N7    1 
ATOM   698  C C5    . A   C 1 5  ? -0.341  40.881  8.066   1.00 19.34  ? 5   A   C C5    1 
ATOM   699  C C6    . A   C 1 5  ? -0.361  40.852  6.658   1.00 21.02  ? 5   A   C C6    1 
ATOM   700  N N6    . A   C 1 5  ? 0.523   40.178  5.928   1.00 19.20  ? 5   A   C N6    1 
ATOM   701  N N1    . A   C 1 5  ? -1.366  41.494  6.031   1.00 17.08  ? 5   A   C N1    1 
ATOM   702  C C2    . A   C 1 5  ? -2.261  42.164  6.773   1.00 20.11  ? 5   A   C C2    1 
ATOM   703  N N3    . A   C 1 5  ? -2.311  42.318  8.100   1.00 19.85  ? 5   A   C N3    1 
ATOM   704  C C4    . A   C 1 5  ? -1.323  41.621  8.692   1.00 19.40  ? 5   A   C C4    1 
ATOM   705  P P     . C   C 1 6  ? -4.164  38.319  12.842  1.00 19.90  ? 6   C   C P     1 
ATOM   706  O OP1   . C   C 1 6  ? -5.005  37.806  13.994  1.00 19.19  ? 6   C   C OP1   1 
ATOM   707  O OP2   . C   C 1 6  ? -3.099  37.407  12.239  1.00 18.60  ? 6   C   C OP2   1 
ATOM   708  O "O5'" . C   C 1 6  ? -5.127  38.618  11.608  1.00 18.54  ? 6   C   C "O5'" 1 
ATOM   709  C "C5'" . C   C 1 6  ? -6.178  39.593  11.696  1.00 18.33  ? 6   C   C "C5'" 1 
ATOM   710  C "C4'" . C   C 1 6  ? -6.629  39.956  10.292  1.00 17.48  ? 6   C   C "C4'" 1 
ATOM   711  O "O4'" . C   C 1 6  ? -5.546  40.570  9.549   1.00 18.52  ? 6   C   C "O4'" 1 
ATOM   712  C "C3'" . C   C 1 6  ? -7.031  38.791  9.424   1.00 18.17  ? 6   C   C "C3'" 1 
ATOM   713  O "O3'" . C   C 1 6  ? -8.369  38.430  9.754   1.00 19.89  ? 6   C   C "O3'" 1 
ATOM   714  C "C2'" . C   C 1 6  ? -6.913  39.368  8.049   1.00 17.38  ? 6   C   C "C2'" 1 
ATOM   715  O "O2'" . C   C 1 6  ? -7.958  40.285  7.874   1.00 19.77  ? 6   C   C "O2'" 1 
ATOM   716  C "C1'" . C   C 1 6  ? -5.616  40.155  8.184   1.00 18.63  ? 6   C   C "C1'" 1 
ATOM   717  N N1    . C   C 1 6  ? -4.418  39.367  7.853   1.00 18.86  ? 6   C   C N1    1 
ATOM   718  C C2    . C   C 1 6  ? -4.044  39.289  6.501   1.00 20.25  ? 6   C   C C2    1 
ATOM   719  O O2    . C   C 1 6  ? -4.757  39.848  5.649   1.00 18.85  ? 6   C   C O2    1 
ATOM   720  N N3    . C   C 1 6  ? -2.919  38.609  6.161   1.00 21.23  ? 6   C   C N3    1 
ATOM   721  C C4    . C   C 1 6  ? -2.175  38.037  7.110   1.00 21.29  ? 6   C   C C4    1 
ATOM   722  N N4    . C   C 1 6  ? -1.060  37.409  6.731   1.00 21.86  ? 6   C   C N4    1 
ATOM   723  C C5    . C   C 1 6  ? -2.507  38.141  8.497   1.00 20.01  ? 6   C   C C5    1 
ATOM   724  C C6    . C   C 1 6  ? -3.636  38.789  8.818   1.00 18.93  ? 6   C   C C6    1 
ATOM   725  P P     . U   C 1 7  ? -8.909  36.954  9.442   1.00 22.24  ? 7   U   C P     1 
ATOM   726  O OP1   . U   C 1 7  ? -10.311 36.895  9.997   1.00 22.58  ? 7   U   C OP1   1 
ATOM   727  O OP2   . U   C 1 7  ? -7.928  35.965  9.890   1.00 18.88  ? 7   U   C OP2   1 
ATOM   728  O "O5'" . U   C 1 7  ? -8.846  36.900  7.842   1.00 21.10  ? 7   U   C "O5'" 1 
ATOM   729  C "C5'" . U   C 1 7  ? -9.783  37.638  7.073   1.00 21.72  ? 7   U   C "C5'" 1 
ATOM   730  C "C4'" . U   C 1 7  ? -9.560  37.387  5.609   1.00 21.90  ? 7   U   C "C4'" 1 
ATOM   731  O "O4'" . U   C 1 7  ? -8.242  37.821  5.217   1.00 21.93  ? 7   U   C "O4'" 1 
ATOM   732  C "C3'" . U   C 1 7  ? -9.602  35.941  5.168   1.00 21.24  ? 7   U   C "C3'" 1 
ATOM   733  O "O3'" . U   C 1 7  ? -10.914 35.458  4.958   1.00 21.97  ? 7   U   C "O3'" 1 
ATOM   734  C "C2'" . U   C 1 7  ? -8.916  36.039  3.825   1.00 19.09  ? 7   U   C "C2'" 1 
ATOM   735  O "O2'" . U   C 1 7  ? -9.789  36.590  2.849   1.00 21.04  ? 7   U   C "O2'" 1 
ATOM   736  C "C1'" . U   C 1 7  ? -7.762  36.968  4.182   1.00 21.56  ? 7   U   C "C1'" 1 
ATOM   737  N N1    . U   C 1 7  ? -6.509  36.356  4.660   1.00 18.69  ? 7   U   C N1    1 
ATOM   738  C C2    . U   C 1 7  ? -5.620  35.921  3.701   1.00 19.07  ? 7   U   C C2    1 
ATOM   739  O O2    . U   C 1 7  ? -5.901  35.872  2.531   1.00 18.68  ? 7   U   C O2    1 
ATOM   740  N N3    . U   C 1 7  ? -4.424  35.449  4.189   1.00 17.87  ? 7   U   C N3    1 
ATOM   741  C C4    . U   C 1 7  ? -4.019  35.417  5.515   1.00 17.07  ? 7   U   C C4    1 
ATOM   742  O O4    . U   C 1 7  ? -2.900  34.975  5.795   1.00 20.19  ? 7   U   C O4    1 
ATOM   743  C C5    . U   C 1 7  ? -5.003  35.855  6.447   1.00 19.18  ? 7   U   C C5    1 
ATOM   744  C C6    . U   C 1 7  ? -6.191  36.297  6.004   1.00 19.66  ? 7   U   C C6    1 
ATOM   745  P P     . U   C 1 8  ? -11.262 34.031  5.441   1.00 22.40  ? 8   U   C P     1 
ATOM   746  O OP1   . U   C 1 8  ? -12.747 33.883  5.407   1.00 26.60  ? 8   U   C OP1   1 
ATOM   747  O OP2   . U   C 1 8  ? -10.500 33.678  6.672   1.00 22.85  ? 8   U   C OP2   1 
ATOM   748  O "O5'" . U   C 1 8  ? -10.683 33.089  4.308   1.00 19.96  ? 8   U   C "O5'" 1 
ATOM   749  C "C5'" . U   C 1 8  ? -11.325 33.153  2.996   1.00 20.73  ? 8   U   C "C5'" 1 
ATOM   750  C "C4'" . U   C 1 8  ? -10.454 32.396  2.016   1.00 20.49  ? 8   U   C "C4'" 1 
ATOM   751  O "O4'" . U   C 1 8  ? -9.215  33.100  1.782   1.00 20.14  ? 8   U   C "O4'" 1 
ATOM   752  C "C3'" . U   C 1 8  ? -9.970  31.039  2.445   1.00 19.31  ? 8   U   C "C3'" 1 
ATOM   753  O "O3'" . U   C 1 8  ? -11.029 30.096  2.366   1.00 20.11  ? 8   U   C "O3'" 1 
ATOM   754  C "C2'" . U   C 1 8  ? -8.892  30.811  1.413   1.00 20.40  ? 8   U   C "C2'" 1 
ATOM   755  O "O2'" . U   C 1 8  ? -9.355  30.626  0.078   1.00 21.50  ? 8   U   C "O2'" 1 
ATOM   756  C "C1'" . U   C 1 8  ? -8.177  32.148  1.469   1.00 20.70  ? 8   U   C "C1'" 1 
ATOM   757  N N1    . U   C 1 8  ? -7.131  32.150  2.522   1.00 20.91  ? 8   U   C N1    1 
ATOM   758  C C2    . U   C 1 8  ? -5.878  31.672  2.186   1.00 22.72  ? 8   U   C C2    1 
ATOM   759  O O2    . U   C 1 8  ? -5.612  31.235  1.075   1.00 21.47  ? 8   U   C O2    1 
ATOM   760  N N3    . U   C 1 8  ? -4.954  31.707  3.201   1.00 19.14  ? 8   U   C N3    1 
ATOM   761  C C4    . U   C 1 8  ? -5.159  32.139  4.495   1.00 21.23  ? 8   U   C C4    1 
ATOM   762  O O4    . U   C 1 8  ? -4.226  32.124  5.294   1.00 20.45  ? 8   U   C O4    1 
ATOM   763  C C5    . U   C 1 8  ? -6.483  32.603  4.765   1.00 21.78  ? 8   U   C C5    1 
ATOM   764  C C6    . U   C 1 8  ? -7.398  32.611  3.786   1.00 18.32  ? 8   U   C C6    1 
ATOM   765  P P     . A   C 1 9  ? -11.100 28.795  3.257   1.00 22.81  ? 9   A   C P     1 
ATOM   766  O OP1   . A   C 1 9  ? -12.362 28.041  2.911   1.00 22.48  ? 9   A   C OP1   1 
ATOM   767  O OP2   . A   C 1 9  ? -10.894 29.188  4.714   1.00 23.46  ? 9   A   C OP2   1 
ATOM   768  O "O5'" . A   C 1 9  ? -9.858  27.923  2.778   1.00 22.53  ? 9   A   C "O5'" 1 
ATOM   769  C "C5'" . A   C 1 9  ? -9.926  27.220  1.530   1.00 21.78  ? 9   A   C "C5'" 1 
ATOM   770  C "C4'" . A   C 1 9  ? -8.576  26.626  1.143   1.00 21.93  ? 9   A   C "C4'" 1 
ATOM   771  O "O4'" . A   C 1 9  ? -7.563  27.654  1.139   1.00 20.69  ? 9   A   C "O4'" 1 
ATOM   772  C "C3'" . A   C 1 9  ? -8.021  25.592  2.105   1.00 21.15  ? 9   A   C "C3'" 1 
ATOM   773  O "O3'" . A   C 1 9  ? -8.635  24.357  1.846   1.00 23.45  ? 9   A   C "O3'" 1 
ATOM   774  C "C2'" . A   C 1 9  ? -6.571  25.583  1.700   1.00 19.74  ? 9   A   C "C2'" 1 
ATOM   775  O "O2'" . A   C 1 9  ? -6.403  24.897  0.475   1.00 23.30  ? 9   A   C "O2'" 1 
ATOM   776  C "C1'" . A   C 1 9  ? -6.325  27.081  1.536   1.00 20.82  ? 9   A   C "C1'" 1 
ATOM   777  N N9    . A   C 1 9  ? -5.895  27.741  2.767   1.00 18.22  ? 9   A   C N9    1 
ATOM   778  C C8    . A   C 1 9  ? -6.628  28.459  3.677   1.00 18.32  ? 9   A   C C8    1 
ATOM   779  N N7    . A   C 1 9  ? -5.916  28.924  4.676   1.00 21.92  ? 9   A   C N7    1 
ATOM   780  C C5    . A   C 1 9  ? -4.645  28.408  4.445   1.00 18.48  ? 9   A   C C5    1 
ATOM   781  C C6    . A   C 1 9  ? -3.423  28.569  5.126   1.00 17.34  ? 9   A   C C6    1 
ATOM   782  N N6    . A   C 1 9  ? -3.297  29.259  6.252   1.00 19.37  ? 9   A   C N6    1 
ATOM   783  N N1    . A   C 1 9  ? -2.343  27.927  4.639   1.00 16.36  ? 9   A   C N1    1 
ATOM   784  C C2    . A   C 1 9  ? -2.482  27.207  3.525   1.00 17.72  ? 9   A   C C2    1 
ATOM   785  N N3    . A   C 1 9  ? -3.554  27.057  2.745   1.00 17.88  ? 9   A   C N3    1 
ATOM   786  C C4    . A   C 1 9  ? -4.625  27.653  3.296   1.00 17.55  ? 9   A   C C4    1 
ATOM   787  P P     . A   C 1 10 ? -8.858  23.316  3.031   1.00 22.28  ? 10  A   C P     1 
ATOM   788  O OP1   . A   C 1 10 ? -9.659  22.203  2.493   1.00 22.46  ? 10  A   C OP1   1 
ATOM   789  O OP2   . A   C 1 10 ? -9.226  24.025  4.251   1.00 22.17  ? 10  A   C OP2   1 
ATOM   790  O "O5'" . A   C 1 10 ? -7.379  22.774  3.314   1.00 20.13  ? 10  A   C "O5'" 1 
ATOM   791  C "C5'" . A   C 1 10 ? -6.821  21.853  2.372   1.00 18.81  ? 10  A   C "C5'" 1 
ATOM   792  C "C4'" . A   C 1 10 ? -5.365  21.595  2.672   1.00 18.47  ? 10  A   C "C4'" 1 
ATOM   793  O "O4'" . A   C 1 10 ? -4.581  22.818  2.608   1.00 18.51  ? 10  A   C "O4'" 1 
ATOM   794  C "C3'" . A   C 1 10 ? -5.028  21.044  4.049   1.00 18.15  ? 10  A   C "C3'" 1 
ATOM   795  O "O3'" . A   C 1 10 ? -5.387  19.689  4.111   1.00 20.62  ? 10  A   C "O3'" 1 
ATOM   796  C "C2'" . A   C 1 10 ? -3.539  21.318  4.093   1.00 19.58  ? 10  A   C "C2'" 1 
ATOM   797  O "O2'" . A   C 1 10 ? -2.837  20.393  3.268   1.00 21.74  ? 10  A   C "O2'" 1 
ATOM   798  C "C1'" . A   C 1 10 ? -3.534  22.746  3.555   1.00 18.85  ? 10  A   C "C1'" 1 
ATOM   799  N N9    . A   C 1 10 ? -3.838  23.715  4.616   1.00 18.00  ? 10  A   C N9    1 
ATOM   800  C C8    . A   C 1 10 ? -5.001  24.398  4.896   1.00 18.11  ? 10  A   C C8    1 
ATOM   801  N N7    . A   C 1 10 ? -4.888  25.236  5.901   1.00 19.23  ? 10  A   C N7    1 
ATOM   802  C C5    . A   C 1 10 ? -3.548  25.151  6.252   1.00 17.40  ? 10  A   C C5    1 
ATOM   803  C C6    . A   C 1 10 ? -2.798  25.762  7.271   1.00 19.11  ? 10  A   C C6    1 
ATOM   804  N N6    . A   C 1 10 ? -3.297  26.692  8.084   1.00 19.17  ? 10  A   C N6    1 
ATOM   805  N N1    . A   C 1 10 ? -1.498  25.418  7.393   1.00 20.26  ? 10  A   C N1    1 
ATOM   806  C C2    . A   C 1 10 ? -0.996  24.503  6.553   1.00 21.60  ? 10  A   C C2    1 
ATOM   807  N N3    . A   C 1 10 ? -1.601  23.850  5.564   1.00 18.89  ? 10  A   C N3    1 
ATOM   808  C C4    . A   C 1 10 ? -2.891  24.220  5.468   1.00 18.26  ? 10  A   C C4    1 
ATOM   809  P P     . G   C 1 11 ? -5.834  18.975  5.520   1.00 25.48  ? 11  G   C P     1 
ATOM   810  O OP1   . G   C 1 11 ? -6.227  17.578  5.155   1.00 26.18  ? 11  G   C OP1   1 
ATOM   811  O OP2   . G   C 1 11 ? -6.744  19.882  6.284   1.00 25.24  ? 11  G   C OP2   1 
ATOM   812  O "O5'" . G   C 1 11 ? -4.503  18.981  6.392   1.00 22.19  ? 11  G   C "O5'" 1 
ATOM   813  C "C5'" . G   C 1 11 ? -3.372  18.277  5.945   1.00 26.29  ? 11  G   C "C5'" 1 
ATOM   814  C "C4'" . G   C 1 11 ? -2.182  18.628  6.799   1.00 26.07  ? 11  G   C "C4'" 1 
ATOM   815  O "O4'" . G   C 1 11 ? -1.814  20.019  6.603   1.00 24.63  ? 11  G   C "O4'" 1 
ATOM   816  C "C3'" . G   C 1 11 ? -2.326  18.483  8.310   1.00 26.01  ? 11  G   C "C3'" 1 
ATOM   817  O "O3'" . G   C 1 11 ? -2.154  17.122  8.698   1.00 28.83  ? 11  G   C "O3'" 1 
ATOM   818  C "C2'" . G   C 1 11 ? -1.162  19.336  8.775   1.00 22.79  ? 11  G   C "C2'" 1 
ATOM   819  O "O2'" . G   C 1 11 ? 0.098   18.749  8.495   1.00 24.75  ? 11  G   C "O2'" 1 
ATOM   820  C "C1'" . G   C 1 11 ? -1.316  20.528  7.831   1.00 23.22  ? 11  G   C "C1'" 1 
ATOM   821  N N9    . G   C 1 11 ? -2.220  21.546  8.367   1.00 21.06  ? 11  G   C N9    1 
ATOM   822  C C8    . G   C 1 11 ? -3.525  21.838  8.063   1.00 20.58  ? 11  G   C C8    1 
ATOM   823  N N7    . G   C 1 11 ? -4.004  22.829  8.768   1.00 19.84  ? 11  G   C N7    1 
ATOM   824  C C5    . G   C 1 11 ? -2.927  23.258  9.540   1.00 20.26  ? 11  G   C C5    1 
ATOM   825  C C6    . G   C 1 11 ? -2.824  24.320  10.496  1.00 18.70  ? 11  G   C C6    1 
ATOM   826  O O6    . G   C 1 11 ? -3.678  25.155  10.837  1.00 20.80  ? 11  G   C O6    1 
ATOM   827  N N1    . G   C 1 11 ? -1.576  24.345  11.097  1.00 21.12  ? 11  G   C N1    1 
ATOM   828  C C2    . G   C 1 11 ? -0.522  23.519  10.773  1.00 21.03  ? 11  G   C C2    1 
ATOM   829  N N2    . G   C 1 11 ? 0.620   23.715  11.467  1.00 22.48  ? 11  G   C N2    1 
ATOM   830  N N3    . G   C 1 11 ? -0.608  22.518  9.914   1.00 20.91  ? 11  G   C N3    1 
ATOM   831  C C4    . G   C 1 11 ? -1.831  22.453  9.333   1.00 20.71  ? 11  G   C C4    1 
ATOM   832  P P     . U   C 1 12 ? -2.749  16.570  10.026  1.00 29.92  ? 12  U   C P     1 
ATOM   833  O OP1   . U   C 1 12 ? -2.758  15.064  9.956   1.00 30.51  ? 12  U   C OP1   1 
ATOM   834  O OP2   . U   C 1 12 ? -4.029  17.245  10.321  1.00 32.41  ? 12  U   C OP2   1 
ATOM   835  O "O5'" . U   C 1 12 ? -1.773  17.114  11.156  1.00 29.13  ? 12  U   C "O5'" 1 
ATOM   836  C "C5'" . U   C 1 12 ? -0.362  16.868  11.183  1.00 32.17  ? 12  U   C "C5'" 1 
ATOM   837  C "C4'" . U   C 1 12 ? 0.270   17.667  12.304  1.00 31.41  ? 12  U   C "C4'" 1 
ATOM   838  O "O4'" . U   C 1 12 ? 0.335   19.085  11.953  1.00 32.24  ? 12  U   C "O4'" 1 
ATOM   839  C "C3'" . U   C 1 12 ? -0.422  17.666  13.661  1.00 30.15  ? 12  U   C "C3'" 1 
ATOM   840  O "O3'" . U   C 1 12 ? -0.124  16.504  14.436  1.00 32.83  ? 12  U   C "O3'" 1 
ATOM   841  C "C2'" . U   C 1 12 ? 0.198   18.892  14.301  1.00 25.93  ? 12  U   C "C2'" 1 
ATOM   842  O "O2'" . U   C 1 12 ? 1.559   18.723  14.607  1.00 30.53  ? 12  U   C "O2'" 1 
ATOM   843  C "C1'" . U   C 1 12 ? 0.166   19.874  13.122  1.00 29.81  ? 12  U   C "C1'" 1 
ATOM   844  N N1    . U   C 1 12 ? -1.103  20.616  13.004  1.00 25.63  ? 12  U   C N1    1 
ATOM   845  C C2    . U   C 1 12 ? -1.260  21.730  13.812  1.00 24.88  ? 12  U   C C2    1 
ATOM   846  O O2    . U   C 1 12 ? -0.392  22.111  14.593  1.00 26.69  ? 12  U   C O2    1 
ATOM   847  N N3    . U   C 1 12 ? -2.447  22.404  13.636  1.00 24.69  ? 12  U   C N3    1 
ATOM   848  C C4    . U   C 1 12 ? -3.494  22.042  12.803  1.00 24.78  ? 12  U   C C4    1 
ATOM   849  O O4    . U   C 1 12 ? -4.521  22.726  12.783  1.00 27.23  ? 12  U   C O4    1 
ATOM   850  C C5    . U   C 1 12 ? -3.284  20.832  12.071  1.00 25.45  ? 12  U   C C5    1 
ATOM   851  C C6    . U   C 1 12 ? -2.130  20.173  12.197  1.00 23.97  ? 12  U   C C6    1 
ATOM   852  P P     . C   C 1 13 ? -1.198  15.902  15.464  1.00 31.48  ? 13  C   C P     1 
ATOM   853  O OP1   . C   C 1 13 ? -0.682  14.579  15.915  1.00 36.90  ? 13  C   C OP1   1 
ATOM   854  O OP2   . C   C 1 13 ? -2.568  16.013  14.960  1.00 30.18  ? 13  C   C OP2   1 
ATOM   855  O "O5'" . C   C 1 13 ? -1.104  16.899  16.704  1.00 29.23  ? 13  C   C "O5'" 1 
ATOM   856  C "C5'" . C   C 1 13 ? 0.134   17.160  17.362  1.00 28.77  ? 13  C   C "C5'" 1 
ATOM   857  C "C4'" . C   C 1 13 ? 0.030   18.397  18.226  1.00 27.54  ? 13  C   C "C4'" 1 
ATOM   858  O "O4'" . C   C 1 13 ? -0.115  19.588  17.393  1.00 26.93  ? 13  C   C "O4'" 1 
ATOM   859  C "C3'" . C   C 1 13 ? -1.129  18.493  19.202  1.00 27.41  ? 13  C   C "C3'" 1 
ATOM   860  O "O3'" . C   C 1 13 ? -0.827  17.889  20.439  1.00 28.39  ? 13  C   C "O3'" 1 
ATOM   861  C "C2'" . C   C 1 13 ? -1.144  19.988  19.471  1.00 26.61  ? 13  C   C "C2'" 1 
ATOM   862  O "O2'" . C   C 1 13 ? -0.013  20.455  20.195  1.00 24.02  ? 13  C   C "O2'" 1 
ATOM   863  C "C1'" . C   C 1 13 ? -0.976  20.506  18.049  1.00 25.50  ? 13  C   C "C1'" 1 
ATOM   864  N N1    . C   C 1 13 ? -2.243  20.656  17.295  1.00 26.01  ? 13  C   C N1    1 
ATOM   865  C C2    . C   C 1 13 ? -2.953  21.848  17.492  1.00 24.34  ? 13  C   C C2    1 
ATOM   866  O O2    . C   C 1 13 ? -2.543  22.649  18.351  1.00 23.10  ? 13  C   C O2    1 
ATOM   867  N N3    . C   C 1 13 ? -4.110  22.048  16.820  1.00 21.44  ? 13  C   C N3    1 
ATOM   868  C C4    . C   C 1 13 ? -4.528  21.143  15.928  1.00 24.43  ? 13  C   C C4    1 
ATOM   869  N N4    . C   C 1 13 ? -5.666  21.385  15.282  1.00 21.58  ? 13  C   C N4    1 
ATOM   870  C C5    . C   C 1 13 ? -3.831  19.917  15.715  1.00 23.70  ? 13  C   C C5    1 
ATOM   871  C C6    . C   C 1 13 ? -2.698  19.722  16.406  1.00 24.65  ? 13  C   C C6    1 
ATOM   872  P P     . U   C 1 14 ? -1.966  17.184  21.270  1.00 30.45  ? 14  U   C P     1 
ATOM   873  O OP1   . U   C 1 14 ? -1.274  16.448  22.376  1.00 36.38  ? 14  U   C OP1   1 
ATOM   874  O OP2   . U   C 1 14 ? -2.913  16.482  20.374  1.00 30.30  ? 14  U   C OP2   1 
ATOM   875  O "O5'" . U   C 1 14 ? -2.816  18.392  21.848  1.00 26.71  ? 14  U   C "O5'" 1 
ATOM   876  C "C5'" . U   C 1 14 ? -2.328  19.185  22.951  1.00 27.22  ? 14  U   C "C5'" 1 
ATOM   877  C "C4'" . U   C 1 14 ? -3.222  20.365  23.193  1.00 28.45  ? 14  U   C "C4'" 1 
ATOM   878  O "O4'" . U   C 1 14 ? -3.338  21.201  22.017  1.00 27.78  ? 14  U   C "O4'" 1 
ATOM   879  C "C3'" . U   C 1 14 ? -4.663  20.091  23.566  1.00 31.35  ? 14  U   C "C3'" 1 
ATOM   880  O "O3'" . U   C 1 14 ? -4.778  19.624  24.914  1.00 35.43  ? 14  U   C "O3'" 1 
ATOM   881  C "C2'" . U   C 1 14 ? -5.256  21.479  23.386  1.00 31.36  ? 14  U   C "C2'" 1 
ATOM   882  O "O2'" . U   C 1 14 ? -4.830  22.349  24.417  1.00 34.36  ? 14  U   C "O2'" 1 
ATOM   883  C "C1'" . U   C 1 14 ? -4.568  21.928  22.095  1.00 27.35  ? 14  U   C "C1'" 1 
ATOM   884  N N1    . U   C 1 14 ? -5.381  21.690  20.889  1.00 25.11  ? 14  U   C N1    1 
ATOM   885  C C2    . U   C 1 14 ? -6.408  22.584  20.626  1.00 23.26  ? 14  U   C C2    1 
ATOM   886  O O2    . U   C 1 14 ? -6.637  23.558  21.332  1.00 27.94  ? 14  U   C O2    1 
ATOM   887  N N3    . U   C 1 14 ? -7.147  22.308  19.501  1.00 24.31  ? 14  U   C N3    1 
ATOM   888  C C4    . U   C 1 14 ? -6.976  21.250  18.631  1.00 23.92  ? 14  U   C C4    1 
ATOM   889  O O4    . U   C 1 14 ? -7.703  21.155  17.650  1.00 24.94  ? 14  U   C O4    1 
ATOM   890  C C5    . U   C 1 14 ? -5.922  20.337  18.995  1.00 27.73  ? 14  U   C C5    1 
ATOM   891  C C6    . U   C 1 14 ? -5.179  20.585  20.085  1.00 25.55  ? 14  U   C C6    1 
HETATM 892  O "O5'" . LCC D 1 1  ? -21.467 21.976  10.189  1.00 45.95  ? 1   LCC D "O5'" 1 
HETATM 893  C "C5'" . LCC D 1 1  ? -22.453 22.707  10.956  1.00 43.91  ? 1   LCC D "C5'" 1 
HETATM 894  C "C4'" . LCC D 1 1  ? -21.960 22.769  12.430  1.00 40.29  ? 1   LCC D "C4'" 1 
HETATM 895  O "O4'" . LCC D 1 1  ? -21.585 21.538  13.102  1.00 38.65  ? 1   LCC D "O4'" 1 
HETATM 896  C "C1'" . LCC D 1 1  ? -20.912 21.909  14.328  1.00 38.00  ? 1   LCC D "C1'" 1 
HETATM 897  N N1    . LCC D 1 1  ? -19.670 21.078  14.295  1.00 36.42  ? 1   LCC D N1    1 
HETATM 898  C C6    . LCC D 1 1  ? -19.333 20.397  13.089  1.00 38.35  ? 1   LCC D C6    1 
HETATM 899  C C5    . LCC D 1 1  ? -18.175 19.629  13.054  1.00 36.36  ? 1   LCC D C5    1 
HETATM 900  C C5M   . LCC D 1 1  ? -17.845 18.968  11.886  1.00 41.54  ? 1   LCC D C5M   1 
HETATM 901  C C4    . LCC D 1 1  ? -17.396 19.553  14.227  1.00 39.61  ? 1   LCC D C4    1 
HETATM 902  N N4    . LCC D 1 1  ? -16.261 18.817  14.245  1.00 34.79  ? 1   LCC D N4    1 
HETATM 903  N N3    . LCC D 1 1  ? -17.768 20.211  15.333  1.00 34.36  ? 1   LCC D N3    1 
HETATM 904  C C2    . LCC D 1 1  ? -18.866 20.951  15.362  1.00 33.99  ? 1   LCC D C2    1 
HETATM 905  O O2    . LCC D 1 1  ? -19.097 21.517  16.407  1.00 37.22  ? 1   LCC D O2    1 
HETATM 906  C "C3'" . LCC D 1 1  ? -20.684 23.494  12.624  1.00 42.11  ? 1   LCC D "C3'" 1 
HETATM 907  C "C2'" . LCC D 1 1  ? -20.731 23.407  14.127  1.00 38.95  ? 1   LCC D "C2'" 1 
HETATM 908  O "O2'" . LCC D 1 1  ? -22.003 24.040  14.414  1.00 39.60  ? 1   LCC D "O2'" 1 
HETATM 909  O "O3'" . LCC D 1 1  ? -20.521 24.793  12.005  1.00 40.72  ? 1   LCC D "O3'" 1 
HETATM 910  C "C6'" . LCC D 1 1  ? -22.936 23.608  13.311  1.00 43.67  ? 1   LCC D "C6'" 1 
HETATM 911  O "O5'" . LCC D 1 2  ? -18.585 25.834  13.241  1.00 31.42  ? 2   LCC D "O5'" 1 
HETATM 912  C "C5'" . LCC D 1 2  ? -19.287 26.724  14.106  1.00 32.00  ? 2   LCC D "C5'" 1 
HETATM 913  C "C4'" . LCC D 1 2  ? -18.647 26.579  15.501  1.00 27.08  ? 2   LCC D "C4'" 1 
HETATM 914  O "O4'" . LCC D 1 2  ? -18.547 25.297  16.083  1.00 27.18  ? 2   LCC D "O4'" 1 
HETATM 915  C "C1'" . LCC D 1 2  ? -17.470 25.330  16.982  1.00 27.80  ? 2   LCC D "C1'" 1 
HETATM 916  N N1    . LCC D 1 2  ? -16.505 24.313  16.536  1.00 27.79  ? 2   LCC D N1    1 
HETATM 917  C C6    . LCC D 1 2  ? -16.560 23.807  15.200  1.00 27.92  ? 2   LCC D C6    1 
HETATM 918  C C5    . LCC D 1 2  ? -15.618 22.844  14.863  1.00 29.02  ? 2   LCC D C5    1 
HETATM 919  C C5M   . LCC D 1 2  ? -15.621 22.339  13.547  1.00 32.81  ? 2   LCC D C5M   1 
HETATM 920  C C4    . LCC D 1 2  ? -14.723 22.444  15.834  1.00 30.54  ? 2   LCC D C4    1 
HETATM 921  N N4    . LCC D 1 2  ? -13.807 21.515  15.529  1.00 35.09  ? 2   LCC D N4    1 
HETATM 922  N N3    . LCC D 1 2  ? -14.711 22.932  17.087  1.00 29.21  ? 2   LCC D N3    1 
HETATM 923  C C2    . LCC D 1 2  ? -15.604 23.871  17.442  1.00 27.71  ? 2   LCC D C2    1 
HETATM 924  O O2    . LCC D 1 2  ? -15.522 24.283  18.607  1.00 27.38  ? 2   LCC D O2    1 
HETATM 925  C "C3'" . LCC D 1 2  ? -17.135 26.995  15.493  1.00 26.46  ? 2   LCC D "C3'" 1 
HETATM 926  C "C2'" . LCC D 1 2  ? -16.979 26.761  16.955  1.00 24.58  ? 2   LCC D "C2'" 1 
HETATM 927  O "O2'" . LCC D 1 2  ? -18.085 27.579  17.532  1.00 29.11  ? 2   LCC D "O2'" 1 
HETATM 928  O "O3'" . LCC D 1 2  ? -16.996 28.350  15.113  1.00 32.90  ? 2   LCC D "O3'" 1 
HETATM 929  C "C6'" . LCC D 1 2  ? -19.254 27.573  16.525  1.00 27.59  ? 2   LCC D "C6'" 1 
HETATM 930  P P     . LCC D 1 2  ? -19.038 25.585  11.766  1.00 36.83  ? 2   LCC D P     1 
HETATM 931  O O1P   . LCC D 1 2  ? -19.613 26.821  11.161  1.00 35.32  ? 2   LCC D O1P   1 
HETATM 932  O O2P   . LCC D 1 2  ? -17.985 24.734  11.123  1.00 33.02  ? 2   LCC D O2P   1 
HETATM 933  P P     . LCA D 1 3  ? -15.554 29.033  14.610  1.00 28.34  ? 3   LCA D P     1 
HETATM 934  O O1P   . LCA D 1 3  ? -15.895 30.483  14.248  1.00 28.38  ? 3   LCA D O1P   1 
HETATM 935  O "O5'" . LCA D 1 3  ? -14.750 28.989  15.986  1.00 29.00  ? 3   LCA D "O5'" 1 
HETATM 936  C "C5'" . LCA D 1 3  ? -15.188 29.723  17.165  1.00 25.35  ? 3   LCA D "C5'" 1 
HETATM 937  C "C3'" . LCA D 1 3  ? -12.773 29.506  18.012  1.00 23.86  ? 3   LCA D "C3'" 1 
HETATM 938  C "C6'" . LCA D 1 3  ? -14.309 30.169  19.656  1.00 24.52  ? 3   LCA D "C6'" 1 
HETATM 939  N N9    . LCA D 1 3  ? -12.373 26.589  18.357  1.00 22.31  ? 3   LCA D N9    1 
HETATM 940  C C8    . LCA D 1 3  ? -12.807 26.179  17.146  1.00 22.50  ? 3   LCA D C8    1 
HETATM 941  C C4    . LCA D 1 3  ? -11.316 25.823  18.691  1.00 21.78  ? 3   LCA D C4    1 
HETATM 942  N N7    . LCA D 1 3  ? -11.966 25.170  16.776  1.00 23.74  ? 3   LCA D N7    1 
HETATM 943  C C5    . LCA D 1 3  ? -11.032 24.931  17.714  1.00 19.67  ? 3   LCA D C5    1 
HETATM 944  C C6    . LCA D 1 3  ? -9.987  24.056  17.814  1.00 18.91  ? 3   LCA D C6    1 
HETATM 945  C "C2'" . LCA D 1 3  ? -12.315 28.962  19.359  1.00 24.16  ? 3   LCA D "C2'" 1 
HETATM 946  N N6    . LCA D 1 3  ? -9.732  23.178  16.810  1.00 20.76  ? 3   LCA D N6    1 
HETATM 947  C "C4'" . LCA D 1 3  ? -14.238 29.340  18.320  1.00 23.71  ? 3   LCA D "C4'" 1 
HETATM 948  C "C1'" . LCA D 1 3  ? -13.013 27.648  19.254  1.00 23.00  ? 3   LCA D "C1'" 1 
HETATM 949  C C2    . LCA D 1 3  ? -9.448  24.947  19.899  1.00 19.39  ? 3   LCA D C2    1 
HETATM 950  N N1    . LCA D 1 3  ? -9.166  24.064  18.866  1.00 23.31  ? 3   LCA D N1    1 
HETATM 951  O "O4'" . LCA D 1 3  ? -14.288 27.921  18.617  1.00 23.55  ? 3   LCA D "O4'" 1 
HETATM 952  O O2P   . LCA D 1 3  ? -14.787 28.159  13.702  1.00 30.83  ? 3   LCA D O2P   1 
HETATM 953  N N3    . LCA D 1 3  ? -10.549 25.865  19.790  1.00 22.07  ? 3   LCA D N3    1 
HETATM 954  O "O3'" . LCA D 1 3  ? -12.428 30.881  17.904  1.00 23.98  ? 3   LCA D "O3'" 1 
HETATM 955  O "O2'" . LCA D 1 3  ? -12.983 29.800  20.353  1.00 26.01  ? 3   LCA D "O2'" 1 
HETATM 956  P P     . LCG D 1 4  ? -11.183 31.521  16.928  1.00 24.78  ? 4   LCG D P     1 
HETATM 957  O OP1   . LCG D 1 4  ? -11.243 32.994  16.911  1.00 24.22  ? 4   LCG D OP1   1 
HETATM 958  O "O5'" . LCG D 1 4  ? -9.971  30.928  17.826  1.00 21.09  ? 4   LCG D "O5'" 1 
HETATM 959  C "C5'" . LCG D 1 4  ? -9.558  31.596  19.007  1.00 18.45  ? 4   LCG D "C5'" 1 
HETATM 960  C "C3'" . LCG D 1 4  ? -7.216  30.645  18.638  1.00 19.71  ? 4   LCG D "C3'" 1 
HETATM 961  C "C6'" . LCG D 1 4  ? -7.857  31.204  20.882  1.00 22.25  ? 4   LCG D "C6'" 1 
HETATM 962  N N9    . LCG D 1 4  ? -7.581  27.663  18.519  1.00 20.04  ? 4   LCG D N9    1 
HETATM 963  C C8    . LCG D 1 4  ? -8.487  27.643  17.535  1.00 20.99  ? 4   LCG D C8    1 
HETATM 964  C C4    . LCG D 1 4  ? -6.743  26.604  18.319  1.00 19.26  ? 4   LCG D C4    1 
HETATM 965  N N7    . LCG D 1 4  ? -8.181  26.625  16.727  1.00 21.15  ? 4   LCG D N7    1 
HETATM 966  C C5    . LCG D 1 4  ? -7.108  25.989  17.233  1.00 21.29  ? 4   LCG D C5    1 
HETATM 967  C C6    . LCG D 1 4  ? -6.465  24.851  16.862  1.00 22.18  ? 4   LCG D C6    1 
HETATM 968  C "C2'" . LCG D 1 4  ? -6.443  29.741  19.540  1.00 20.48  ? 4   LCG D "C2'" 1 
HETATM 969  O O6    . LCG D 1 4  ? -6.800  24.192  15.882  1.00 21.70  ? 4   LCG D O6    1 
HETATM 970  C "C4'" . LCG D 1 4  ? -8.434  30.678  19.567  1.00 20.87  ? 4   LCG D "C4'" 1 
HETATM 971  C "C1'" . LCG D 1 4  ? -7.416  28.550  19.632  1.00 21.46  ? 4   LCG D "C1'" 1 
HETATM 972  C C2    . LCG D 1 4  ? -5.006  25.151  18.659  1.00 20.09  ? 4   LCG D C2    1 
HETATM 973  N N1    . LCG D 1 4  ? -5.411  24.453  17.559  1.00 20.82  ? 4   LCG D N1    1 
HETATM 974  O "O4'" . LCG D 1 4  ? -8.759  29.230  19.728  1.00 23.33  ? 4   LCG D "O4'" 1 
HETATM 975  O OP2   . LCG D 1 4  ? -11.137 30.802  15.591  1.00 23.99  ? 4   LCG D OP2   1 
HETATM 976  N N2    . LCG D 1 4  ? -3.960  24.786  19.378  1.00 21.23  ? 4   LCG D N2    1 
HETATM 977  N N3    . LCG D 1 4  ? -5.680  26.223  19.047  1.00 17.78  ? 4   LCG D N3    1 
HETATM 978  O "O2'" . LCG D 1 4  ? -6.528  30.423  20.871  1.00 21.77  ? 4   LCG D "O2'" 1 
HETATM 979  O "O3'" . LCG D 1 4  ? -6.635  31.948  18.552  1.00 20.47  ? 4   LCG D "O3'" 1 
ATOM   980  P P     . A   D 1 5  ? -5.694  32.391  17.278  1.00 23.56  ? 5   A   D P     1 
ATOM   981  O OP1   . A   D 1 5  ? -5.532  33.853  17.472  1.00 25.62  ? 5   A   D OP1   1 
ATOM   982  O OP2   . A   D 1 5  ? -6.142  31.897  15.972  1.00 22.03  ? 5   A   D OP2   1 
ATOM   983  O "O5'" . A   D 1 5  ? -4.278  31.729  17.583  1.00 22.20  ? 5   A   D "O5'" 1 
ATOM   984  C "C5'" . A   D 1 5  ? -3.626  31.950  18.834  1.00 21.25  ? 5   A   D "C5'" 1 
ATOM   985  C "C4'" . A   D 1 5  ? -2.457  30.990  18.968  1.00 21.40  ? 5   A   D "C4'" 1 
ATOM   986  O "O4'" . A   D 1 5  ? -2.941  29.615  19.238  1.00 20.36  ? 5   A   D "O4'" 1 
ATOM   987  C "C3'" . A   D 1 5  ? -1.570  30.838  17.734  1.00 20.82  ? 5   A   D "C3'" 1 
ATOM   988  O "O3'" . A   D 1 5  ? -0.639  31.901  17.650  1.00 20.34  ? 5   A   D "O3'" 1 
ATOM   989  C "C2'" . A   D 1 5  ? -0.921  29.494  18.032  1.00 18.89  ? 5   A   D "C2'" 1 
ATOM   990  O "O2'" . A   D 1 5  ? 0.052   29.744  19.059  1.00 22.40  ? 5   A   D "O2'" 1 
ATOM   991  C "C1'" . A   D 1 5  ? -2.148  28.701  18.515  1.00 21.40  ? 5   A   D "C1'" 1 
ATOM   992  N N9    . A   D 1 5  ? -2.945  28.162  17.420  1.00 18.29  ? 5   A   D N9    1 
ATOM   993  C C8    . A   D 1 5  ? -4.083  28.646  16.811  1.00 21.89  ? 5   A   D C8    1 
ATOM   994  N N7    . A   D 1 5  ? -4.527  27.881  15.835  1.00 22.07  ? 5   A   D N7    1 
ATOM   995  C C5    . A   D 1 5  ? -3.630  26.819  15.811  1.00 21.20  ? 5   A   D C5    1 
ATOM   996  C C6    . A   D 1 5  ? -3.581  25.630  15.053  1.00 22.61  ? 5   A   D C6    1 
ATOM   997  N N6    . A   D 1 5  ? -4.456  25.329  14.089  1.00 23.84  ? 5   A   D N6    1 
ATOM   998  N N1    . A   D 1 5  ? -2.558  24.771  15.292  1.00 20.23  ? 5   A   D N1    1 
ATOM   999  C C2    . A   D 1 5  ? -1.657  25.090  16.223  1.00 19.16  ? 5   A   D C2    1 
ATOM   1000 N N3    . A   D 1 5  ? -1.619  26.151  17.028  1.00 21.82  ? 5   A   D N3    1 
ATOM   1001 C C4    . A   D 1 5  ? -2.655  26.978  16.783  1.00 21.54  ? 5   A   D C4    1 
ATOM   1002 P P     . C   D 1 6  ? -0.024  32.389  16.250  1.00 19.90  ? 6   C   D P     1 
ATOM   1003 O OP1   . C   D 1 6  ? 0.664   33.715  16.494  1.00 18.39  ? 6   C   D OP1   1 
ATOM   1004 O OP2   . C   D 1 6  ? -1.148  32.336  15.208  1.00 20.00  ? 6   C   D OP2   1 
ATOM   1005 O "O5'" . C   D 1 6  ? 0.880   31.180  15.789  1.00 18.71  ? 6   C   D "O5'" 1 
ATOM   1006 C "C5'" . C   D 1 6  ? 2.003   30.806  16.585  1.00 20.74  ? 6   C   D "C5'" 1 
ATOM   1007 C "C4'" . C   D 1 6  ? 2.544   29.485  16.106  1.00 21.14  ? 6   C   D "C4'" 1 
ATOM   1008 O "O4'" . C   D 1 6  ? 1.557   28.424  16.277  1.00 21.00  ? 6   C   D "O4'" 1 
ATOM   1009 C "C3'" . C   D 1 6  ? 2.885   29.410  14.622  1.00 21.79  ? 6   C   D "C3'" 1 
ATOM   1010 O "O3'" . C   D 1 6  ? 4.173   29.958  14.380  1.00 23.23  ? 6   C   D "O3'" 1 
ATOM   1011 C "C2'" . C   D 1 6  ? 2.881   27.918  14.402  1.00 20.29  ? 6   C   D "C2'" 1 
ATOM   1012 O "O2'" . C   D 1 6  ? 3.946   27.189  14.976  1.00 22.52  ? 6   C   D "O2'" 1 
ATOM   1013 C "C1'" . C   D 1 6  ? 1.642   27.521  15.185  1.00 18.68  ? 6   C   D "C1'" 1 
ATOM   1014 N N1    . C   D 1 6  ? 0.395   27.598  14.384  1.00 20.01  ? 6   C   D N1    1 
ATOM   1015 C C2    . C   D 1 6  ? 0.067   26.509  13.581  1.00 22.48  ? 6   C   D C2    1 
ATOM   1016 O O2    . C   D 1 6  ? 0.827   25.512  13.577  1.00 20.32  ? 6   C   D O2    1 
ATOM   1017 N N3    . C   D 1 6  ? -1.085  26.541  12.862  1.00 19.26  ? 6   C   D N3    1 
ATOM   1018 C C4    . C   D 1 6  ? -1.859  27.636  12.893  1.00 21.19  ? 6   C   D C4    1 
ATOM   1019 N N4    . C   D 1 6  ? -3.006  27.620  12.198  1.00 19.84  ? 6   C   D N4    1 
ATOM   1020 C C5    . C   D 1 6  ? -1.523  28.771  13.675  1.00 18.42  ? 6   C   D C5    1 
ATOM   1021 C C6    . C   D 1 6  ? -0.386  28.716  14.387  1.00 19.61  ? 6   C   D C6    1 
ATOM   1022 P P     . U   D 1 7  ? 4.573   30.572  12.958  1.00 23.15  ? 7   U   D P     1 
ATOM   1023 O OP1   . U   D 1 7  ? 5.933   31.206  13.116  1.00 23.58  ? 7   U   D OP1   1 
ATOM   1024 O OP2   . U   D 1 7  ? 3.477   31.332  12.363  1.00 22.27  ? 7   U   D OP2   1 
ATOM   1025 O "O5'" . U   D 1 7  ? 4.758   29.282  12.034  1.00 21.99  ? 7   U   D "O5'" 1 
ATOM   1026 C "C5'" . U   D 1 7  ? 5.685   28.234  12.324  1.00 22.95  ? 7   U   D "C5'" 1 
ATOM   1027 C "C4'" . U   D 1 7  ? 5.485   27.085  11.343  1.00 21.58  ? 7   U   D "C4'" 1 
ATOM   1028 O "O4'" . U   D 1 7  ? 4.218   26.422  11.600  1.00 21.72  ? 7   U   D "O4'" 1 
ATOM   1029 C "C3'" . U   D 1 7  ? 5.365   27.489  9.870   1.00 21.67  ? 7   U   D "C3'" 1 
ATOM   1030 O "O3'" . U   D 1 7  ? 6.633   27.670  9.247   1.00 23.35  ? 7   U   D "O3'" 1 
ATOM   1031 C "C2'" . U   D 1 7  ? 4.710   26.258  9.298   1.00 19.29  ? 7   U   D "C2'" 1 
ATOM   1032 O "O2'" . U   D 1 7  ? 5.626   25.173  9.295   1.00 23.25  ? 7   U   D "O2'" 1 
ATOM   1033 C "C1'" . U   D 1 7  ? 3.659   25.988  10.355  1.00 19.88  ? 7   U   D "C1'" 1 
ATOM   1034 N N1    . U   D 1 7  ? 2.367   26.654  10.138  1.00 21.08  ? 7   U   D N1    1 
ATOM   1035 C C2    . U   D 1 7  ? 1.484   26.006  9.289   1.00 20.50  ? 7   U   D C2    1 
ATOM   1036 O O2    . U   D 1 7  ? 1.786   25.004  8.661   1.00 20.33  ? 7   U   D O2    1 
ATOM   1037 N N3    . U   D 1 7  ? 0.250   26.592  9.187   1.00 18.87  ? 7   U   D N3    1 
ATOM   1038 C C4    . U   D 1 7  ? -0.173  27.755  9.794   1.00 19.92  ? 7   U   D C4    1 
ATOM   1039 O O4    . U   D 1 7  ? -1.324  28.155  9.601   1.00 19.68  ? 7   U   D O4    1 
ATOM   1040 C C5    . U   D 1 7  ? 0.794   28.362  10.664  1.00 18.95  ? 7   U   D C5    1 
ATOM   1041 C C6    . U   D 1 7  ? 2.013   27.822  10.774  1.00 19.20  ? 7   U   D C6    1 
ATOM   1042 P P     . U   D 1 8  ? 6.779   28.690  8.049   1.00 23.85  ? 8   U   D P     1 
ATOM   1043 O OP1   . U   D 1 8  ? 8.248   28.843  7.816   1.00 23.23  ? 8   U   D OP1   1 
ATOM   1044 O OP2   . U   D 1 8  ? 5.995   29.934  8.311   1.00 21.41  ? 8   U   D OP2   1 
ATOM   1045 O "O5'" . U   D 1 8  ? 6.013   27.964  6.848   1.00 21.42  ? 8   U   D "O5'" 1 
ATOM   1046 C "C5'" . U   D 1 8  ? 6.534   26.754  6.286   1.00 22.81  ? 8   U   D "C5'" 1 
ATOM   1047 C "C4'" . U   D 1 8  ? 5.551   26.126  5.332   1.00 22.64  ? 8   U   D "C4'" 1 
ATOM   1048 O "O4'" . U   D 1 8  ? 4.315   25.697  6.000   1.00 22.52  ? 8   U   D "O4'" 1 
ATOM   1049 C "C3'" . U   D 1 8  ? 5.070   27.032  4.220   1.00 23.39  ? 8   U   D "C3'" 1 
ATOM   1050 O "O3'" . U   D 1 8  ? 6.098   27.112  3.236   1.00 22.75  ? 8   U   D "O3'" 1 
ATOM   1051 C "C2'" . U   D 1 8  ? 3.817   26.308  3.763   1.00 22.42  ? 8   U   D "C2'" 1 
ATOM   1052 O "O2'" . U   D 1 8  ? 4.127   25.170  2.997   1.00 23.81  ? 8   U   D "O2'" 1 
ATOM   1053 C "C1'" . U   D 1 8  ? 3.222   25.909  5.105   1.00 20.39  ? 8   U   D "C1'" 1 
ATOM   1054 N N1    . U   D 1 8  ? 2.334   26.948  5.647   1.00 20.71  ? 8   U   D N1    1 
ATOM   1055 C C2    . U   D 1 8  ? 1.029   26.911  5.183   1.00 20.45  ? 8   U   D C2    1 
ATOM   1056 O O2    . U   D 1 8  ? 0.655   26.111  4.358   1.00 18.86  ? 8   U   D O2    1 
ATOM   1057 N N3    . U   D 1 8  ? 0.202   27.871  5.702   1.00 18.82  ? 8   U   D N3    1 
ATOM   1058 C C4    . U   D 1 8  ? 0.538   28.882  6.569   1.00 20.46  ? 8   U   D C4    1 
ATOM   1059 O O4    . U   D 1 8  ? -0.333  29.670  6.938   1.00 21.95  ? 8   U   D O4    1 
ATOM   1060 C C5    . U   D 1 8  ? 1.901   28.853  7.024   1.00 19.69  ? 8   U   D C5    1 
ATOM   1061 C C6    . U   D 1 8  ? 2.732   27.904  6.563   1.00 19.54  ? 8   U   D C6    1 
ATOM   1062 P P     . A   D 1 9  ? 6.287   28.453  2.448   1.00 25.11  ? 9   A   D P     1 
ATOM   1063 O OP1   . A   D 1 9  ? 7.460   28.279  1.524   1.00 28.25  ? 9   A   D OP1   1 
ATOM   1064 O OP2   . A   D 1 9  ? 6.223   29.588  3.380   1.00 28.64  ? 9   A   D OP2   1 
ATOM   1065 O "O5'" . A   D 1 9  ? 4.995   28.495  1.535   1.00 20.86  ? 9   A   D "O5'" 1 
ATOM   1066 C "C5'" . A   D 1 9  ? 4.871   27.577  0.417   1.00 24.10  ? 9   A   D "C5'" 1 
ATOM   1067 C "C4'" . A   D 1 9  ? 3.559   27.769  -0.320  1.00 22.09  ? 9   A   D "C4'" 1 
ATOM   1068 O "O4'" . A   D 1 9  ? 2.448   27.340  0.496   1.00 21.48  ? 9   A   D "O4'" 1 
ATOM   1069 C "C3'" . A   D 1 9  ? 3.183   29.195  -0.694  1.00 23.59  ? 9   A   D "C3'" 1 
ATOM   1070 O "O3'" . A   D 1 9  ? 3.896   29.579  -1.846  1.00 27.60  ? 9   A   D "O3'" 1 
ATOM   1071 C "C2'" . A   D 1 9  ? 1.699   29.046  -0.957  1.00 22.06  ? 9   A   D "C2'" 1 
ATOM   1072 O "O2'" . A   D 1 9  ? 1.480   28.279  -2.126  1.00 20.91  ? 9   A   D "O2'" 1 
ATOM   1073 C "C1'" . A   D 1 9  ? 1.314   28.125  0.200   1.00 21.11  ? 9   A   D "C1'" 1 
ATOM   1074 N N9    . A   D 1 9  ? 0.967   28.881  1.385   1.00 19.73  ? 9   A   D N9    1 
ATOM   1075 C C8    . A   D 1 9  ? 1.742   29.255  2.459   1.00 22.87  ? 9   A   D C8    1 
ATOM   1076 N N7    . A   D 1 9  ? 1.098   29.985  3.341   1.00 22.96  ? 9   A   D N7    1 
ATOM   1077 C C5    . A   D 1 9  ? -0.185  30.097  2.809   1.00 19.08  ? 9   A   D C5    1 
ATOM   1078 C C6    . A   D 1 9  ? -1.353  30.701  3.287   1.00 17.32  ? 9   A   D C6    1 
ATOM   1079 N N6    . A   D 1 9  ? -1.412  31.381  4.430   1.00 20.43  ? 9   A   D N6    1 
ATOM   1080 N N1    . A   D 1 9  ? -2.460  30.646  2.509   1.00 16.66  ? 9   A   D N1    1 
ATOM   1081 C C2    . A   D 1 9  ? -2.400  29.966  1.355   1.00 21.16  ? 9   A   D C2    1 
ATOM   1082 N N3    . A   D 1 9  ? -1.360  29.331  0.807   1.00 19.11  ? 9   A   D N3    1 
ATOM   1083 C C4    . A   D 1 9  ? -0.273  29.435  1.599   1.00 20.88  ? 9   A   D C4    1 
ATOM   1084 P P     . A   D 1 10 ? 4.242   31.112  -2.124  1.00 32.04  ? 10  A   D P     1 
ATOM   1085 O OP1   . A   D 1 10 ? 5.066   31.188  -3.357  1.00 35.57  ? 10  A   D OP1   1 
ATOM   1086 O OP2   . A   D 1 10 ? 4.579   31.789  -0.906  1.00 25.79  ? 10  A   D OP2   1 
ATOM   1087 O "O5'" . A   D 1 10 ? 2.849   31.816  -2.489  1.00 21.97  ? 10  A   D "O5'" 1 
ATOM   1088 C "C5'" . A   D 1 10 ? 2.174   31.451  -3.670  1.00 22.46  ? 10  A   D "C5'" 1 
ATOM   1089 C "C4'" . A   D 1 10 ? 0.770   31.979  -3.639  1.00 22.26  ? 10  A   D "C4'" 1 
ATOM   1090 O "O4'" . A   D 1 10 ? 0.038   31.385  -2.559  1.00 20.45  ? 10  A   D "O4'" 1 
ATOM   1091 C "C3'" . A   D 1 10 ? 0.616   33.481  -3.431  1.00 25.14  ? 10  A   D "C3'" 1 
ATOM   1092 O "O3'" . A   D 1 10 ? 0.872   34.158  -4.644  1.00 25.91  ? 10  A   D "O3'" 1 
ATOM   1093 C "C2'" . A   D 1 10 ? -0.840  33.541  -3.000  1.00 22.66  ? 10  A   D "C2'" 1 
ATOM   1094 O "O2'" . A   D 1 10 ? -1.744  33.339  -4.085  1.00 23.19  ? 10  A   D "O2'" 1 
ATOM   1095 C "C1'" . A   D 1 10 ? -0.908  32.329  -2.062  1.00 22.03  ? 10  A   D "C1'" 1 
ATOM   1096 N N9    . A   D 1 10 ? -0.541  32.680  -0.684  1.00 20.76  ? 10  A   D N9    1 
ATOM   1097 C C8    . A   D 1 10 ? 0.656   32.608  -0.015  1.00 20.02  ? 10  A   D C8    1 
ATOM   1098 N N7    . A   D 1 10 ? 0.605   33.084  1.213   1.00 20.22  ? 10  A   D N7    1 
ATOM   1099 C C5    . A   D 1 10 ? -0.726  33.461  1.363   1.00 19.36  ? 10  A   D C5    1 
ATOM   1100 C C6    . A   D 1 10 ? -1.418  34.062  2.425   1.00 20.15  ? 10  A   D C6    1 
ATOM   1101 N N6    . A   D 1 10 ? -0.856  34.328  3.594   1.00 19.62  ? 10  A   D N6    1 
ATOM   1102 N N1    . A   D 1 10 ? -2.739  34.320  2.261   1.00 20.20  ? 10  A   D N1    1 
ATOM   1103 C C2    . A   D 1 10 ? -3.291  34.063  1.075   1.00 17.12  ? 10  A   D C2    1 
ATOM   1104 N N3    . A   D 1 10 ? -2.735  33.503  -0.019  1.00 19.56  ? 10  A   D N3    1 
ATOM   1105 C C4    . A   D 1 10 ? -1.430  33.253  0.194   1.00 20.33  ? 10  A   D C4    1 
ATOM   1106 P P     . G   D 1 11 ? 1.388   35.655  -4.633  1.00 27.15  ? 11  G   D P     1 
ATOM   1107 O OP1   . G   D 1 11 ? 1.567   36.067  -6.032  1.00 25.53  ? 11  G   D OP1   1 
ATOM   1108 O OP2   . G   D 1 11 ? 2.438   35.813  -3.622  1.00 23.04  ? 11  G   D OP2   1 
ATOM   1109 O "O5'" . G   D 1 11 ? 0.252   36.514  -3.876  1.00 26.05  ? 11  G   D "O5'" 1 
ATOM   1110 C "C5'" . G   D 1 11 ? -0.929  36.818  -4.613  1.00 23.72  ? 11  G   D "C5'" 1 
ATOM   1111 C "C4'" . G   D 1 11 ? -2.009  37.476  -3.762  1.00 21.40  ? 11  G   D "C4'" 1 
ATOM   1112 O "O4'" . G   D 1 11 ? -2.403  36.577  -2.687  1.00 20.38  ? 11  G   D "O4'" 1 
ATOM   1113 C "C3'" . G   D 1 11 ? -1.741  38.800  -3.045  1.00 21.23  ? 11  G   D "C3'" 1 
ATOM   1114 O "O3'" . G   D 1 11 ? -1.851  39.882  -3.974  1.00 23.04  ? 11  G   D "O3'" 1 
ATOM   1115 C "C2'" . G   D 1 11 ? -2.923  38.805  -2.089  1.00 18.89  ? 11  G   D "C2'" 1 
ATOM   1116 O "O2'" . G   D 1 11 ? -4.106  38.953  -2.869  1.00 21.11  ? 11  G   D "O2'" 1 
ATOM   1117 C "C1'" . G   D 1 11 ? -2.858  37.361  -1.583  1.00 21.64  ? 11  G   D "C1'" 1 
ATOM   1118 N N9    . G   D 1 11 ? -1.976  37.189  -0.420  1.00 19.48  ? 11  G   D N9    1 
ATOM   1119 C C8    . G   D 1 11 ? -0.679  36.736  -0.340  1.00 20.09  ? 11  G   D C8    1 
ATOM   1120 N N7    . G   D 1 11 ? -0.185  36.804  0.872   1.00 20.39  ? 11  G   D N7    1 
ATOM   1121 C C5    . G   D 1 11 ? -1.226  37.319  1.634   1.00 17.65  ? 11  G   D C5    1 
ATOM   1122 C C6    . G   D 1 11 ? -1.294  37.623  3.026   1.00 20.13  ? 11  G   D C6    1 
ATOM   1123 O O6    . G   D 1 11 ? -0.447  37.427  3.909   1.00 20.49  ? 11  G   D O6    1 
ATOM   1124 N N1    . G   D 1 11 ? -2.524  38.149  3.370   1.00 16.85  ? 11  G   D N1    1 
ATOM   1125 C C2    . G   D 1 11 ? -3.547  38.424  2.498   1.00 18.12  ? 11  G   D C2    1 
ATOM   1126 N N2    . G   D 1 11 ? -4.641  38.988  3.037   1.00 15.88  ? 11  G   D N2    1 
ATOM   1127 N N3    . G   D 1 11 ? -3.506  38.160  1.200   1.00 19.65  ? 11  G   D N3    1 
ATOM   1128 C C4    . G   D 1 11 ? -2.315  37.617  0.839   1.00 19.98  ? 11  G   D C4    1 
ATOM   1129 P P     . U   D 1 12 ? -1.183  41.320  -3.735  1.00 23.70  ? 12  U   D P     1 
ATOM   1130 O OP1   . U   D 1 12 ? -1.256  42.065  -5.005  1.00 25.13  ? 12  U   D OP1   1 
ATOM   1131 O OP2   . U   D 1 12 ? 0.134   41.130  -3.124  1.00 22.65  ? 12  U   D OP2   1 
ATOM   1132 O "O5'" . U   D 1 12 ? -2.088  41.994  -2.619  1.00 23.07  ? 12  U   D "O5'" 1 
ATOM   1133 C "C5'" . U   D 1 12 ? -3.424  42.418  -2.897  1.00 23.58  ? 12  U   D "C5'" 1 
ATOM   1134 C "C4'" . U   D 1 12 ? -4.071  42.858  -1.599  1.00 25.63  ? 12  U   D "C4'" 1 
ATOM   1135 O "O4'" . U   D 1 12 ? -4.170  41.743  -0.664  1.00 23.27  ? 12  U   D "O4'" 1 
ATOM   1136 C "C3'" . U   D 1 12 ? -3.316  43.912  -0.809  1.00 21.65  ? 12  U   D "C3'" 1 
ATOM   1137 O "O3'" . U   D 1 12 ? -3.618  45.165  -1.425  1.00 27.40  ? 12  U   D "O3'" 1 
ATOM   1138 C "C2'" . U   D 1 12 ? -3.984  43.756  0.549   1.00 23.57  ? 12  U   D "C2'" 1 
ATOM   1139 O "O2'" . U   D 1 12 ? -5.353  44.113  0.633   1.00 24.55  ? 12  U   D "O2'" 1 
ATOM   1140 C "C1'" . U   D 1 12 ? -4.025  42.231  0.664   1.00 21.89  ? 12  U   D "C1'" 1 
ATOM   1141 N N1    . U   D 1 12 ? -2.795  41.697  1.266   1.00 20.53  ? 12  U   D N1    1 
ATOM   1142 C C2    . U   D 1 12 ? -2.663  41.853  2.636   1.00 22.12  ? 12  U   D C2    1 
ATOM   1143 O O2    . U   D 1 12 ? -3.525  42.375  3.333   1.00 21.46  ? 12  U   D O2    1 
ATOM   1144 N N3    . U   D 1 12 ? -1.490  41.364  3.161   1.00 21.79  ? 12  U   D N3    1 
ATOM   1145 C C4    . U   D 1 12 ? -0.455  40.763  2.477   1.00 23.69  ? 12  U   D C4    1 
ATOM   1146 O O4    . U   D 1 12 ? 0.523   40.339  3.110   1.00 21.16  ? 12  U   D O4    1 
ATOM   1147 C C5    . U   D 1 12 ? -0.636  40.701  1.053   1.00 20.57  ? 12  U   D C5    1 
ATOM   1148 C C6    . U   D 1 12 ? -1.765  41.169  0.511   1.00 23.18  ? 12  U   D C6    1 
ATOM   1149 P P     . C   D 1 13 ? -2.577  46.357  -1.407  1.00 26.80  ? 13  C   D P     1 
ATOM   1150 O OP1   . C   D 1 13 ? -3.034  47.397  -2.399  1.00 28.44  ? 13  C   D OP1   1 
ATOM   1151 O OP2   . C   D 1 13 ? -1.197  45.865  -1.590  1.00 25.14  ? 13  C   D OP2   1 
ATOM   1152 O "O5'" . C   D 1 13 ? -2.687  46.894  0.102   1.00 23.15  ? 13  C   D "O5'" 1 
ATOM   1153 C "C5'" . C   D 1 13 ? -3.895  47.478  0.620   1.00 23.83  ? 13  C   D "C5'" 1 
ATOM   1154 C "C4'" . C   D 1 13 ? -3.884  47.477  2.124   1.00 24.51  ? 13  C   D "C4'" 1 
ATOM   1155 O "O4'" . C   D 1 13 ? -3.781  46.119  2.672   1.00 21.37  ? 13  C   D "O4'" 1 
ATOM   1156 C "C3'" . C   D 1 13 ? -2.765  48.249  2.797   1.00 22.16  ? 13  C   D "C3'" 1 
ATOM   1157 O "O3'" . C   D 1 13 ? -3.162  49.630  2.859   1.00 23.42  ? 13  C   D "O3'" 1 
ATOM   1158 C "C2'" . C   D 1 13 ? -2.814  47.654  4.198   1.00 20.50  ? 13  C   D "C2'" 1 
ATOM   1159 O "O2'" . C   D 1 13 ? -3.985  48.091  4.851   1.00 23.23  ? 13  C   D "O2'" 1 
ATOM   1160 C "C1'" . C   D 1 13 ? -2.998  46.169  3.870   1.00 22.30  ? 13  C   D "C1'" 1 
ATOM   1161 N N1    . C   D 1 13 ? -1.730  45.436  3.659   1.00 23.59  ? 13  C   D N1    1 
ATOM   1162 C C2    . C   D 1 13 ? -1.041  44.982  4.795   1.00 23.23  ? 13  C   D C2    1 
ATOM   1163 O O2    . C   D 1 13 ? -1.486  45.262  5.919   1.00 20.27  ? 13  C   D O2    1 
ATOM   1164 N N3    . C   D 1 13 ? 0.097   44.261  4.637   1.00 20.97  ? 13  C   D N3    1 
ATOM   1165 C C4    . C   D 1 13 ? 0.576   44.023  3.414   1.00 21.32  ? 13  C   D C4    1 
ATOM   1166 N N4    . C   D 1 13 ? 1.701   43.307  3.317   1.00 21.37  ? 13  C   D N4    1 
ATOM   1167 C C5    . C   D 1 13 ? -0.092  44.488  2.238   1.00 21.70  ? 13  C   D C5    1 
ATOM   1168 C C6    . C   D 1 13 ? -1.244  45.170  2.406   1.00 21.29  ? 13  C   D C6    1 
ATOM   1169 P P     . U   D 1 14 ? -2.074  50.775  2.780   1.00 27.35  ? 14  U   D P     1 
ATOM   1170 O OP1   . U   D 1 14 ? -2.813  52.093  2.833   1.00 28.79  ? 14  U   D OP1   1 
ATOM   1171 O OP2   . U   D 1 14 ? -1.109  50.503  1.711   1.00 27.06  ? 14  U   D OP2   1 
ATOM   1172 O "O5'" . U   D 1 14 ? -1.275  50.617  4.149   1.00 28.54  ? 14  U   D "O5'" 1 
ATOM   1173 C "C5'" . U   D 1 14 ? -1.943  50.919  5.385   1.00 27.45  ? 14  U   D "C5'" 1 
ATOM   1174 C "C4'" . U   D 1 14 ? -0.954  50.836  6.528   1.00 30.10  ? 14  U   D "C4'" 1 
ATOM   1175 O "O4'" . U   D 1 14 ? -0.723  49.446  6.863   1.00 25.09  ? 14  U   D "O4'" 1 
ATOM   1176 C "C3'" . U   D 1 14 ? 0.441   51.376  6.251   1.00 34.05  ? 14  U   D "C3'" 1 
ATOM   1177 O "O3'" . U   D 1 14 ? 0.527   52.811  6.286   1.00 36.42  ? 14  U   D "O3'" 1 
ATOM   1178 C "C2'" . U   D 1 14 ? 1.239   50.684  7.346   1.00 32.67  ? 14  U   D "C2'" 1 
ATOM   1179 O "O2'" . U   D 1 14 ? 1.051   51.350  8.585   1.00 42.21  ? 14  U   D "O2'" 1 
ATOM   1180 C "C1'" . U   D 1 14 ? 0.588   49.295  7.375   1.00 29.17  ? 14  U   D "C1'" 1 
ATOM   1181 N N1    . U   D 1 14 ? 1.320   48.258  6.608   1.00 24.10  ? 14  U   D N1    1 
ATOM   1182 C C2    . U   D 1 14 ? 2.320   47.576  7.283   1.00 24.02  ? 14  U   D C2    1 
ATOM   1183 O O2    . U   D 1 14 ? 2.579   47.783  8.456   1.00 24.76  ? 14  U   D O2    1 
ATOM   1184 N N3    . U   D 1 14 ? 2.998   46.641  6.530   1.00 21.58  ? 14  U   D N3    1 
ATOM   1185 C C4    . U   D 1 14 ? 2.816   46.349  5.199   1.00 21.28  ? 14  U   D C4    1 
ATOM   1186 O O4    . U   D 1 14 ? 3.549   45.518  4.647   1.00 27.06  ? 14  U   D O4    1 
ATOM   1187 C C5    . U   D 1 14 ? 1.787   47.117  4.561   1.00 22.90  ? 14  U   D C5    1 
ATOM   1188 C C6    . U   D 1 14 ? 1.090   48.020  5.269   1.00 22.54  ? 14  U   D C6    1 
HETATM 1189 O O1    . PZG E 2 .  ? -4.342  -45.286 0.739   1.00 23.20  ? 101 PZG A O1    1 
HETATM 1190 C C1    . PZG E 2 .  ? -3.198  -45.655 1.131   1.00 23.84  ? 101 PZG A C1    1 
HETATM 1191 N N1    . PZG E 2 .  ? -2.680  -44.904 2.220   1.00 22.58  ? 101 PZG A N1    1 
HETATM 1192 C C2    . PZG E 2 .  ? -1.451  -45.247 2.695   1.00 23.58  ? 101 PZG A C2    1 
HETATM 1193 N N2    . PZG E 2 .  ? -1.040  -44.547 3.710   1.00 23.04  ? 101 PZG A N2    1 
HETATM 1194 N N3    . PZG E 2 .  ? -0.715  -46.273 2.154   1.00 23.59  ? 101 PZG A N3    1 
HETATM 1195 C C3    . PZG E 2 .  ? -1.249  -46.950 1.138   1.00 23.66  ? 101 PZG A C3    1 
HETATM 1196 C C4    . PZG E 2 .  ? -2.450  -46.645 0.612   1.00 23.96  ? 101 PZG A C4    1 
HETATM 1197 N N4    . PZG E 2 .  ? -2.668  -47.548 -0.385  1.00 29.25  ? 101 PZG A N4    1 
HETATM 1198 C C5    . PZG E 2 .  ? -1.599  -48.348 -0.509  1.00 28.65  ? 101 PZG A C5    1 
HETATM 1199 N N5    . PZG E 2 .  ? -0.728  -47.976 0.461   1.00 28.88  ? 101 PZG A N5    1 
HETATM 1200 C C6    . PZG E 2 .  ? 0.629   -48.523 0.769   1.00 31.34  ? 101 PZG A C6    1 
HETATM 1201 O O2    . PZG E 2 .  ? 0.701   -49.565 -0.161  1.00 33.24  ? 101 PZG A O2    1 
HETATM 1202 C C7    . PZG E 2 .  ? 0.847   -49.141 2.188   1.00 37.19  ? 101 PZG A C7    1 
HETATM 1203 O O3    . PZG E 2 .  ? 2.228   -49.085 2.555   1.00 34.34  ? 101 PZG A O3    1 
HETATM 1204 C C8    . PZG E 2 .  ? 0.430   -50.574 1.947   1.00 37.84  ? 101 PZG A C8    1 
HETATM 1205 O O4    . PZG E 2 .  ? 0.848   -51.468 3.029   1.00 37.23  ? 101 PZG A O4    1 
HETATM 1206 C C9    . PZG E 2 .  ? 1.165   -50.759 0.614   1.00 45.43  ? 101 PZG A C9    1 
HETATM 1207 C C10   . PZG E 2 .  ? 0.778   -52.077 -0.055  1.00 56.73  ? 101 PZG A C10   1 
HETATM 1208 O O5    . PZG E 2 .  ? -0.131  -51.792 -1.140  1.00 75.25  ? 101 PZG A O5    1 
HETATM 1209 P P1    . PZG E 2 .  ? -1.534  -52.527 -1.437  1.00 102.29 ? 101 PZG A P1    1 
HETATM 1210 O O6    . PZG E 2 .  ? -1.246  -53.412 -2.805  1.00 85.90  ? 101 PZG A O6    1 
HETATM 1211 O O7    . PZG E 2 .  ? -2.447  -51.407 -1.729  1.00 90.08  ? 101 PZG A O7    1 
HETATM 1212 C C11   . PZG E 2 .  ? -1.768  -53.579 0.020   1.00 95.89  ? 101 PZG A C11   1 
HETATM 1213 C C12   . PZG E 2 .  ? -1.757  -53.152 1.284   1.00 96.06  ? 101 PZG A C12   1 
HETATM 1214 N N6    . PZG E 2 .  ? -1.911  -54.222 2.053   1.00 97.16  ? 101 PZG A N6    1 
HETATM 1215 N N7    . PZG E 2 .  ? -2.014  -55.276 1.290   1.00 97.10  ? 101 PZG A N7    1 
HETATM 1216 C C13   . PZG E 2 .  ? -1.916  -54.891 0.021   1.00 96.12  ? 101 PZG A C13   1 
HETATM 1217 C C14   . PZG E 2 .  ? -1.987  -55.799 -1.221  1.00 91.71  ? 101 PZG A C14   1 
HETATM 1218 O O1    . PZG F 2 .  ? -1.189  -48.339 5.101   1.00 39.89  ? 102 PZG A O1    1 
HETATM 1219 C C1    . PZG F 2 .  ? -2.299  -47.887 4.813   1.00 32.97  ? 102 PZG A C1    1 
HETATM 1220 N N1    . PZG F 2 .  ? -2.776  -46.846 5.554   1.00 31.62  ? 102 PZG A N1    1 
HETATM 1221 C C2    . PZG F 2 .  ? -4.004  -46.273 5.273   1.00 27.68  ? 102 PZG A C2    1 
HETATM 1222 N N2    . PZG F 2 .  ? -4.392  -45.306 6.079   1.00 28.15  ? 102 PZG A N2    1 
HETATM 1223 N N3    . PZG F 2 .  ? -4.763  -46.760 4.302   1.00 28.58  ? 102 PZG A N3    1 
HETATM 1224 C C3    . PZG F 2 .  ? -4.244  -47.773 3.586   1.00 29.78  ? 102 PZG A C3    1 
HETATM 1225 C C4    . PZG F 2 .  ? -3.042  -48.336 3.829   1.00 28.19  ? 102 PZG A C4    1 
HETATM 1226 N N4    . PZG F 2 .  ? -2.813  -49.325 2.949   1.00 27.62  ? 102 PZG A N4    1 
HETATM 1227 C C5    . PZG F 2 .  ? -3.901  -49.376 2.178   1.00 28.72  ? 102 PZG A C5    1 
HETATM 1228 N N5    . PZG F 2 .  ? -4.768  -48.400 2.543   1.00 33.98  ? 102 PZG A N5    1 
HETATM 1229 C C6    . PZG F 2 .  ? -6.109  -48.059 2.049   1.00 45.94  ? 102 PZG A C6    1 
HETATM 1230 O O2    . PZG F 2 .  ? -6.905  -49.228 2.550   1.00 58.06  ? 102 PZG A O2    1 
HETATM 1231 C C7    . PZG F 2 .  ? -6.244  -48.069 0.539   1.00 56.64  ? 102 PZG A C7    1 
HETATM 1232 O O3    . PZG F 2 .  ? -6.527  -46.742 0.018   1.00 60.84  ? 102 PZG A O3    1 
HETATM 1233 C C8    . PZG F 2 .  ? -7.464  -48.941 0.246   1.00 60.20  ? 102 PZG A C8    1 
HETATM 1234 O O4    . PZG F 2 .  ? -8.585  -48.105 0.126   1.00 56.43  ? 102 PZG A O4    1 
HETATM 1235 C C9    . PZG F 2 .  ? -7.662  -49.880 1.468   1.00 67.72  ? 102 PZG A C9    1 
HETATM 1236 C C10   . PZG F 2 .  ? -7.234  -51.352 1.172   1.00 81.88  ? 102 PZG A C10   1 
HETATM 1237 O O5    . PZG F 2 .  ? -7.020  -51.548 -0.253  1.00 111.20 ? 102 PZG A O5    1 
HETATM 1238 P P1    . PZG F 2 .  ? -5.551  -51.829 -0.955  1.00 143.69 ? 102 PZG A P1    1 
HETATM 1239 O O6    . PZG F 2 .  ? -5.807  -53.260 -1.626  1.00 140.68 ? 102 PZG A O6    1 
HETATM 1240 O O7    . PZG F 2 .  ? -4.550  -52.038 0.121   1.00 142.26 ? 102 PZG A O7    1 
HETATM 1241 C C11   . PZG F 2 .  ? -5.059  -50.634 -2.495  1.00 142.73 ? 102 PZG A C11   1 
HETATM 1242 C C12   . PZG F 2 .  ? -5.134  -49.302 -2.555  1.00 137.92 ? 102 PZG A C12   1 
HETATM 1243 N N6    . PZG F 2 .  ? -4.685  -48.920 -3.757  1.00 141.90 ? 102 PZG A N6    1 
HETATM 1244 N N7    . PZG F 2 .  ? -4.335  -49.915 -4.416  1.00 144.62 ? 102 PZG A N7    1 
HETATM 1245 C C13   . PZG F 2 .  ? -4.544  -51.006 -3.676  1.00 144.62 ? 102 PZG A C13   1 
HETATM 1246 C C14   . PZG F 2 .  ? -4.221  -52.431 -4.163  1.00 136.41 ? 102 PZG A C14   1 
HETATM 1247 O O1    . PZG G 2 .  ? 11.785  -20.628 -17.927 1.00 33.25  ? 101 PZG B O1    1 
HETATM 1248 C C1    . PZG G 2 .  ? 12.788  -20.925 -17.303 1.00 29.82  ? 101 PZG B C1    1 
HETATM 1249 N N1    . PZG G 2 .  ? 13.460  -22.035 -17.787 1.00 30.29  ? 101 PZG B N1    1 
HETATM 1250 C C2    . PZG G 2 .  ? 14.621  -22.456 -17.160 1.00 31.58  ? 101 PZG B C2    1 
HETATM 1251 N N2    . PZG G 2 .  ? 15.248  -23.487 -17.705 1.00 30.28  ? 101 PZG B N2    1 
HETATM 1252 N N3    . PZG G 2 .  ? 15.083  -21.819 -16.063 1.00 32.38  ? 101 PZG B N3    1 
HETATM 1253 C C3    . PZG G 2 .  ? 14.363  -20.771 -15.619 1.00 34.70  ? 101 PZG B C3    1 
HETATM 1254 C C4    . PZG G 2 .  ? 13.243  -20.325 -16.233 1.00 30.99  ? 101 PZG B C4    1 
HETATM 1255 N N4    . PZG G 2 .  ? 12.814  -19.269 -15.560 1.00 33.82  ? 101 PZG B N4    1 
HETATM 1256 C C5    . PZG G 2 .  ? 13.655  -19.083 -14.551 1.00 33.35  ? 101 PZG B C5    1 
HETATM 1257 N N5    . PZG G 2 .  ? 14.635  -19.988 -14.580 1.00 40.83  ? 101 PZG B N5    1 
HETATM 1258 C C6    . PZG G 2 .  ? 15.841  -20.116 -13.599 1.00 51.70  ? 101 PZG B C6    1 
HETATM 1259 O O2    . PZG G 2 .  ? 15.832  -19.093 -12.538 1.00 60.28  ? 101 PZG B O2    1 
HETATM 1260 C C7    . PZG G 2 .  ? 17.235  -19.990 -14.287 1.00 59.93  ? 101 PZG B C7    1 
HETATM 1261 O O3    . PZG G 2 .  ? 18.165  -21.027 -13.821 1.00 60.59  ? 101 PZG B O3    1 
HETATM 1262 C C8    . PZG G 2 .  ? 17.747  -18.553 -13.949 1.00 65.66  ? 101 PZG B C8    1 
HETATM 1263 O O4    . PZG G 2 .  ? 19.226  -18.509 -13.780 1.00 69.98  ? 101 PZG B O4    1 
HETATM 1264 C C9    . PZG G 2 .  ? 16.993  -18.190 -12.641 1.00 71.66  ? 101 PZG B C9    1 
HETATM 1265 C C10   . PZG G 2 .  ? 16.527  -16.703 -12.625 1.00 81.86  ? 101 PZG B C10   1 
HETATM 1266 O O5    . PZG G 2 .  ? 15.552  -16.418 -13.677 1.00 102.34 ? 101 PZG B O5    1 
HETATM 1267 P P1    . PZG G 2 .  ? 14.198  -15.473 -13.498 1.00 115.35 ? 101 PZG B P1    1 
HETATM 1268 O O6    . PZG G 2 .  ? 13.719  -15.872 -12.029 1.00 112.85 ? 101 PZG B O6    1 
HETATM 1269 O O7    . PZG G 2 .  ? 13.104  -15.878 -14.414 1.00 119.55 ? 101 PZG B O7    1 
HETATM 1270 C C11   . PZG G 2 .  ? 14.650  -13.787 -13.482 1.00 108.84 ? 101 PZG B C11   1 
HETATM 1271 C C12   . PZG G 2 .  ? 15.860  -13.336 -13.166 1.00 105.67 ? 101 PZG B C12   1 
HETATM 1272 N N6    . PZG G 2 .  ? 15.808  -12.011 -13.267 1.00 101.48 ? 101 PZG B N6    1 
HETATM 1273 N N7    . PZG G 2 .  ? 14.616  -11.661 -13.621 1.00 104.33 ? 101 PZG B N7    1 
HETATM 1274 C C13   . PZG G 2 .  ? 13.864  -12.746 -13.769 1.00 103.64 ? 101 PZG B C13   1 
HETATM 1275 C C14   . PZG G 2 .  ? 12.372  -12.737 -14.201 1.00 90.48  ? 101 PZG B C14   1 
HETATM 1276 O O1    . PZG H 2 .  ? 11.786  -19.026 -21.497 1.00 41.69  ? 102 PZG B O1    1 
HETATM 1277 C C1    . PZG H 2 .  ? 12.866  -19.548 -21.194 1.00 39.14  ? 102 PZG B C1    1 
HETATM 1278 N N1    . PZG H 2 .  ? 13.337  -20.628 -21.914 1.00 34.76  ? 102 PZG B N1    1 
HETATM 1279 C C2    . PZG H 2 .  ? 14.566  -21.159 -21.567 1.00 34.31  ? 102 PZG B C2    1 
HETATM 1280 N N2    . PZG H 2 .  ? 15.072  -22.160 -22.216 1.00 32.04  ? 102 PZG B N2    1 
HETATM 1281 N N3    . PZG H 2 .  ? 15.268  -20.668 -20.562 1.00 37.75  ? 102 PZG B N3    1 
HETATM 1282 C C3    . PZG H 2 .  ? 14.766  -19.637 -19.870 1.00 42.31  ? 102 PZG B C3    1 
HETATM 1283 C C4    . PZG H 2 .  ? 13.585  -19.079 -20.181 1.00 38.52  ? 102 PZG B C4    1 
HETATM 1284 N N4    . PZG H 2 .  ? 13.370  -18.073 -19.315 1.00 39.61  ? 102 PZG B N4    1 
HETATM 1285 C C5    . PZG H 2 .  ? 14.419  -18.007 -18.488 1.00 39.93  ? 102 PZG B C5    1 
HETATM 1286 N N5    . PZG H 2 .  ? 15.281  -18.982 -18.824 1.00 47.71  ? 102 PZG B N5    1 
HETATM 1287 C C6    . PZG H 2 .  ? 16.627  -19.386 -18.200 1.00 63.12  ? 102 PZG B C6    1 
HETATM 1288 O O2    . PZG H 2 .  ? 17.189  -18.341 -17.350 1.00 78.81  ? 102 PZG B O2    1 
HETATM 1289 C C7    . PZG H 2 .  ? 17.747  -19.812 -19.206 1.00 70.73  ? 102 PZG B C7    1 
HETATM 1290 O O3    . PZG H 2 .  ? 18.512  -20.886 -18.640 1.00 78.00  ? 102 PZG B O3    1 
HETATM 1291 C C8    . PZG H 2 .  ? 18.622  -18.613 -19.333 1.00 79.63  ? 102 PZG B C8    1 
HETATM 1292 O O4    . PZG H 2 .  ? 19.977  -19.037 -19.681 1.00 82.36  ? 102 PZG B O4    1 
HETATM 1293 C C9    . PZG H 2 .  ? 18.510  -17.968 -17.924 1.00 90.30  ? 102 PZG B C9    1 
HETATM 1294 C C10   . PZG H 2 .  ? 18.608  -16.431 -18.019 1.00 100.45 ? 102 PZG B C10   1 
HETATM 1295 O O5    . PZG H 2 .  ? 17.319  -15.878 -18.356 1.00 123.97 ? 102 PZG B O5    1 
HETATM 1296 P P1    . PZG H 2 .  ? 16.574  -14.695 -17.522 1.00 149.02 ? 102 PZG B P1    1 
HETATM 1297 O O6    . PZG H 2 .  ? 15.194  -15.130 -17.193 1.00 145.86 ? 102 PZG B O6    1 
HETATM 1298 O O7    . PZG H 2 .  ? 17.409  -14.578 -16.139 1.00 150.74 ? 102 PZG B O7    1 
HETATM 1299 C C11   . PZG H 2 .  ? 16.793  -13.175 -18.472 1.00 147.35 ? 102 PZG B C11   1 
HETATM 1300 C C12   . PZG H 2 .  ? 16.815  -13.113 -19.794 1.00 146.70 ? 102 PZG B C12   1 
HETATM 1301 N N6    . PZG H 2 .  ? 16.988  -11.827 -20.120 1.00 143.37 ? 102 PZG B N6    1 
HETATM 1302 N N7    . PZG H 2 .  ? 17.066  -11.128 -19.074 1.00 140.99 ? 102 PZG B N7    1 
HETATM 1303 C C13   . PZG H 2 .  ? 16.945  -11.934 -18.023 1.00 146.29 ? 102 PZG B C13   1 
HETATM 1304 C C14   . PZG H 2 .  ? 16.994  -11.478 -16.558 1.00 142.15 ? 102 PZG B C14   1 
HETATM 1305 O O1    . PZG I 2 .  ? 7.823   46.164  4.499   1.00 22.87  ? 101 PZG C O1    1 
HETATM 1306 C C1    . PZG I 2 .  ? 7.686   46.767  5.592   1.00 23.17  ? 101 PZG C C1    1 
HETATM 1307 N N1    . PZG I 2 .  ? 8.578   46.341  6.601   1.00 21.68  ? 101 PZG C N1    1 
HETATM 1308 C C2    . PZG I 2 .  ? 8.475   46.904  7.851   1.00 24.41  ? 101 PZG C C2    1 
HETATM 1309 N N2    . PZG I 2 .  ? 9.369   46.498  8.728   1.00 23.03  ? 101 PZG C N2    1 
HETATM 1310 N N3    . PZG I 2 .  ? 7.572   47.882  8.084   1.00 23.24  ? 101 PZG C N3    1 
HETATM 1311 C C3    . PZG I 2 .  ? 6.738   48.255  7.114   1.00 22.52  ? 101 PZG C C3    1 
HETATM 1312 C C4    . PZG I 2 .  ? 6.771   47.702  5.885   1.00 23.71  ? 101 PZG C C4    1 
HETATM 1313 N N4    . PZG I 2 .  ? 5.820   48.329  5.171   1.00 27.91  ? 101 PZG C N4    1 
HETATM 1314 C C5    . PZG I 2 .  ? 5.177   49.208  5.929   1.00 27.22  ? 101 PZG C C5    1 
HETATM 1315 N N5    . PZG I 2 .  ? 5.770   49.182  7.137   1.00 26.92  ? 101 PZG C N5    1 
HETATM 1316 C C6    . PZG I 2 .  ? 5.428   49.988  8.371   1.00 32.43  ? 101 PZG C C6    1 
HETATM 1317 O O2    . PZG I 2 .  ? 4.386   50.811  7.900   1.00 32.72  ? 101 PZG C O2    1 
HETATM 1318 C C7    . PZG I 2 .  ? 6.545   50.957  8.916   1.00 36.83  ? 101 PZG C C7    1 
HETATM 1319 O O3    . PZG I 2 .  ? 6.334   51.229  10.288  1.00 34.89  ? 101 PZG C O3    1 
HETATM 1320 C C8    . PZG I 2 .  ? 6.273   52.176  8.084   1.00 38.74  ? 101 PZG C C8    1 
HETATM 1321 O O4    . PZG I 2 .  ? 6.988   53.365  8.563   1.00 42.89  ? 101 PZG C O4    1 
HETATM 1322 C C9    . PZG I 2 .  ? 4.751   52.218  8.221   1.00 44.70  ? 101 PZG C C9    1 
HETATM 1323 C C10   . PZG I 2 .  ? 4.110   53.160  7.194   1.00 53.87  ? 101 PZG C C10   1 
HETATM 1324 O O5    . PZG I 2 .  ? 4.066   52.464  5.940   1.00 71.37  ? 101 PZG C O5    1 
HETATM 1325 P P1    . PZG I 2 .  ? 4.311   53.172  4.521   1.00 92.20  ? 101 PZG C P1    1 
HETATM 1326 O O6    . PZG I 2 .  ? 4.547   52.068  3.600   1.00 87.78  ? 101 PZG C O6    1 
HETATM 1327 O O7    . PZG I 2 .  ? 2.852   53.877  4.217   1.00 87.48  ? 101 PZG C O7    1 
HETATM 1328 C C11   . PZG I 2 .  ? 5.595   54.311  4.838   1.00 89.98  ? 101 PZG C C11   1 
HETATM 1329 C C12   . PZG I 2 .  ? 6.775   53.967  5.336   1.00 90.76  ? 101 PZG C C12   1 
HETATM 1330 N N6    . PZG I 2 .  ? 7.469   55.086  5.475   1.00 92.40  ? 101 PZG C N6    1 
HETATM 1331 N N7    . PZG I 2 .  ? 6.751   56.079  5.085   1.00 93.89  ? 101 PZG C N7    1 
HETATM 1332 C C13   . PZG I 2 .  ? 5.570   55.622  4.688   1.00 91.33  ? 101 PZG C C13   1 
HETATM 1333 C C14   . PZG I 2 .  ? 4.417   56.467  4.146   1.00 89.16  ? 101 PZG C C14   1 
HETATM 1334 O O1    . PZG J 2 .  ? 10.009  50.446  8.307   1.00 38.88  ? 102 PZG C O1    1 
HETATM 1335 C C1    . PZG J 2 .  ? 10.290  49.810  7.290   1.00 32.14  ? 102 PZG C C1    1 
HETATM 1336 N N1    . PZG J 2 .  ? 11.344  48.898  7.371   1.00 28.79  ? 102 PZG C N1    1 
HETATM 1337 C C2    . PZG J 2 .  ? 11.694  48.140  6.266   1.00 26.67  ? 102 PZG C C2    1 
HETATM 1338 N N2    . PZG J 2 .  ? 12.706  47.323  6.408   1.00 28.42  ? 102 PZG C N2    1 
HETATM 1339 N N3    . PZG J 2 .  ? 11.072  48.310  5.107   1.00 27.76  ? 102 PZG C N3    1 
HETATM 1340 C C3    . PZG J 2 .  ? 10.058  49.203  5.067   1.00 31.04  ? 102 PZG C C3    1 
HETATM 1341 C C4    . PZG J 2 .  ? 9.667   49.951  6.127   1.00 28.79  ? 102 PZG C C4    1 
HETATM 1342 N N4    . PZG J 2 .  ? 8.644   50.742  5.747   1.00 27.85  ? 102 PZG C N4    1 
HETATM 1343 C C5    . PZG J 2 .  ? 8.414   50.486  4.454   1.00 30.88  ? 102 PZG C C5    1 
HETATM 1344 N N5    . PZG J 2 .  ? 9.264   49.509  4.039   1.00 36.50  ? 102 PZG C N5    1 
HETATM 1345 C C6    . PZG J 2 .  ? 9.549   48.911  2.696   1.00 50.17  ? 102 PZG C C6    1 
HETATM 1346 O O2    . PZG J 2 .  ? 9.203   49.905  1.602   1.00 63.03  ? 102 PZG C O2    1 
HETATM 1347 C C7    . PZG J 2 .  ? 8.941   47.589  2.336   1.00 61.90  ? 102 PZG C C7    1 
HETATM 1348 O O3    . PZG J 2 .  ? 9.955   46.730  1.721   1.00 64.44  ? 102 PZG C O3    1 
HETATM 1349 C C8    . PZG J 2 .  ? 7.865   47.935  1.344   1.00 66.50  ? 102 PZG C C8    1 
HETATM 1350 O O4    . PZG J 2 .  ? 7.755   46.922  0.382   1.00 68.67  ? 102 PZG C O4    1 
HETATM 1351 C C9    . PZG J 2 .  ? 8.321   49.227  0.648   1.00 72.90  ? 102 PZG C C9    1 
HETATM 1352 C C10   . PZG J 2 .  ? 7.089   50.086  0.270   1.00 89.33  ? 102 PZG C C10   1 
HETATM 1353 O O5    . PZG J 2 .  ? 5.818   49.352  0.391   1.00 114.92 ? 102 PZG C O5    1 
HETATM 1354 P P1    . PZG J 2 .  ? 4.707   49.782  1.527   1.00 134.12 ? 102 PZG C P1    1 
HETATM 1355 O O6    . PZG J 2 .  ? 5.385   49.661  2.832   1.00 134.58 ? 102 PZG C O6    1 
HETATM 1356 O O7    . PZG J 2 .  ? 4.553   51.331  1.102   1.00 137.09 ? 102 PZG C O7    1 
HETATM 1357 C C11   . PZG J 2 .  ? 2.953   49.026  1.381   1.00 122.32 ? 102 PZG C C11   1 
HETATM 1358 C C12   . PZG J 2 .  ? 2.638   47.786  1.005   1.00 113.90 ? 102 PZG C C12   1 
HETATM 1359 N N6    . PZG J 2 .  ? 1.300   47.682  1.057   1.00 102.32 ? 102 PZG C N6    1 
HETATM 1360 N N7    . PZG J 2 .  ? 0.809   48.760  1.451   1.00 100.66 ? 102 PZG C N7    1 
HETATM 1361 C C13   . PZG J 2 .  ? 1.797   49.633  1.670   1.00 112.26 ? 102 PZG C C13   1 
HETATM 1362 C C14   . PZG J 2 .  ? 1.600   51.090  2.158   1.00 107.05 ? 102 PZG C C14   1 
HETATM 1363 O O1    . PZG K 2 .  ? -12.039 20.650  17.612  1.00 31.80  ? 101 PZG D O1    1 
HETATM 1364 C C1    . PZG K 2 .  ? -11.851 21.178  18.699  1.00 29.87  ? 101 PZG D C1    1 
HETATM 1365 N N1    . PZG K 2 .  ? -12.691 22.251  18.974  1.00 30.54  ? 101 PZG D N1    1 
HETATM 1366 C C2    . PZG K 2 .  ? -12.600 22.934  20.151  1.00 30.42  ? 101 PZG D C2    1 
HETATM 1367 N N2    . PZG K 2 .  ? -13.491 23.908  20.336  1.00 28.37  ? 101 PZG D N2    1 
HETATM 1368 N N3    . PZG K 2 .  ? -11.679 22.590  21.064  1.00 30.94  ? 101 PZG D N3    1 
HETATM 1369 C C3    . PZG K 2 .  ? -10.864 21.557  20.739  1.00 32.84  ? 101 PZG D C3    1 
HETATM 1370 C C4    . PZG K 2 .  ? -10.956 20.848  19.592  1.00 28.91  ? 101 PZG D C4    1 
HETATM 1371 N N4    . PZG K 2 .  ? -10.032 19.901  19.627  1.00 33.02  ? 101 PZG D N4    1 
HETATM 1372 C C5    . PZG K 2 .  ? -9.384  20.036  20.782  1.00 31.32  ? 101 PZG D C5    1 
HETATM 1373 N N5    . PZG K 2 .  ? -9.905  21.041  21.495  1.00 37.38  ? 101 PZG D N5    1 
HETATM 1374 C C6    . PZG K 2 .  ? -9.520  21.578  22.900  1.00 46.08  ? 101 PZG D C6    1 
HETATM 1375 O O2    . PZG K 2 .  ? -8.359  20.860  23.437  1.00 54.41  ? 101 PZG D O2    1 
HETATM 1376 C C7    . PZG K 2 .  ? -10.642 21.434  23.960  1.00 54.69  ? 101 PZG D C7    1 
HETATM 1377 O O3    . PZG K 2 .  ? -10.797 22.627  24.807  1.00 55.31  ? 101 PZG D O3    1 
HETATM 1378 C C8    . PZG K 2 .  ? -10.242 20.148  24.752  1.00 58.93  ? 101 PZG D C8    1 
HETATM 1379 O O4    . PZG K 2 .  ? -10.759 20.120  26.129  1.00 61.53  ? 101 PZG D O4    1 
HETATM 1380 C C9    . PZG K 2 .  ? -8.687  20.190  24.701  1.00 64.44  ? 101 PZG D C9    1 
HETATM 1381 C C10   . PZG K 2 .  ? -8.001  18.782  24.686  1.00 71.83  ? 101 PZG D C10   1 
HETATM 1382 O O5    . PZG K 2 .  ? -8.902  17.741  24.244  1.00 92.72  ? 101 PZG D O5    1 
HETATM 1383 P P1    . PZG K 2 .  ? -8.754  16.764  22.914  1.00 106.77 ? 101 PZG D P1    1 
HETATM 1384 O O6    . PZG K 2 .  ? -10.027 16.811  22.139  1.00 104.94 ? 101 PZG D O6    1 
HETATM 1385 O O7    . PZG K 2 .  ? -7.522  17.391  22.030  1.00 100.48 ? 101 PZG D O7    1 
HETATM 1386 C C11   . PZG K 2 .  ? -8.214  15.217  23.530  1.00 101.79 ? 101 PZG D C11   1 
HETATM 1387 C C12   . PZG K 2 .  ? -8.178  14.928  24.829  1.00 97.25  ? 101 PZG D C12   1 
HETATM 1388 N N6    . PZG K 2 .  ? -7.718  13.684  24.918  1.00 95.43  ? 101 PZG D N6    1 
HETATM 1389 N N7    . PZG K 2 .  ? -7.475  13.220  23.711  1.00 96.07  ? 101 PZG D N7    1 
HETATM 1390 C C13   . PZG K 2 .  ? -7.781  14.163  22.828  1.00 99.75  ? 101 PZG D C13   1 
HETATM 1391 C C14   . PZG K 2 .  ? -7.647  14.009  21.290  1.00 89.71  ? 101 PZG D C14   1 
HETATM 1392 O O1    . PZG L 2 .  ? -14.918 18.192  16.755  1.00 41.63  ? 102 PZG D O1    1 
HETATM 1393 C C1    . PZG L 2 .  ? -15.171 18.954  17.704  1.00 36.93  ? 102 PZG D C1    1 
HETATM 1394 N N1    . PZG L 2 .  ? -16.184 19.898  17.621  1.00 31.86  ? 102 PZG D N1    1 
HETATM 1395 C C2    . PZG L 2 .  ? -16.452 20.706  18.723  1.00 33.02  ? 102 PZG D C2    1 
HETATM 1396 N N2    . PZG L 2 .  ? -17.406 21.588  18.690  1.00 30.83  ? 102 PZG D N2    1 
HETATM 1397 N N3    . PZG L 2 .  ? -15.740 20.584  19.843  1.00 35.61  ? 102 PZG D N3    1 
HETATM 1398 C C3    . PZG L 2 .  ? -14.741 19.678  19.859  1.00 39.42  ? 102 PZG D C3    1 
HETATM 1399 C C4    . PZG L 2 .  ? -14.467 18.874  18.820  1.00 36.20  ? 102 PZG D C4    1 
HETATM 1400 N N4    . PZG L 2 .  ? -13.437 18.074  19.154  1.00 36.75  ? 102 PZG D N4    1 
HETATM 1401 C C5    . PZG L 2 .  ? -13.093 18.374  20.412  1.00 36.52  ? 102 PZG D C5    1 
HETATM 1402 N N5    . PZG L 2 .  ? -13.895 19.368  20.835  1.00 43.10  ? 102 PZG D N5    1 
HETATM 1403 C C6    . PZG L 2 .  ? -13.948 20.160  22.135  1.00 55.80  ? 102 PZG D C6    1 
HETATM 1404 O O2    . PZG L 2 .  ? -12.969 19.646  23.054  1.00 67.61  ? 102 PZG D O2    1 
HETATM 1405 C C7    . PZG L 2 .  ? -15.267 20.217  22.897  1.00 61.61  ? 102 PZG D C7    1 
HETATM 1406 O O3    . PZG L 2 .  ? -15.217 21.336  23.796  1.00 61.86  ? 102 PZG D O3    1 
HETATM 1407 C C8    . PZG L 2 .  ? -15.201 18.989  23.698  1.00 70.70  ? 102 PZG D C8    1 
HETATM 1408 O O4    . PZG L 2 .  ? -16.174 19.126  24.763  1.00 73.28  ? 102 PZG D O4    1 
HETATM 1409 C C9    . PZG L 2 .  ? -13.716 19.091  24.166  1.00 78.50  ? 102 PZG D C9    1 
HETATM 1410 C C10   . PZG L 2 .  ? -12.937 17.788  24.287  1.00 88.13  ? 102 PZG D C10   1 
HETATM 1411 O O5    . PZG L 2 .  ? -13.763 16.680  24.570  1.00 102.82 ? 102 PZG D O5    1 
HETATM 1412 P P1    . PZG L 2 .  ? -13.016 15.290  24.840  1.00 123.86 ? 102 PZG D P1    1 
HETATM 1413 O O6    . PZG L 2 .  ? -14.133 14.583  25.765  1.00 116.10 ? 102 PZG D O6    1 
HETATM 1414 O O7    . PZG L 2 .  ? -11.762 15.514  25.622  1.00 113.30 ? 102 PZG D O7    1 
HETATM 1415 C C11   . PZG L 2 .  ? -12.915 14.449  23.236  1.00 120.34 ? 102 PZG D C11   1 
HETATM 1416 C C12   . PZG L 2 .  ? -12.724 15.064  22.072  1.00 119.09 ? 102 PZG D C12   1 
HETATM 1417 N N6    . PZG L 2 .  ? -12.704 14.124  21.128  1.00 116.80 ? 102 PZG D N6    1 
HETATM 1418 N N7    . PZG L 2 .  ? -12.877 12.989  21.670  1.00 116.66 ? 102 PZG D N7    1 
HETATM 1419 C C13   . PZG L 2 .  ? -13.013 13.147  22.985  1.00 117.72 ? 102 PZG D C13   1 
HETATM 1420 C C14   . PZG L 2 .  ? -13.232 12.003  23.997  1.00 110.67 ? 102 PZG D C14   1 
HETATM 1421 O O     . HOH M 3 .  ? -3.992  -43.694 8.478   1.00 33.07  ? 201 HOH A O     1 
HETATM 1422 O O     . HOH M 3 .  ? -4.687  -38.344 2.215   1.00 33.77  ? 202 HOH A O     1 
HETATM 1423 O O     . HOH M 3 .  ? -6.531  -26.545 -20.305 0.33 19.25  ? 203 HOH A O     1 
HETATM 1424 O O     . HOH M 3 .  ? 0.917   -40.282 -19.874 1.00 35.24  ? 204 HOH A O     1 
HETATM 1425 O O     . HOH M 3 .  ? 4.578   -23.303 -15.093 1.00 31.35  ? 205 HOH A O     1 
HETATM 1426 O O     . HOH M 3 .  ? 1.508   -33.060 -11.821 1.00 32.39  ? 206 HOH A O     1 
HETATM 1427 O O     . HOH M 3 .  ? 3.840   -43.873 -9.558  1.00 23.18  ? 207 HOH A O     1 
HETATM 1428 O O     . HOH M 3 .  ? -3.408  -40.262 -3.598  1.00 33.47  ? 208 HOH A O     1 
HETATM 1429 O O     . HOH M 3 .  ? -6.406  -27.773 -15.356 1.00 24.47  ? 209 HOH A O     1 
HETATM 1430 O O     . HOH M 3 .  ? -0.281  -32.569 -24.334 1.00 26.75  ? 210 HOH A O     1 
HETATM 1431 O O     . HOH M 3 .  ? 3.337   -34.794 -15.094 1.00 29.17  ? 211 HOH A O     1 
HETATM 1432 O O     . HOH M 3 .  ? 1.526   -31.165 -15.441 1.00 29.29  ? 212 HOH A O     1 
HETATM 1433 O O     . HOH M 3 .  ? -4.985  -23.785 -21.773 0.33 23.23  ? 213 HOH A O     1 
HETATM 1434 O O     . HOH M 3 .  ? -4.086  -40.041 0.071   1.00 31.34  ? 214 HOH A O     1 
HETATM 1435 O O     . HOH M 3 .  ? 9.480   -41.168 -8.824  1.00 23.58  ? 215 HOH A O     1 
HETATM 1436 O O     . HOH M 3 .  ? -3.514  -17.001 -10.892 1.00 32.61  ? 216 HOH A O     1 
HETATM 1437 O O     . HOH M 3 .  ? 1.045   -35.788 -6.527  1.00 27.29  ? 217 HOH A O     1 
HETATM 1438 O O     . HOH M 3 .  ? 4.374   -17.414 -13.495 1.00 32.08  ? 218 HOH A O     1 
HETATM 1439 O O     . HOH M 3 .  ? 5.626   -19.608 -14.910 1.00 31.06  ? 219 HOH A O     1 
HETATM 1440 O O     . HOH M 3 .  ? 8.855   -40.962 -1.874  0.33 30.89  ? 220 HOH A O     1 
HETATM 1441 O O     . HOH M 3 .  ? -7.999  -29.166 -18.915 0.33 43.27  ? 221 HOH A O     1 
HETATM 1442 O O     . HOH N 3 .  ? 3.213   -23.067 -3.341  1.00 34.88  ? 201 HOH B O     1 
HETATM 1443 O O     . HOH N 3 .  ? 9.400   -26.905 -21.008 1.00 31.28  ? 202 HOH B O     1 
HETATM 1444 O O     . HOH N 3 .  ? -6.473  -37.129 -7.531  1.00 30.41  ? 203 HOH B O     1 
HETATM 1445 O O     . HOH N 3 .  ? -12.507 -37.215 -14.640 0.33 19.89  ? 204 HOH B O     1 
HETATM 1446 O O     . HOH N 3 .  ? -13.941 -39.775 -13.277 0.33 20.27  ? 205 HOH B O     1 
HETATM 1447 O O     . HOH N 3 .  ? -4.456  -30.562 -4.678  1.00 27.91  ? 206 HOH B O     1 
HETATM 1448 O O     . HOH N 3 .  ? -3.770  -31.959 -7.068  1.00 26.88  ? 207 HOH B O     1 
HETATM 1449 O O     . HOH N 3 .  ? -5.080  -34.394 -7.371  1.00 29.09  ? 208 HOH B O     1 
HETATM 1450 O O     . HOH N 3 .  ? -8.993  -43.268 -15.808 1.00 31.64  ? 209 HOH B O     1 
HETATM 1451 O O     . HOH N 3 .  ? 8.468   -26.648 -15.688 1.00 27.34  ? 210 HOH B O     1 
HETATM 1452 O O     . HOH N 3 .  ? -7.797  -36.325 -15.262 1.00 38.06  ? 211 HOH B O     1 
HETATM 1453 O O     . HOH N 3 .  ? 9.167   -25.117 -18.658 1.00 33.62  ? 212 HOH B O     1 
HETATM 1454 O O     . HOH N 3 .  ? 8.260   -28.953 -12.294 1.00 27.03  ? 213 HOH B O     1 
HETATM 1455 O O     . HOH N 3 .  ? -7.003  -45.132 -8.659  1.00 30.65  ? 214 HOH B O     1 
HETATM 1456 O O     . HOH N 3 .  ? 8.219   -23.733 -4.881  1.00 24.64  ? 215 HOH B O     1 
HETATM 1457 O O     . HOH N 3 .  ? 1.597   -47.947 -12.058 1.00 30.43  ? 216 HOH B O     1 
HETATM 1458 O O     . HOH N 3 .  ? -5.814  -26.386 -12.590 1.00 30.30  ? 217 HOH B O     1 
HETATM 1459 O O     . HOH N 3 .  ? 4.730   -25.663 -0.279  1.00 28.64  ? 218 HOH B O     1 
HETATM 1460 O O     . HOH N 3 .  ? -6.145  -23.545 -9.074  1.00 35.11  ? 219 HOH B O     1 
HETATM 1461 O O     . HOH N 3 .  ? 10.371  -29.034 -2.311  1.00 25.92  ? 220 HOH B O     1 
HETATM 1462 O O     . HOH N 3 .  ? -0.274  -29.991 -4.734  1.00 25.76  ? 221 HOH B O     1 
HETATM 1463 O O     . HOH N 3 .  ? -10.812 -34.188 -16.247 0.33 38.30  ? 222 HOH B O     1 
HETATM 1464 O O     . HOH N 3 .  ? -3.199  -54.421 -6.467  1.00 50.03  ? 223 HOH B O     1 
HETATM 1465 O O     . HOH N 3 .  ? 9.138   -34.473 -12.812 1.00 18.88  ? 224 HOH B O     1 
HETATM 1466 O O     . HOH O 3 .  ? -6.056  25.796  10.532  1.00 27.08  ? 201 HOH C O     1 
HETATM 1467 O O     . HOH O 3 .  ? 14.961  46.436  7.965   1.00 29.95  ? 202 HOH C O     1 
HETATM 1468 O O     . HOH O 3 .  ? -4.031  32.440  7.872   1.00 31.78  ? 203 HOH C O     1 
HETATM 1469 O O     . HOH O 3 .  ? 10.308  39.744  6.230   1.00 38.64  ? 204 HOH C O     1 
HETATM 1470 O O     . HOH O 3 .  ? -7.648  23.201  -1.092  0.33 20.29  ? 205 HOH C O     1 
HETATM 1471 O O     . HOH O 3 .  ? -6.834  22.851  11.520  1.00 29.84  ? 206 HOH C O     1 
HETATM 1472 O O     . HOH O 3 .  ? -12.216 37.648  2.818   1.00 34.45  ? 207 HOH C O     1 
HETATM 1473 O O     . HOH O 3 .  ? 2.544   38.760  9.867   1.00 31.44  ? 208 HOH C O     1 
HETATM 1474 O O     . HOH O 3 .  ? -4.566  43.669  8.490   1.00 22.91  ? 209 HOH C O     1 
HETATM 1475 O O     . HOH O 3 .  ? -3.282  18.214  1.775   1.00 35.26  ? 210 HOH C O     1 
HETATM 1476 O O     . HOH O 3 .  ? 4.374   40.526  4.896   1.00 33.11  ? 211 HOH C O     1 
HETATM 1477 O O     . HOH O 3 .  ? 8.020   41.022  5.723   1.00 33.77  ? 212 HOH C O     1 
HETATM 1478 O O     . HOH O 3 .  ? -14.647 29.078  1.815   1.00 28.01  ? 213 HOH C O     1 
HETATM 1479 O O     . HOH O 3 .  ? -3.361  25.441  0.530   1.00 26.24  ? 214 HOH C O     1 
HETATM 1480 O O     . HOH O 3 .  ? -5.689  42.063  14.352  1.00 26.50  ? 215 HOH C O     1 
HETATM 1481 O O     . HOH O 3 .  ? -9.194  20.440  0.374   0.33 24.61  ? 216 HOH C O     1 
HETATM 1482 O O     . HOH O 3 .  ? -7.089  29.889  7.032   1.00 27.46  ? 217 HOH C O     1 
HETATM 1483 O O     . HOH O 3 .  ? -7.984  33.743  7.909   1.00 29.46  ? 218 HOH C O     1 
HETATM 1484 O O     . HOH O 3 .  ? 0.926   16.379  7.222   1.00 32.62  ? 219 HOH C O     1 
HETATM 1485 O O     . HOH O 3 .  ? -1.896  34.311  8.348   1.00 29.48  ? 220 HOH C O     1 
HETATM 1486 O O     . HOH O 3 .  ? 0.593   36.288  8.750   1.00 25.79  ? 221 HOH C O     1 
HETATM 1487 O O     . HOH O 3 .  ? -4.463  17.399  13.208  1.00 31.44  ? 222 HOH C O     1 
HETATM 1488 O O     . HOH O 3 .  ? 0.799   43.210  16.487  0.33 26.59  ? 223 HOH C O     1 
HETATM 1489 O O     . HOH O 3 .  ? 5.833   36.174  13.924  1.00 39.60  ? 224 HOH C O     1 
HETATM 1490 O O     . HOH P 3 .  ? 4.252   24.872  14.555  1.00 33.51  ? 201 HOH D O     1 
HETATM 1491 O O     . HOH P 3 .  ? -6.378  44.446  2.858   1.00 34.00  ? 202 HOH D O     1 
HETATM 1492 O O     . HOH P 3 .  ? -14.707 25.699  13.086  1.00 35.72  ? 203 HOH D O     1 
HETATM 1493 O O     . HOH P 3 .  ? -1.711  33.801  -6.723  0.33 20.20  ? 204 HOH D O     1 
HETATM 1494 O O     . HOH P 3 .  ? 0.358   43.662  -1.275  1.00 30.43  ? 205 HOH D O     1 
HETATM 1495 O O     . HOH P 3 .  ? -4.096  33.342  -2.364  1.00 38.53  ? 206 HOH D O     1 
HETATM 1496 O O     . HOH P 3 .  ? 2.432   31.690  5.014   1.00 26.82  ? 207 HOH D O     1 
HETATM 1497 O O     . HOH P 3 .  ? 2.342   33.773  3.243   1.00 29.22  ? 208 HOH D O     1 
HETATM 1498 O O     . HOH P 3 .  ? 5.081   30.699  5.635   1.00 28.84  ? 209 HOH D O     1 
HETATM 1499 O O     . HOH P 3 .  ? -6.585  29.375  14.751  1.00 28.13  ? 210 HOH D O     1 
HETATM 1500 O O     . HOH P 3 .  ? -0.252  36.406  -8.107  0.33 20.07  ? 211 HOH D O     1 
HETATM 1501 O O     . HOH P 3 .  ? 1.447   31.853  20.217  1.00 27.03  ? 212 HOH D O     1 
HETATM 1502 O O     . HOH P 3 .  ? -12.205 24.430  14.089  1.00 34.47  ? 213 HOH D O     1 
HETATM 1503 O O     . HOH P 3 .  ? -2.526  30.578  10.349  1.00 28.97  ? 214 HOH D O     1 
HETATM 1504 O O     . HOH P 3 .  ? -4.910  39.933  -5.375  1.00 31.76  ? 215 HOH D O     1 
HETATM 1505 O O     . HOH P 3 .  ? -9.363  26.501  14.179  1.00 28.63  ? 216 HOH D O     1 
HETATM 1506 O O     . HOH P 3 .  ? 0.798   25.947  18.490  1.00 22.12  ? 217 HOH D O     1 
HETATM 1507 O O     . HOH P 3 .  ? 6.568   23.779  2.600   1.00 32.66  ? 218 HOH D O     1 
HETATM 1508 O O     . HOH P 3 .  ? -0.905  24.728  2.392   1.00 28.27  ? 219 HOH D O     1 
HETATM 1509 O O     . HOH P 3 .  ? -10.185 34.424  14.650  1.00 30.03  ? 220 HOH D O     1 
HETATM 1510 O O     . HOH P 3 .  ? 2.896   22.762  4.031   1.00 33.94  ? 221 HOH D O     1 
HETATM 1511 O O     . HOH P 3 .  ? 3.390   30.727  9.450   1.00 26.12  ? 222 HOH D O     1 
# 
loop_
_pdbx_poly_seq_scheme.asym_id 
_pdbx_poly_seq_scheme.entity_id 
_pdbx_poly_seq_scheme.seq_id 
_pdbx_poly_seq_scheme.mon_id 
_pdbx_poly_seq_scheme.ndb_seq_num 
_pdbx_poly_seq_scheme.pdb_seq_num 
_pdbx_poly_seq_scheme.auth_seq_num 
_pdbx_poly_seq_scheme.pdb_mon_id 
_pdbx_poly_seq_scheme.auth_mon_id 
_pdbx_poly_seq_scheme.pdb_strand_id 
_pdbx_poly_seq_scheme.pdb_ins_code 
_pdbx_poly_seq_scheme.hetero 
A 1 1  LCC 1  1  1  LCC LCC A . n 
A 1 2  LCC 2  2  2  LCC LCC A . n 
A 1 3  LCA 3  3  3  LCA LCA A . n 
A 1 4  LCG 4  4  4  LCG LCG A . n 
A 1 5  A   5  5  5  A   A   A . n 
A 1 6  C   6  6  6  C   C   A . n 
A 1 7  U   7  7  7  U   U   A . n 
A 1 8  U   8  8  8  U   U   A . n 
A 1 9  A   9  9  9  A   A   A . n 
A 1 10 A   10 10 10 A   A   A . n 
A 1 11 G   11 11 11 G   G   A . n 
A 1 12 U   12 12 12 U   U   A . n 
A 1 13 C   13 13 13 C   C   A . n 
A 1 14 U   14 14 14 U   U   A . n 
B 1 1  LCC 1  1  1  LCC LCC B . n 
B 1 2  LCC 2  2  2  LCC LCC B . n 
B 1 3  LCA 3  3  3  LCA LCA B . n 
B 1 4  LCG 4  4  4  LCG LCG B . n 
B 1 5  A   5  5  5  A   A   B . n 
B 1 6  C   6  6  6  C   C   B . n 
B 1 7  U   7  7  7  U   U   B . n 
B 1 8  U   8  8  8  U   U   B . n 
B 1 9  A   9  9  9  A   A   B . n 
B 1 10 A   10 10 10 A   A   B . n 
B 1 11 G   11 11 11 G   G   B . n 
B 1 12 U   12 12 12 U   U   B . n 
B 1 13 C   13 13 13 C   C   B . n 
B 1 14 U   14 14 14 U   U   B . n 
C 1 1  LCC 1  1  1  LCC LCC C . n 
C 1 2  LCC 2  2  2  LCC LCC C . n 
C 1 3  LCA 3  3  3  LCA LCA C . n 
C 1 4  LCG 4  4  4  LCG LCG C . n 
C 1 5  A   5  5  5  A   A   C . n 
C 1 6  C   6  6  6  C   C   C . n 
C 1 7  U   7  7  7  U   U   C . n 
C 1 8  U   8  8  8  U   U   C . n 
C 1 9  A   9  9  9  A   A   C . n 
C 1 10 A   10 10 10 A   A   C . n 
C 1 11 G   11 11 11 G   G   C . n 
C 1 12 U   12 12 12 U   U   C . n 
C 1 13 C   13 13 13 C   C   C . n 
C 1 14 U   14 14 14 U   U   C . n 
D 1 1  LCC 1  1  1  LCC LCC D . n 
D 1 2  LCC 2  2  2  LCC LCC D . n 
D 1 3  LCA 3  3  3  LCA LCA D . n 
D 1 4  LCG 4  4  4  LCG LCG D . n 
D 1 5  A   5  5  5  A   A   D . n 
D 1 6  C   6  6  6  C   C   D . n 
D 1 7  U   7  7  7  U   U   D . n 
D 1 8  U   8  8  8  U   U   D . n 
D 1 9  A   9  9  9  A   A   D . n 
D 1 10 A   10 10 10 A   A   D . n 
D 1 11 G   11 11 11 G   G   D . n 
D 1 12 U   12 12 12 U   U   D . n 
D 1 13 C   13 13 13 C   C   D . n 
D 1 14 U   14 14 14 U   U   D . n 
# 
loop_
_pdbx_nonpoly_scheme.asym_id 
_pdbx_nonpoly_scheme.entity_id 
_pdbx_nonpoly_scheme.mon_id 
_pdbx_nonpoly_scheme.ndb_seq_num 
_pdbx_nonpoly_scheme.pdb_seq_num 
_pdbx_nonpoly_scheme.auth_seq_num 
_pdbx_nonpoly_scheme.pdb_mon_id 
_pdbx_nonpoly_scheme.auth_mon_id 
_pdbx_nonpoly_scheme.pdb_strand_id 
_pdbx_nonpoly_scheme.pdb_ins_code 
E 2 PZG 1  101 3  PZG PZG A . 
F 2 PZG 1  102 4  PZG PZG A . 
G 2 PZG 1  101 1  PZG PZG B . 
H 2 PZG 1  102 2  PZG PZG B . 
I 2 PZG 1  101 7  PZG PZG C . 
J 2 PZG 1  102 8  PZG PZG C . 
K 2 PZG 1  101 5  PZG PZG D . 
L 2 PZG 1  102 6  PZG PZG D . 
M 3 HOH 1  201 1  HOH HOH A . 
M 3 HOH 2  202 54 HOH HOH A . 
M 3 HOH 3  203 13 HOH HOH A . 
M 3 HOH 4  204 62 HOH HOH A . 
M 3 HOH 5  205 64 HOH HOH A . 
M 3 HOH 6  206 61 HOH HOH A . 
M 3 HOH 7  207 3  HOH HOH A . 
M 3 HOH 8  208 55 HOH HOH A . 
M 3 HOH 9  209 12 HOH HOH A . 
M 3 HOH 10 210 63 HOH HOH A . 
M 3 HOH 11 211 9  HOH HOH A . 
M 3 HOH 12 212 8  HOH HOH A . 
M 3 HOH 13 213 14 HOH HOH A . 
M 3 HOH 14 214 2  HOH HOH A . 
M 3 HOH 15 215 4  HOH HOH A . 
M 3 HOH 16 216 60 HOH HOH A . 
M 3 HOH 17 217 5  HOH HOH A . 
M 3 HOH 18 218 67 HOH HOH A . 
M 3 HOH 19 219 66 HOH HOH A . 
M 3 HOH 20 220 10 HOH HOH A . 
M 3 HOH 21 221 89 HOH HOH A . 
N 3 HOH 1  201 68 HOH HOH B . 
N 3 HOH 2  202 65 HOH HOH B . 
N 3 HOH 3  203 56 HOH HOH B . 
N 3 HOH 4  204 22 HOH HOH B . 
N 3 HOH 5  205 23 HOH HOH B . 
N 3 HOH 6  206 57 HOH HOH B . 
N 3 HOH 7  207 6  HOH HOH B . 
N 3 HOH 8  208 7  HOH HOH B . 
N 3 HOH 9  209 24 HOH HOH B . 
N 3 HOH 10 210 16 HOH HOH B . 
N 3 HOH 11 211 90 HOH HOH B . 
N 3 HOH 12 212 15 HOH HOH B . 
N 3 HOH 13 213 17 HOH HOH B . 
N 3 HOH 14 214 25 HOH HOH B . 
N 3 HOH 15 215 18 HOH HOH B . 
N 3 HOH 16 216 92 HOH HOH B . 
N 3 HOH 17 217 58 HOH HOH B . 
N 3 HOH 18 218 21 HOH HOH B . 
N 3 HOH 19 219 11 HOH HOH B . 
N 3 HOH 20 220 20 HOH HOH B . 
N 3 HOH 21 221 69 HOH HOH B . 
N 3 HOH 22 222 91 HOH HOH B . 
N 3 HOH 23 223 70 HOH HOH B . 
N 3 HOH 24 224 19 HOH HOH B . 
O 3 HOH 1  201 81 HOH HOH C . 
O 3 HOH 2  202 26 HOH HOH C . 
O 3 HOH 3  203 79 HOH HOH C . 
O 3 HOH 4  204 71 HOH HOH C . 
O 3 HOH 5  205 36 HOH HOH C . 
O 3 HOH 6  206 44 HOH HOH C . 
O 3 HOH 7  207 76 HOH HOH C . 
O 3 HOH 8  208 73 HOH HOH C . 
O 3 HOH 9  209 29 HOH HOH C . 
O 3 HOH 10 210 82 HOH HOH C . 
O 3 HOH 11 211 72 HOH HOH C . 
O 3 HOH 12 212 27 HOH HOH C . 
O 3 HOH 13 213 78 HOH HOH C . 
O 3 HOH 14 214 35 HOH HOH C . 
O 3 HOH 15 215 28 HOH HOH C . 
O 3 HOH 16 216 37 HOH HOH C . 
O 3 HOH 17 217 33 HOH HOH C . 
O 3 HOH 18 218 34 HOH HOH C . 
O 3 HOH 19 219 39 HOH HOH C . 
O 3 HOH 20 220 32 HOH HOH C . 
O 3 HOH 21 221 31 HOH HOH C . 
O 3 HOH 22 222 43 HOH HOH C . 
O 3 HOH 23 223 30 HOH HOH C . 
O 3 HOH 24 224 74 HOH HOH C . 
P 3 HOH 1  201 83 HOH HOH D . 
P 3 HOH 2  202 52 HOH HOH D . 
P 3 HOH 3  203 84 HOH HOH D . 
P 3 HOH 4  204 50 HOH HOH D . 
P 3 HOH 5  205 53 HOH HOH D . 
P 3 HOH 6  206 88 HOH HOH D . 
P 3 HOH 7  207 47 HOH HOH D . 
P 3 HOH 8  208 48 HOH HOH D . 
P 3 HOH 9  209 87 HOH HOH D . 
P 3 HOH 10 210 41 HOH HOH D . 
P 3 HOH 11 211 49 HOH HOH D . 
P 3 HOH 12 212 85 HOH HOH D . 
P 3 HOH 13 213 45 HOH HOH D . 
P 3 HOH 14 214 75 HOH HOH D . 
P 3 HOH 15 215 51 HOH HOH D . 
P 3 HOH 16 216 40 HOH HOH D . 
P 3 HOH 17 217 42 HOH HOH D . 
P 3 HOH 18 218 77 HOH HOH D . 
P 3 HOH 19 219 80 HOH HOH D . 
P 3 HOH 20 220 46 HOH HOH D . 
P 3 HOH 21 221 38 HOH HOH D . 
P 3 HOH 22 222 86 HOH HOH D . 
# 
loop_
_pdbx_struct_assembly.id 
_pdbx_struct_assembly.details 
_pdbx_struct_assembly.method_details 
_pdbx_struct_assembly.oligomeric_details 
_pdbx_struct_assembly.oligomeric_count 
1 author_and_software_defined_assembly PISA dimeric 2 
2 author_and_software_defined_assembly PISA dimeric 2 
# 
loop_
_pdbx_struct_assembly_gen.assembly_id 
_pdbx_struct_assembly_gen.oper_expression 
_pdbx_struct_assembly_gen.asym_id_list 
1 1 A,B,E,F,G,H,M,N 
2 1 C,D,I,J,K,L,O,P 
# 
loop_
_pdbx_struct_assembly_prop.biol_id 
_pdbx_struct_assembly_prop.type 
_pdbx_struct_assembly_prop.value 
_pdbx_struct_assembly_prop.details 
1 'ABSA (A^2)' 2690 ? 
1 MORE         4    ? 
1 'SSA (A^2)'  5910 ? 
2 'ABSA (A^2)' 2710 ? 
2 MORE         4    ? 
2 'SSA (A^2)'  5910 ? 
# 
_pdbx_struct_oper_list.id                   1 
_pdbx_struct_oper_list.type                 'identity operation' 
_pdbx_struct_oper_list.name                 1_555 
_pdbx_struct_oper_list.symmetry_operation   x,y,z 
_pdbx_struct_oper_list.matrix[1][1]         1.0000000000 
_pdbx_struct_oper_list.matrix[1][2]         0.0000000000 
_pdbx_struct_oper_list.matrix[1][3]         0.0000000000 
_pdbx_struct_oper_list.vector[1]            0.0000000000 
_pdbx_struct_oper_list.matrix[2][1]         0.0000000000 
_pdbx_struct_oper_list.matrix[2][2]         1.0000000000 
_pdbx_struct_oper_list.matrix[2][3]         0.0000000000 
_pdbx_struct_oper_list.vector[2]            0.0000000000 
_pdbx_struct_oper_list.matrix[3][1]         0.0000000000 
_pdbx_struct_oper_list.matrix[3][2]         0.0000000000 
_pdbx_struct_oper_list.matrix[3][3]         1.0000000000 
_pdbx_struct_oper_list.vector[3]            0.0000000000 
# 
loop_
_pdbx_struct_special_symmetry.id 
_pdbx_struct_special_symmetry.PDB_model_num 
_pdbx_struct_special_symmetry.auth_asym_id 
_pdbx_struct_special_symmetry.auth_comp_id 
_pdbx_struct_special_symmetry.auth_seq_id 
_pdbx_struct_special_symmetry.PDB_ins_code 
_pdbx_struct_special_symmetry.label_asym_id 
_pdbx_struct_special_symmetry.label_comp_id 
_pdbx_struct_special_symmetry.label_seq_id 
1  1 A HOH 203 ? M HOH . 
2  1 A HOH 213 ? M HOH . 
3  1 A HOH 220 ? M HOH . 
4  1 A HOH 221 ? M HOH . 
5  1 B HOH 204 ? N HOH . 
6  1 B HOH 205 ? N HOH . 
7  1 B HOH 222 ? N HOH . 
8  1 C HOH 205 ? O HOH . 
9  1 C HOH 216 ? O HOH . 
10 1 C HOH 223 ? O HOH . 
11 1 D HOH 204 ? P HOH . 
12 1 D HOH 211 ? P HOH . 
# 
loop_
_pdbx_audit_revision_history.ordinal 
_pdbx_audit_revision_history.data_content_type 
_pdbx_audit_revision_history.major_revision 
_pdbx_audit_revision_history.minor_revision 
_pdbx_audit_revision_history.revision_date 
1 'Structure model' 1 0 2016-12-07 
2 'Structure model' 1 1 2017-01-18 
3 'Structure model' 1 2 2017-09-27 
4 'Structure model' 1 3 2019-11-20 
5 'Structure model' 1 4 2023-09-27 
# 
_pdbx_audit_revision_details.ordinal             1 
_pdbx_audit_revision_details.revision_ordinal    1 
_pdbx_audit_revision_details.data_content_type   'Structure model' 
_pdbx_audit_revision_details.provider            repository 
_pdbx_audit_revision_details.type                'Initial release' 
_pdbx_audit_revision_details.description         ? 
_pdbx_audit_revision_details.details             ? 
# 
loop_
_pdbx_audit_revision_group.ordinal 
_pdbx_audit_revision_group.revision_ordinal 
_pdbx_audit_revision_group.data_content_type 
_pdbx_audit_revision_group.group 
1 2 'Structure model' 'Database references'        
2 3 'Structure model' 'Author supporting evidence' 
3 4 'Structure model' 'Author supporting evidence' 
4 5 'Structure model' 'Data collection'            
5 5 'Structure model' 'Database references'        
6 5 'Structure model' 'Refinement description'     
# 
loop_
_pdbx_audit_revision_category.ordinal 
_pdbx_audit_revision_category.revision_ordinal 
_pdbx_audit_revision_category.data_content_type 
_pdbx_audit_revision_category.category 
1 3 'Structure model' pdbx_audit_support            
2 4 'Structure model' pdbx_audit_support            
3 5 'Structure model' chem_comp_atom                
4 5 'Structure model' chem_comp_bond                
5 5 'Structure model' database_2                    
6 5 'Structure model' pdbx_initial_refinement_model 
# 
loop_
_pdbx_audit_revision_item.ordinal 
_pdbx_audit_revision_item.revision_ordinal 
_pdbx_audit_revision_item.data_content_type 
_pdbx_audit_revision_item.item 
1 4 'Structure model' '_pdbx_audit_support.funding_organization' 
2 5 'Structure model' '_database_2.pdbx_DOI'                     
3 5 'Structure model' '_database_2.pdbx_database_accession'      
# 
loop_
_software.citation_id 
_software.classification 
_software.compiler_name 
_software.compiler_version 
_software.contact_author 
_software.contact_author_email 
_software.date 
_software.description 
_software.dependencies 
_software.hardware 
_software.language 
_software.location 
_software.mods 
_software.name 
_software.os 
_software.os_version 
_software.type 
_software.version 
_software.pdbx_ordinal 
? refinement       ? ? ? ? ? ? ? ? ? ? ? REFMAC   ? ? ? 5.8.0049 1 
? 'data reduction' ? ? ? ? ? ? ? ? ? ? ? HKL-2000 ? ? ? .        2 
? 'data scaling'   ? ? ? ? ? ? ? ? ? ? ? HKL-2000 ? ? ? .        3 
? phasing          ? ? ? ? ? ? ? ? ? ? ? PHASER   ? ? ? .        4 
# 
_pdbx_validate_symm_contact.id                1 
_pdbx_validate_symm_contact.PDB_model_num     1 
_pdbx_validate_symm_contact.auth_atom_id_1    O 
_pdbx_validate_symm_contact.auth_asym_id_1    B 
_pdbx_validate_symm_contact.auth_comp_id_1    HOH 
_pdbx_validate_symm_contact.auth_seq_id_1     220 
_pdbx_validate_symm_contact.PDB_ins_code_1    ? 
_pdbx_validate_symm_contact.label_alt_id_1    ? 
_pdbx_validate_symm_contact.site_symmetry_1   1_555 
_pdbx_validate_symm_contact.auth_atom_id_2    O 
_pdbx_validate_symm_contact.auth_asym_id_2    B 
_pdbx_validate_symm_contact.auth_comp_id_2    HOH 
_pdbx_validate_symm_contact.auth_seq_id_2     224 
_pdbx_validate_symm_contact.PDB_ins_code_2    ? 
_pdbx_validate_symm_contact.label_alt_id_2    ? 
_pdbx_validate_symm_contact.site_symmetry_2   2_775 
_pdbx_validate_symm_contact.dist              2.10 
# 
loop_
_pdbx_validate_rmsd_bond.id 
_pdbx_validate_rmsd_bond.PDB_model_num 
_pdbx_validate_rmsd_bond.auth_atom_id_1 
_pdbx_validate_rmsd_bond.auth_asym_id_1 
_pdbx_validate_rmsd_bond.auth_comp_id_1 
_pdbx_validate_rmsd_bond.auth_seq_id_1 
_pdbx_validate_rmsd_bond.PDB_ins_code_1 
_pdbx_validate_rmsd_bond.label_alt_id_1 
_pdbx_validate_rmsd_bond.auth_atom_id_2 
_pdbx_validate_rmsd_bond.auth_asym_id_2 
_pdbx_validate_rmsd_bond.auth_comp_id_2 
_pdbx_validate_rmsd_bond.auth_seq_id_2 
_pdbx_validate_rmsd_bond.PDB_ins_code_2 
_pdbx_validate_rmsd_bond.label_alt_id_2 
_pdbx_validate_rmsd_bond.bond_value 
_pdbx_validate_rmsd_bond.bond_target_value 
_pdbx_validate_rmsd_bond.bond_deviation 
_pdbx_validate_rmsd_bond.bond_standard_deviation 
_pdbx_validate_rmsd_bond.linker_flag 
1 1 "O3'" A LCC 1 ? ? P A LCC 2 ? ? 1.690 1.607 0.083 0.012 Y 
2 1 "O3'" A LCG 4 ? ? P A A   5 ? ? 1.696 1.607 0.089 0.012 Y 
3 1 "O3'" B LCC 2 ? ? P B LCA 3 ? ? 1.679 1.607 0.072 0.012 Y 
4 1 "O3'" C LCC 2 ? ? P C LCA 3 ? ? 1.697 1.607 0.090 0.012 Y 
5 1 "O3'" D LCC 1 ? ? P D LCC 2 ? ? 1.699 1.607 0.092 0.012 Y 
6 1 "O3'" D LCA 3 ? ? P D LCG 4 ? ? 1.707 1.607 0.100 0.012 Y 
# 
loop_
_pdbx_validate_rmsd_angle.id 
_pdbx_validate_rmsd_angle.PDB_model_num 
_pdbx_validate_rmsd_angle.auth_atom_id_1 
_pdbx_validate_rmsd_angle.auth_asym_id_1 
_pdbx_validate_rmsd_angle.auth_comp_id_1 
_pdbx_validate_rmsd_angle.auth_seq_id_1 
_pdbx_validate_rmsd_angle.PDB_ins_code_1 
_pdbx_validate_rmsd_angle.label_alt_id_1 
_pdbx_validate_rmsd_angle.auth_atom_id_2 
_pdbx_validate_rmsd_angle.auth_asym_id_2 
_pdbx_validate_rmsd_angle.auth_comp_id_2 
_pdbx_validate_rmsd_angle.auth_seq_id_2 
_pdbx_validate_rmsd_angle.PDB_ins_code_2 
_pdbx_validate_rmsd_angle.label_alt_id_2 
_pdbx_validate_rmsd_angle.auth_atom_id_3 
_pdbx_validate_rmsd_angle.auth_asym_id_3 
_pdbx_validate_rmsd_angle.auth_comp_id_3 
_pdbx_validate_rmsd_angle.auth_seq_id_3 
_pdbx_validate_rmsd_angle.PDB_ins_code_3 
_pdbx_validate_rmsd_angle.label_alt_id_3 
_pdbx_validate_rmsd_angle.angle_value 
_pdbx_validate_rmsd_angle.angle_target_value 
_pdbx_validate_rmsd_angle.angle_deviation 
_pdbx_validate_rmsd_angle.angle_standard_deviation 
_pdbx_validate_rmsd_angle.linker_flag 
1 1 "C3'" A LCC 1  ? ? "O3'" A LCC 1  ? ? P   A LCC 2  ? ? 127.99 119.70 8.29  1.20 Y 
2 1 "C3'" A LCA 3  ? ? "O3'" A LCA 3  ? ? P   A LCG 4  ? ? 127.44 119.70 7.74  1.20 Y 
3 1 "O3'" A LCG 4  ? ? P     A A   5  ? ? OP2 A A   5  ? ? 119.56 110.50 9.06  1.10 Y 
4 1 "C3'" B LCA 3  ? ? "O3'" B LCA 3  ? ? P   B LCG 4  ? ? 129.28 119.70 9.58  1.20 Y 
5 1 "C3'" B LCG 4  ? ? "O3'" B LCG 4  ? ? P   B A   5  ? ? 127.41 119.70 7.71  1.20 Y 
6 1 "O5'" B A   10 ? ? P     B A   10 ? ? OP2 B A   10 ? ? 100.21 105.70 -5.49 0.90 N 
7 1 "O5'" B G   11 ? ? P     B G   11 ? ? OP2 B G   11 ? ? 98.93  105.70 -6.77 0.90 N 
8 1 "C3'" C LCA 3  ? ? "O3'" C LCA 3  ? ? P   C LCG 4  ? ? 127.47 119.70 7.77  1.20 Y 
9 1 "O5'" D G   11 ? ? P     D G   11 ? ? OP2 D G   11 ? ? 97.11  105.70 -8.59 0.90 N 
# 
loop_
_chem_comp_atom.comp_id 
_chem_comp_atom.atom_id 
_chem_comp_atom.type_symbol 
_chem_comp_atom.pdbx_aromatic_flag 
_chem_comp_atom.pdbx_stereo_config 
_chem_comp_atom.pdbx_ordinal 
A   OP3    O N N 1   
A   P      P N N 2   
A   OP1    O N N 3   
A   OP2    O N N 4   
A   "O5'"  O N N 5   
A   "C5'"  C N N 6   
A   "C4'"  C N R 7   
A   "O4'"  O N N 8   
A   "C3'"  C N S 9   
A   "O3'"  O N N 10  
A   "C2'"  C N R 11  
A   "O2'"  O N N 12  
A   "C1'"  C N R 13  
A   N9     N Y N 14  
A   C8     C Y N 15  
A   N7     N Y N 16  
A   C5     C Y N 17  
A   C6     C Y N 18  
A   N6     N N N 19  
A   N1     N Y N 20  
A   C2     C Y N 21  
A   N3     N Y N 22  
A   C4     C Y N 23  
A   HOP3   H N N 24  
A   HOP2   H N N 25  
A   "H5'"  H N N 26  
A   "H5''" H N N 27  
A   "H4'"  H N N 28  
A   "H3'"  H N N 29  
A   "HO3'" H N N 30  
A   "H2'"  H N N 31  
A   "HO2'" H N N 32  
A   "H1'"  H N N 33  
A   H8     H N N 34  
A   H61    H N N 35  
A   H62    H N N 36  
A   H2     H N N 37  
C   OP3    O N N 38  
C   P      P N N 39  
C   OP1    O N N 40  
C   OP2    O N N 41  
C   "O5'"  O N N 42  
C   "C5'"  C N N 43  
C   "C4'"  C N R 44  
C   "O4'"  O N N 45  
C   "C3'"  C N S 46  
C   "O3'"  O N N 47  
C   "C2'"  C N R 48  
C   "O2'"  O N N 49  
C   "C1'"  C N R 50  
C   N1     N N N 51  
C   C2     C N N 52  
C   O2     O N N 53  
C   N3     N N N 54  
C   C4     C N N 55  
C   N4     N N N 56  
C   C5     C N N 57  
C   C6     C N N 58  
C   HOP3   H N N 59  
C   HOP2   H N N 60  
C   "H5'"  H N N 61  
C   "H5''" H N N 62  
C   "H4'"  H N N 63  
C   "H3'"  H N N 64  
C   "HO3'" H N N 65  
C   "H2'"  H N N 66  
C   "HO2'" H N N 67  
C   "H1'"  H N N 68  
C   H41    H N N 69  
C   H42    H N N 70  
C   H5     H N N 71  
C   H6     H N N 72  
G   OP3    O N N 73  
G   P      P N N 74  
G   OP1    O N N 75  
G   OP2    O N N 76  
G   "O5'"  O N N 77  
G   "C5'"  C N N 78  
G   "C4'"  C N R 79  
G   "O4'"  O N N 80  
G   "C3'"  C N S 81  
G   "O3'"  O N N 82  
G   "C2'"  C N R 83  
G   "O2'"  O N N 84  
G   "C1'"  C N R 85  
G   N9     N Y N 86  
G   C8     C Y N 87  
G   N7     N Y N 88  
G   C5     C Y N 89  
G   C6     C N N 90  
G   O6     O N N 91  
G   N1     N N N 92  
G   C2     C N N 93  
G   N2     N N N 94  
G   N3     N N N 95  
G   C4     C Y N 96  
G   HOP3   H N N 97  
G   HOP2   H N N 98  
G   "H5'"  H N N 99  
G   "H5''" H N N 100 
G   "H4'"  H N N 101 
G   "H3'"  H N N 102 
G   "HO3'" H N N 103 
G   "H2'"  H N N 104 
G   "HO2'" H N N 105 
G   "H1'"  H N N 106 
G   H8     H N N 107 
G   H1     H N N 108 
G   H21    H N N 109 
G   H22    H N N 110 
HOH O      O N N 111 
HOH H1     H N N 112 
HOH H2     H N N 113 
LCA P      P N N 114 
LCA O1P    O N N 115 
LCA "O5'"  O N N 116 
LCA "C5'"  C N N 117 
LCA "C3'"  C N S 118 
LCA "C6'"  C N N 119 
LCA N9     N Y N 120 
LCA C8     C Y N 121 
LCA C4     C Y N 122 
LCA N7     N Y N 123 
LCA C5     C Y N 124 
LCA C6     C Y N 125 
LCA "C2'"  C N R 126 
LCA N6     N N N 127 
LCA "C4'"  C N R 128 
LCA "C1'"  C N R 129 
LCA C2     C Y N 130 
LCA N1     N Y N 131 
LCA "O4'"  O N N 132 
LCA O2P    O N N 133 
LCA N3     N Y N 134 
LCA "O3'"  O N N 135 
LCA OXT    O N N 136 
LCA "O2'"  O N N 137 
LCA H1P    H N N 138 
LCA "H5'1" H N N 139 
LCA "H5'2" H N N 140 
LCA "H3'"  H N N 141 
LCA "H6'1" H N N 142 
LCA "H6'2" H N N 143 
LCA H8     H N N 144 
LCA "H2'1" H N N 145 
LCA H61    H N N 146 
LCA H62    H N N 147 
LCA "H1'"  H N N 148 
LCA H2     H N N 149 
LCA HB     H N N 150 
LCA HA     H N N 151 
LCC "O5'"  O N N 152 
LCC "C5'"  C N N 153 
LCC "C4'"  C N R 154 
LCC "O4'"  O N N 155 
LCC "C1'"  C N R 156 
LCC N1     N N N 157 
LCC C6     C N N 158 
LCC C5     C N N 159 
LCC C5M    C N N 160 
LCC C4     C N N 161 
LCC N4     N N N 162 
LCC N3     N N N 163 
LCC C2     C N N 164 
LCC O2     O N N 165 
LCC "C3'"  C N S 166 
LCC "C2'"  C N R 167 
LCC "O2'"  O N N 168 
LCC "O3'"  O N N 169 
LCC "C6'"  C N N 170 
LCC P      P N N 171 
LCC O1P    O N N 172 
LCC O2P    O N N 173 
LCC OXT    O N N 174 
LCC "H5'1" H N N 175 
LCC "H5'2" H N N 176 
LCC "H1'"  H N N 177 
LCC H6     H N N 178 
LCC H5M1   H N N 179 
LCC H5M2   H N N 180 
LCC H5M3   H N N 181 
LCC H41    H N N 182 
LCC H42    H N N 183 
LCC "H3'"  H N N 184 
LCC "H2'1" H N N 185 
LCC H3T    H N N 186 
LCC "H6'1" H N N 187 
LCC "H6'2" H N N 188 
LCC H1P    H N N 189 
LCC HXT    H N N 190 
LCG P      P N N 191 
LCG OP1    O N N 192 
LCG "O5'"  O N N 193 
LCG "C5'"  C N N 194 
LCG "C3'"  C N S 195 
LCG "C6'"  C N N 196 
LCG N9     N Y N 197 
LCG C8     C Y N 198 
LCG C4     C Y N 199 
LCG N7     N Y N 200 
LCG C5     C Y N 201 
LCG C6     C N N 202 
LCG "C2'"  C N R 203 
LCG O6     O N N 204 
LCG "C4'"  C N R 205 
LCG "C1'"  C N R 206 
LCG C2     C N N 207 
LCG N1     N N N 208 
LCG "O4'"  O N N 209 
LCG OP2    O N N 210 
LCG N2     N N N 211 
LCG N3     N N N 212 
LCG "O2'"  O N N 213 
LCG "O3'"  O N N 214 
LCG OP3    O N N 215 
LCG "H5'"  H N N 216 
LCG "H5''" H N N 217 
LCG "H3'"  H N N 218 
LCG "H6'1" H N N 219 
LCG "H6'2" H N N 220 
LCG H8     H N N 221 
LCG "H2'"  H N N 222 
LCG "H1'"  H N N 223 
LCG H1     H N N 224 
LCG HOP2   H N N 225 
LCG H21    H N N 226 
LCG H22    H N N 227 
LCG "HO3'" H N N 228 
LCG HOP3   H N N 229 
PZG O1     O N N 230 
PZG C1     C N N 231 
PZG N1     N N N 232 
PZG C2     C N N 233 
PZG N2     N N N 234 
PZG N3     N N N 235 
PZG C3     C Y N 236 
PZG C4     C Y N 237 
PZG N4     N Y N 238 
PZG C5     C Y N 239 
PZG N5     N Y N 240 
PZG C6     C N R 241 
PZG O2     O N N 242 
PZG C7     C N R 243 
PZG O3     O N N 244 
PZG C8     C N S 245 
PZG O4     O N N 246 
PZG C9     C N R 247 
PZG C10    C N N 248 
PZG O5     O N N 249 
PZG P1     P N N 250 
PZG O6     O N N 251 
PZG O7     O N N 252 
PZG C11    C Y N 253 
PZG C12    C Y N 254 
PZG N6     N Y N 255 
PZG N7     N Y N 256 
PZG C13    C Y N 257 
PZG C14    C N N 258 
PZG H1     H N N 259 
PZG H2     H N N 260 
PZG H3     H N N 261 
PZG H4     H N N 262 
PZG H5     H N N 263 
PZG H6     H N N 264 
PZG H7     H N N 265 
PZG H8     H N N 266 
PZG H9     H N N 267 
PZG H10    H N N 268 
PZG H11    H N N 269 
PZG H12    H N N 270 
PZG H13    H N N 271 
PZG H14    H N N 272 
PZG H15    H N N 273 
PZG H16    H N N 274 
PZG H17    H N N 275 
PZG H18    H N N 276 
U   OP3    O N N 277 
U   P      P N N 278 
U   OP1    O N N 279 
U   OP2    O N N 280 
U   "O5'"  O N N 281 
U   "C5'"  C N N 282 
U   "C4'"  C N R 283 
U   "O4'"  O N N 284 
U   "C3'"  C N S 285 
U   "O3'"  O N N 286 
U   "C2'"  C N R 287 
U   "O2'"  O N N 288 
U   "C1'"  C N R 289 
U   N1     N N N 290 
U   C2     C N N 291 
U   O2     O N N 292 
U   N3     N N N 293 
U   C4     C N N 294 
U   O4     O N N 295 
U   C5     C N N 296 
U   C6     C N N 297 
U   HOP3   H N N 298 
U   HOP2   H N N 299 
U   "H5'"  H N N 300 
U   "H5''" H N N 301 
U   "H4'"  H N N 302 
U   "H3'"  H N N 303 
U   "HO3'" H N N 304 
U   "H2'"  H N N 305 
U   "HO2'" H N N 306 
U   "H1'"  H N N 307 
U   H3     H N N 308 
U   H5     H N N 309 
U   H6     H N N 310 
# 
loop_
_chem_comp_bond.comp_id 
_chem_comp_bond.atom_id_1 
_chem_comp_bond.atom_id_2 
_chem_comp_bond.value_order 
_chem_comp_bond.pdbx_aromatic_flag 
_chem_comp_bond.pdbx_stereo_config 
_chem_comp_bond.pdbx_ordinal 
A   OP3   P      sing N N 1   
A   OP3   HOP3   sing N N 2   
A   P     OP1    doub N N 3   
A   P     OP2    sing N N 4   
A   P     "O5'"  sing N N 5   
A   OP2   HOP2   sing N N 6   
A   "O5'" "C5'"  sing N N 7   
A   "C5'" "C4'"  sing N N 8   
A   "C5'" "H5'"  sing N N 9   
A   "C5'" "H5''" sing N N 10  
A   "C4'" "O4'"  sing N N 11  
A   "C4'" "C3'"  sing N N 12  
A   "C4'" "H4'"  sing N N 13  
A   "O4'" "C1'"  sing N N 14  
A   "C3'" "O3'"  sing N N 15  
A   "C3'" "C2'"  sing N N 16  
A   "C3'" "H3'"  sing N N 17  
A   "O3'" "HO3'" sing N N 18  
A   "C2'" "O2'"  sing N N 19  
A   "C2'" "C1'"  sing N N 20  
A   "C2'" "H2'"  sing N N 21  
A   "O2'" "HO2'" sing N N 22  
A   "C1'" N9     sing N N 23  
A   "C1'" "H1'"  sing N N 24  
A   N9    C8     sing Y N 25  
A   N9    C4     sing Y N 26  
A   C8    N7     doub Y N 27  
A   C8    H8     sing N N 28  
A   N7    C5     sing Y N 29  
A   C5    C6     sing Y N 30  
A   C5    C4     doub Y N 31  
A   C6    N6     sing N N 32  
A   C6    N1     doub Y N 33  
A   N6    H61    sing N N 34  
A   N6    H62    sing N N 35  
A   N1    C2     sing Y N 36  
A   C2    N3     doub Y N 37  
A   C2    H2     sing N N 38  
A   N3    C4     sing Y N 39  
C   OP3   P      sing N N 40  
C   OP3   HOP3   sing N N 41  
C   P     OP1    doub N N 42  
C   P     OP2    sing N N 43  
C   P     "O5'"  sing N N 44  
C   OP2   HOP2   sing N N 45  
C   "O5'" "C5'"  sing N N 46  
C   "C5'" "C4'"  sing N N 47  
C   "C5'" "H5'"  sing N N 48  
C   "C5'" "H5''" sing N N 49  
C   "C4'" "O4'"  sing N N 50  
C   "C4'" "C3'"  sing N N 51  
C   "C4'" "H4'"  sing N N 52  
C   "O4'" "C1'"  sing N N 53  
C   "C3'" "O3'"  sing N N 54  
C   "C3'" "C2'"  sing N N 55  
C   "C3'" "H3'"  sing N N 56  
C   "O3'" "HO3'" sing N N 57  
C   "C2'" "O2'"  sing N N 58  
C   "C2'" "C1'"  sing N N 59  
C   "C2'" "H2'"  sing N N 60  
C   "O2'" "HO2'" sing N N 61  
C   "C1'" N1     sing N N 62  
C   "C1'" "H1'"  sing N N 63  
C   N1    C2     sing N N 64  
C   N1    C6     sing N N 65  
C   C2    O2     doub N N 66  
C   C2    N3     sing N N 67  
C   N3    C4     doub N N 68  
C   C4    N4     sing N N 69  
C   C4    C5     sing N N 70  
C   N4    H41    sing N N 71  
C   N4    H42    sing N N 72  
C   C5    C6     doub N N 73  
C   C5    H5     sing N N 74  
C   C6    H6     sing N N 75  
G   OP3   P      sing N N 76  
G   OP3   HOP3   sing N N 77  
G   P     OP1    doub N N 78  
G   P     OP2    sing N N 79  
G   P     "O5'"  sing N N 80  
G   OP2   HOP2   sing N N 81  
G   "O5'" "C5'"  sing N N 82  
G   "C5'" "C4'"  sing N N 83  
G   "C5'" "H5'"  sing N N 84  
G   "C5'" "H5''" sing N N 85  
G   "C4'" "O4'"  sing N N 86  
G   "C4'" "C3'"  sing N N 87  
G   "C4'" "H4'"  sing N N 88  
G   "O4'" "C1'"  sing N N 89  
G   "C3'" "O3'"  sing N N 90  
G   "C3'" "C2'"  sing N N 91  
G   "C3'" "H3'"  sing N N 92  
G   "O3'" "HO3'" sing N N 93  
G   "C2'" "O2'"  sing N N 94  
G   "C2'" "C1'"  sing N N 95  
G   "C2'" "H2'"  sing N N 96  
G   "O2'" "HO2'" sing N N 97  
G   "C1'" N9     sing N N 98  
G   "C1'" "H1'"  sing N N 99  
G   N9    C8     sing Y N 100 
G   N9    C4     sing Y N 101 
G   C8    N7     doub Y N 102 
G   C8    H8     sing N N 103 
G   N7    C5     sing Y N 104 
G   C5    C6     sing N N 105 
G   C5    C4     doub Y N 106 
G   C6    O6     doub N N 107 
G   C6    N1     sing N N 108 
G   N1    C2     sing N N 109 
G   N1    H1     sing N N 110 
G   C2    N2     sing N N 111 
G   C2    N3     doub N N 112 
G   N2    H21    sing N N 113 
G   N2    H22    sing N N 114 
G   N3    C4     sing N N 115 
HOH O     H1     sing N N 116 
HOH O     H2     sing N N 117 
LCA P     O1P    sing N N 118 
LCA P     "O5'"  sing N N 119 
LCA P     O2P    doub N N 120 
LCA P     OXT    sing N N 121 
LCA O1P   H1P    sing N N 122 
LCA "O5'" "C5'"  sing N N 123 
LCA "C5'" "C4'"  sing N N 124 
LCA "C5'" "H5'1" sing N N 125 
LCA "C5'" "H5'2" sing N N 126 
LCA "C3'" "C2'"  sing N N 127 
LCA "C3'" "C4'"  sing N N 128 
LCA "C3'" "O3'"  sing N N 129 
LCA "C3'" "H3'"  sing N N 130 
LCA "C6'" "C4'"  sing N N 131 
LCA "C6'" "O2'"  sing N N 132 
LCA "C6'" "H6'1" sing N N 133 
LCA "C6'" "H6'2" sing N N 134 
LCA N9    C8     sing Y N 135 
LCA N9    C4     sing Y N 136 
LCA N9    "C1'"  sing N N 137 
LCA C8    N7     doub Y N 138 
LCA C8    H8     sing N N 139 
LCA C4    C5     doub Y N 140 
LCA C4    N3     sing Y N 141 
LCA N7    C5     sing Y N 142 
LCA C5    C6     sing Y N 143 
LCA C6    N6     sing N N 144 
LCA C6    N1     doub Y N 145 
LCA "C2'" "C1'"  sing N N 146 
LCA "C2'" "O2'"  sing N N 147 
LCA "C2'" "H2'1" sing N N 148 
LCA N6    H61    sing N N 149 
LCA N6    H62    sing N N 150 
LCA "C4'" "O4'"  sing N N 151 
LCA "C1'" "O4'"  sing N N 152 
LCA "C1'" "H1'"  sing N N 153 
LCA C2    N1     sing Y N 154 
LCA C2    N3     doub Y N 155 
LCA C2    H2     sing N N 156 
LCA "O3'" HB     sing N N 157 
LCA OXT   HA     sing N N 158 
LCC "O5'" "C5'"  sing N N 159 
LCC "O5'" P      sing N N 160 
LCC "C5'" "C4'"  sing N N 161 
LCC "C5'" "H5'1" sing N N 162 
LCC "C5'" "H5'2" sing N N 163 
LCC "C4'" "O4'"  sing N N 164 
LCC "C4'" "C3'"  sing N N 165 
LCC "C4'" "C6'"  sing N N 166 
LCC "O4'" "C1'"  sing N N 167 
LCC "C1'" N1     sing N N 168 
LCC "C1'" "C2'"  sing N N 169 
LCC "C1'" "H1'"  sing N N 170 
LCC N1    C6     sing N N 171 
LCC N1    C2     sing N N 172 
LCC C6    C5     doub N N 173 
LCC C6    H6     sing N N 174 
LCC C5    C5M    sing N N 175 
LCC C5    C4     sing N N 176 
LCC C5M   H5M1   sing N N 177 
LCC C5M   H5M2   sing N N 178 
LCC C5M   H5M3   sing N N 179 
LCC C4    N4     sing N N 180 
LCC C4    N3     doub N N 181 
LCC N4    H41    sing N N 182 
LCC N4    H42    sing N N 183 
LCC N3    C2     sing N N 184 
LCC C2    O2     doub N N 185 
LCC "C3'" "C2'"  sing N N 186 
LCC "C3'" "O3'"  sing N N 187 
LCC "C3'" "H3'"  sing N N 188 
LCC "C2'" "O2'"  sing N N 189 
LCC "C2'" "H2'1" sing N N 190 
LCC "O2'" "C6'"  sing N N 191 
LCC "O3'" H3T    sing N N 192 
LCC "C6'" "H6'1" sing N N 193 
LCC "C6'" "H6'2" sing N N 194 
LCC P     O1P    sing N N 195 
LCC P     O2P    doub N N 196 
LCC P     OXT    sing N N 197 
LCC O1P   H1P    sing N N 198 
LCC OXT   HXT    sing N N 199 
LCG P     OP1    doub N N 200 
LCG P     "O5'"  sing N N 201 
LCG P     OP2    sing N N 202 
LCG P     OP3    sing N N 203 
LCG "O5'" "C5'"  sing N N 204 
LCG "C5'" "C4'"  sing N N 205 
LCG "C5'" "H5'"  sing N N 206 
LCG "C5'" "H5''" sing N N 207 
LCG "C3'" "C2'"  sing N N 208 
LCG "C3'" "C4'"  sing N N 209 
LCG "C3'" "O3'"  sing N N 210 
LCG "C3'" "H3'"  sing N N 211 
LCG "C6'" "C4'"  sing N N 212 
LCG "C6'" "O2'"  sing N N 213 
LCG "C6'" "H6'1" sing N N 214 
LCG "C6'" "H6'2" sing N N 215 
LCG N9    C8     sing Y N 216 
LCG N9    C4     sing Y N 217 
LCG N9    "C1'"  sing N N 218 
LCG C8    N7     doub Y N 219 
LCG C8    H8     sing N N 220 
LCG C4    C5     doub Y N 221 
LCG C4    N3     sing N N 222 
LCG N7    C5     sing Y N 223 
LCG C5    C6     sing N N 224 
LCG C6    O6     doub N N 225 
LCG C6    N1     sing N N 226 
LCG "C2'" "C1'"  sing N N 227 
LCG "C2'" "O2'"  sing N N 228 
LCG "C2'" "H2'"  sing N N 229 
LCG "C4'" "O4'"  sing N N 230 
LCG "C1'" "O4'"  sing N N 231 
LCG "C1'" "H1'"  sing N N 232 
LCG C2    N1     sing N N 233 
LCG C2    N2     sing N N 234 
LCG C2    N3     doub N N 235 
LCG N1    H1     sing N N 236 
LCG OP2   HOP2   sing N N 237 
LCG N2    H21    sing N N 238 
LCG N2    H22    sing N N 239 
LCG "O3'" "HO3'" sing N N 240 
LCG OP3   HOP3   sing N N 241 
PZG O4    C8     sing N N 242 
PZG C8    C9     sing N N 243 
PZG C8    C7     sing N N 244 
PZG C9    C10    sing N N 245 
PZG C9    O2     sing N N 246 
PZG C10   O5     sing N N 247 
PZG O3    C7     sing N N 248 
PZG O6    P1     doub N N 249 
PZG C12   N6     sing Y N 250 
PZG C12   C11    doub Y N 251 
PZG C7    C6     sing N N 252 
PZG N6    N7     sing Y N 253 
PZG O2    C6     sing N N 254 
PZG O5    P1     sing N N 255 
PZG C6    N5     sing N N 256 
PZG P1    C11    sing N N 257 
PZG P1    O7     sing N N 258 
PZG C11   C13    sing Y N 259 
PZG N7    C13    doub Y N 260 
PZG C13   C14    sing N N 261 
PZG N5    C3     sing Y N 262 
PZG N5    C5     sing Y N 263 
PZG N3    C3     sing N N 264 
PZG N3    C2     doub N N 265 
PZG C3    C4     doub Y N 266 
PZG C5    N4     doub Y N 267 
PZG N2    C2     sing N N 268 
PZG C2    N1     sing N N 269 
PZG C4    N4     sing Y N 270 
PZG C4    C1     sing N N 271 
PZG N1    C1     sing N N 272 
PZG C1    O1     doub N N 273 
PZG N1    H1     sing N N 274 
PZG N2    H2     sing N N 275 
PZG N2    H3     sing N N 276 
PZG C5    H4     sing N N 277 
PZG C6    H5     sing N N 278 
PZG C7    H6     sing N N 279 
PZG O3    H7     sing N N 280 
PZG C8    H8     sing N N 281 
PZG O4    H9     sing N N 282 
PZG C9    H10    sing N N 283 
PZG C10   H11    sing N N 284 
PZG C10   H12    sing N N 285 
PZG O7    H13    sing N N 286 
PZG C12   H14    sing N N 287 
PZG N6    H15    sing N N 288 
PZG C14   H16    sing N N 289 
PZG C14   H17    sing N N 290 
PZG C14   H18    sing N N 291 
U   OP3   P      sing N N 292 
U   OP3   HOP3   sing N N 293 
U   P     OP1    doub N N 294 
U   P     OP2    sing N N 295 
U   P     "O5'"  sing N N 296 
U   OP2   HOP2   sing N N 297 
U   "O5'" "C5'"  sing N N 298 
U   "C5'" "C4'"  sing N N 299 
U   "C5'" "H5'"  sing N N 300 
U   "C5'" "H5''" sing N N 301 
U   "C4'" "O4'"  sing N N 302 
U   "C4'" "C3'"  sing N N 303 
U   "C4'" "H4'"  sing N N 304 
U   "O4'" "C1'"  sing N N 305 
U   "C3'" "O3'"  sing N N 306 
U   "C3'" "C2'"  sing N N 307 
U   "C3'" "H3'"  sing N N 308 
U   "O3'" "HO3'" sing N N 309 
U   "C2'" "O2'"  sing N N 310 
U   "C2'" "C1'"  sing N N 311 
U   "C2'" "H2'"  sing N N 312 
U   "O2'" "HO2'" sing N N 313 
U   "C1'" N1     sing N N 314 
U   "C1'" "H1'"  sing N N 315 
U   N1    C2     sing N N 316 
U   N1    C6     sing N N 317 
U   C2    O2     doub N N 318 
U   C2    N3     sing N N 319 
U   N3    C4     sing N N 320 
U   N3    H3     sing N N 321 
U   C4    O4     doub N N 322 
U   C4    C5     sing N N 323 
U   C5    C6     doub N N 324 
U   C5    H5     sing N N 325 
U   C6    H6     sing N N 326 
# 
_ndb_struct_conf_na.entry_id   5HBX 
_ndb_struct_conf_na.feature    'a-form double helix' 
# 
loop_
_ndb_struct_na_base_pair.model_number 
_ndb_struct_na_base_pair.i_label_asym_id 
_ndb_struct_na_base_pair.i_label_comp_id 
_ndb_struct_na_base_pair.i_label_seq_id 
_ndb_struct_na_base_pair.i_symmetry 
_ndb_struct_na_base_pair.j_label_asym_id 
_ndb_struct_na_base_pair.j_label_comp_id 
_ndb_struct_na_base_pair.j_label_seq_id 
_ndb_struct_na_base_pair.j_symmetry 
_ndb_struct_na_base_pair.shear 
_ndb_struct_na_base_pair.stretch 
_ndb_struct_na_base_pair.stagger 
_ndb_struct_na_base_pair.buckle 
_ndb_struct_na_base_pair.propeller 
_ndb_struct_na_base_pair.opening 
_ndb_struct_na_base_pair.pair_number 
_ndb_struct_na_base_pair.pair_name 
_ndb_struct_na_base_pair.i_auth_asym_id 
_ndb_struct_na_base_pair.i_auth_seq_id 
_ndb_struct_na_base_pair.i_PDB_ins_code 
_ndb_struct_na_base_pair.j_auth_asym_id 
_ndb_struct_na_base_pair.j_auth_seq_id 
_ndb_struct_na_base_pair.j_PDB_ins_code 
_ndb_struct_na_base_pair.hbond_type_28 
_ndb_struct_na_base_pair.hbond_type_12 
1 A LCA 3  1_555 B U   14 1_555 0.010  -0.100 0.006  -6.977 -2.136  -1.327 1  A_LCA3:U14_B A 3  ? B 14 ? 20 1 
1 A LCG 4  1_555 B C   13 1_555 -0.392 -0.156 0.048  -3.654 -14.038 1.865  2  A_LCG4:C13_B A 4  ? B 13 ? 19 1 
1 A A   5  1_555 B U   12 1_555 -0.007 -0.134 0.230  5.707  -9.506  -4.156 3  A_A5:U12_B   A 5  ? B 12 ? 20 1 
1 A C   6  1_555 B G   11 1_555 0.245  -0.146 -0.103 9.788  -15.053 -0.422 4  A_C6:G11_B   A 6  ? B 11 ? 19 1 
1 A U   7  1_555 B A   10 1_555 0.041  -0.129 -0.041 4.424  -16.125 3.384  5  A_U7:A10_B   A 7  ? B 10 ? 20 1 
1 A U   8  1_555 B A   9  1_555 -0.033 -0.171 0.109  2.495  -12.685 1.959  6  A_U8:A9_B    A 8  ? B 9  ? 20 1 
1 A A   9  1_555 B U   8  1_555 0.089  -0.139 0.070  -2.832 -18.226 4.937  7  A_A9:U8_B    A 9  ? B 8  ? 20 1 
1 A A   10 1_555 B U   7  1_555 -0.011 -0.150 0.038  -5.071 -13.532 1.457  8  A_A10:U7_B   A 10 ? B 7  ? 20 1 
1 A G   11 1_555 B C   6  1_555 -0.213 -0.179 0.081  -5.964 -16.629 -0.767 9  A_G11:C6_B   A 11 ? B 6  ? 19 1 
1 A U   12 1_555 B A   5  1_555 0.201  -0.125 0.146  -2.173 -10.632 -2.620 10 A_U12:A5_B   A 12 ? B 5  ? 20 1 
1 A C   13 1_555 B LCG 4  1_555 0.370  -0.241 0.039  3.366  -13.104 1.085  11 A_C13:LCG4_B A 13 ? B 4  ? 19 1 
1 A U   14 1_555 B LCA 3  1_555 0.024  -0.097 0.067  3.690  -9.391  -0.319 12 A_U14:LCA3_B A 14 ? B 3  ? 20 1 
1 C LCA 3  1_555 D U   14 1_555 -0.027 -0.078 0.060  -6.066 -2.949  -1.389 13 C_LCA3:U14_D C 3  ? D 14 ? 20 1 
1 C LCG 4  1_555 D C   13 1_555 -0.390 -0.130 -0.014 -3.945 -13.885 2.632  14 C_LCG4:C13_D C 4  ? D 13 ? 19 1 
1 C A   5  1_555 D U   12 1_555 -0.074 -0.122 0.218  5.227  -9.783  -3.518 15 C_A5:U12_D   C 5  ? D 12 ? 20 1 
1 C C   6  1_555 D G   11 1_555 0.262  -0.161 -0.076 9.939  -15.319 0.718  16 C_C6:G11_D   C 6  ? D 11 ? 19 1 
1 C U   7  1_555 D A   10 1_555 0.022  -0.109 -0.061 4.488  -16.613 3.542  17 C_U7:A10_D   C 7  ? D 10 ? 20 1 
1 C U   8  1_555 D A   9  1_555 0.022  -0.122 0.072  3.000  -12.442 2.996  18 C_U8:A9_D    C 8  ? D 9  ? 20 1 
1 C A   9  1_555 D U   8  1_555 0.052  -0.137 0.054  -1.881 -18.278 5.039  19 C_A9:U8_D    C 9  ? D 8  ? 20 1 
1 C A   10 1_555 D U   7  1_555 0.048  -0.174 0.002  -4.729 -12.936 0.399  20 C_A10:U7_D   C 10 ? D 7  ? 20 1 
1 C G   11 1_555 D C   6  1_555 -0.209 -0.157 0.022  -7.520 -16.846 0.249  21 C_G11:C6_D   C 11 ? D 6  ? 19 1 
1 C U   12 1_555 D A   5  1_555 0.204  -0.112 0.150  -2.940 -10.622 -2.042 22 C_U12:A5_D   C 12 ? D 5  ? 20 1 
1 C C   13 1_555 D LCG 4  1_555 0.405  -0.190 0.066  4.167  -12.483 1.722  23 C_C13:LCG4_D C 13 ? D 4  ? 19 1 
1 C U   14 1_555 D LCA 3  1_555 -0.084 -0.129 0.108  3.933  -9.357  0.484  24 C_U14:LCA3_D C 14 ? D 3  ? 20 1 
# 
loop_
_ndb_struct_na_base_pair_step.model_number 
_ndb_struct_na_base_pair_step.i_label_asym_id_1 
_ndb_struct_na_base_pair_step.i_label_comp_id_1 
_ndb_struct_na_base_pair_step.i_label_seq_id_1 
_ndb_struct_na_base_pair_step.i_symmetry_1 
_ndb_struct_na_base_pair_step.j_label_asym_id_1 
_ndb_struct_na_base_pair_step.j_label_comp_id_1 
_ndb_struct_na_base_pair_step.j_label_seq_id_1 
_ndb_struct_na_base_pair_step.j_symmetry_1 
_ndb_struct_na_base_pair_step.i_label_asym_id_2 
_ndb_struct_na_base_pair_step.i_label_comp_id_2 
_ndb_struct_na_base_pair_step.i_label_seq_id_2 
_ndb_struct_na_base_pair_step.i_symmetry_2 
_ndb_struct_na_base_pair_step.j_label_asym_id_2 
_ndb_struct_na_base_pair_step.j_label_comp_id_2 
_ndb_struct_na_base_pair_step.j_label_seq_id_2 
_ndb_struct_na_base_pair_step.j_symmetry_2 
_ndb_struct_na_base_pair_step.shift 
_ndb_struct_na_base_pair_step.slide 
_ndb_struct_na_base_pair_step.rise 
_ndb_struct_na_base_pair_step.tilt 
_ndb_struct_na_base_pair_step.roll 
_ndb_struct_na_base_pair_step.twist 
_ndb_struct_na_base_pair_step.x_displacement 
_ndb_struct_na_base_pair_step.y_displacement 
_ndb_struct_na_base_pair_step.helical_rise 
_ndb_struct_na_base_pair_step.inclination 
_ndb_struct_na_base_pair_step.tip 
_ndb_struct_na_base_pair_step.helical_twist 
_ndb_struct_na_base_pair_step.step_number 
_ndb_struct_na_base_pair_step.step_name 
_ndb_struct_na_base_pair_step.i_auth_asym_id_1 
_ndb_struct_na_base_pair_step.i_auth_seq_id_1 
_ndb_struct_na_base_pair_step.i_PDB_ins_code_1 
_ndb_struct_na_base_pair_step.j_auth_asym_id_1 
_ndb_struct_na_base_pair_step.j_auth_seq_id_1 
_ndb_struct_na_base_pair_step.j_PDB_ins_code_1 
_ndb_struct_na_base_pair_step.i_auth_asym_id_2 
_ndb_struct_na_base_pair_step.i_auth_seq_id_2 
_ndb_struct_na_base_pair_step.i_PDB_ins_code_2 
_ndb_struct_na_base_pair_step.j_auth_asym_id_2 
_ndb_struct_na_base_pair_step.j_auth_seq_id_2 
_ndb_struct_na_base_pair_step.j_PDB_ins_code_2 
1 A LCA 3  1_555 B U   14 1_555 A LCG 4  1_555 B C   13 1_555 0.568  -2.103 3.112 1.486  13.914 26.882 -6.301 -0.845 1.851 27.675 
-2.956 30.246 1  AA_LCA3LCG4:C13U14_BB A 3  ? B 14 ? A 4  ? B 13 ? 
1 A LCG 4  1_555 B C   13 1_555 A A   5  1_555 B U   12 1_555 -0.346 -1.252 3.030 -2.281 3.777  31.954 -2.863 0.254  2.884 6.821  
4.118  32.249 2  AA_LCG4A5:U12C13_BB   A 4  ? B 13 ? A 5  ? B 12 ? 
1 A A   5  1_555 B U   12 1_555 A C   6  1_555 B G   11 1_555 0.398  -1.530 3.157 2.644  3.563  33.024 -3.230 -0.277 3.002 6.233  
-4.626 33.312 3  AA_A5C6:G11U12_BB     A 5  ? B 12 ? A 6  ? B 11 ? 
1 A C   6  1_555 B G   11 1_555 A U   7  1_555 B A   10 1_555 -0.278 -1.743 3.346 -2.642 11.272 30.124 -5.019 0.060  2.560 20.749 
4.863  32.224 4  AA_C6U7:A10G11_BB     A 6  ? B 11 ? A 7  ? B 10 ? 
1 A U   7  1_555 B A   10 1_555 A U   8  1_555 B A   9  1_555 -0.402 -1.248 3.301 -2.910 10.609 30.406 -4.039 0.229  2.748 19.444 
5.335  32.291 5  AA_U7U8:A9A10_BB      A 7  ? B 10 ? A 8  ? B 9  ? 
1 A U   8  1_555 B A   9  1_555 A A   9  1_555 B U   8  1_555 0.355  -1.522 3.190 1.274  18.592 32.442 -4.507 -0.410 2.061 30.357 
-2.081 37.288 6  AA_U8A9:U8A9_BB       A 8  ? B 9  ? A 9  ? B 8  ? 
1 A A   9  1_555 B U   8  1_555 A A   10 1_555 B U   7  1_555 -0.416 -1.310 3.261 -0.229 6.440  31.610 -3.457 0.709  2.947 11.671 
0.414  32.244 7  AA_A9A10:U7U8_BB      A 9  ? B 8  ? A 10 ? B 7  ? 
1 A A   10 1_555 B U   7  1_555 A G   11 1_555 B C   6  1_555 0.176  -1.622 3.204 1.272  9.400  29.803 -4.630 -0.108 2.590 17.720 
-2.398 31.243 8  AA_A10G11:C6U7_BB     A 10 ? B 7  ? A 11 ? B 6  ? 
1 A G   11 1_555 B C   6  1_555 A U   12 1_555 B A   5  1_555 -0.381 -1.363 3.163 -1.408 4.366  34.464 -2.911 0.435  2.986 7.329  
2.363  34.759 9  AA_G11U12:A5C6_BB     A 11 ? B 6  ? A 12 ? B 5  ? 
1 A U   12 1_555 B A   5  1_555 A C   13 1_555 B LCG 4  1_555 0.460  -1.158 3.086 1.877  6.360  32.190 -3.044 -0.519 2.833 11.320 
-3.342 32.849 10 AA_U12C13:LCG4A5_BB   A 12 ? B 5  ? A 13 ? B 4  ? 
1 A C   13 1_555 B LCG 4  1_555 A U   14 1_555 B LCA 3  1_555 -0.095 -2.070 3.181 -0.790 10.030 27.431 -5.996 0.040  2.299 20.305 
1.600  29.185 11 AA_C13U14:LCA3LCG4_BB A 13 ? B 4  ? A 14 ? B 3  ? 
1 C LCA 3  1_555 D U   14 1_555 C LCG 4  1_555 D C   13 1_555 0.568  -2.082 3.158 2.498  13.414 26.930 -6.276 -0.669 1.966 26.735 
-4.979 30.132 12 CC_LCA3LCG4:C13U14_DD C 3  ? D 14 ? C 4  ? D 13 ? 
1 C LCG 4  1_555 D C   13 1_555 C A   5  1_555 D U   12 1_555 -0.329 -1.254 3.027 -2.674 4.384  31.737 -2.976 0.162  2.850 7.951  
4.851  32.139 13 CC_LCG4A5:U12C13_DD   C 4  ? D 13 ? C 5  ? D 12 ? 
1 C A   5  1_555 D U   12 1_555 C C   6  1_555 D G   11 1_555 0.398  -1.493 3.144 2.438  3.430  33.212 -3.126 -0.311 3.000 5.971  
-4.244 33.470 14 CC_A5C6:G11U12_DD     C 5  ? D 12 ? C 6  ? D 11 ? 
1 C C   6  1_555 D G   11 1_555 C U   7  1_555 D A   10 1_555 -0.328 -1.730 3.325 -2.240 11.803 29.707 -5.111 0.221  2.491 21.926 
4.161  31.994 15 CC_C6U7:A10G11_DD     C 6  ? D 11 ? C 7  ? D 10 ? 
1 C U   7  1_555 D A   10 1_555 C U   8  1_555 D A   9  1_555 -0.376 -1.212 3.315 -3.104 10.034 30.946 -3.836 0.149  2.818 18.161 
5.618  32.639 16 CC_U7U8:A9A10_DD      C 7  ? D 10 ? C 8  ? D 9  ? 
1 C U   8  1_555 D A   9  1_555 C A   9  1_555 D U   8  1_555 0.340  -1.488 3.183 1.190  18.616 31.251 -4.632 -0.403 2.021 31.309 
-2.001 36.276 17 CC_U8A9:U8A9_DD       C 8  ? D 9  ? C 9  ? D 8  ? 
1 C A   9  1_555 D U   8  1_555 C A   10 1_555 D U   7  1_555 -0.426 -1.333 3.276 0.129  6.592  32.758 -3.370 0.761  2.958 11.542 
-0.226 33.397 18 CC_A9A10:U7U8_DD      C 9  ? D 8  ? C 10 ? D 7  ? 
1 C A   10 1_555 D U   7  1_555 C G   11 1_555 D C   6  1_555 0.246  -1.598 3.266 1.714  10.172 29.523 -4.749 -0.156 2.596 19.236 
-3.241 31.235 19 CC_A10G11:C6U7_DD     C 10 ? D 7  ? C 11 ? D 6  ? 
1 C G   11 1_555 D C   6  1_555 C U   12 1_555 D A   5  1_555 -0.395 -1.322 3.148 -2.005 4.169  34.733 -2.787 0.372  2.992 6.945  
3.341  35.030 20 CC_G11U12:A5C6_DD     C 11 ? D 6  ? C 12 ? D 5  ? 
1 C U   12 1_555 D A   5  1_555 C C   13 1_555 D LCG 4  1_555 0.456  -1.186 3.043 1.403  6.007  31.715 -3.092 -0.596 2.794 10.864 
-2.536 32.294 21 CC_U12C13:LCG4A5_DD   C 12 ? D 5  ? C 13 ? D 4  ? 
1 C C   13 1_555 D LCG 4  1_555 C U   14 1_555 D LCA 3  1_555 -0.087 -2.103 3.154 -0.780 10.664 26.921 -6.210 0.027  2.181 21.843 
1.598  28.931 22 CC_C13U14:LCA3LCG4_DD C 13 ? D 4  ? C 14 ? D 3  ? 
# 
_pdbx_audit_support.funding_organization   'Howard Hughes Medical Institute (HHMI)' 
_pdbx_audit_support.country                'United States' 
_pdbx_audit_support.grant_number           ? 
_pdbx_audit_support.ordinal                1 
# 
loop_
_pdbx_entity_nonpoly.entity_id 
_pdbx_entity_nonpoly.name 
_pdbx_entity_nonpoly.comp_id 
2 
;[(2~{R},3~{S},4~{R},5~{R})-5-(2-azanyl-6-oxidanylidene-1~{H}-purin-9-yl)-3,4-bis(oxidanyl)oxolan-2-yl]methoxy-(3-methyl-1~{H}-pyrazol-4-yl)phosphinic acid
;
PZG 
3 water HOH 
# 
_pdbx_initial_refinement_model.id               1 
_pdbx_initial_refinement_model.entity_id_list   ? 
_pdbx_initial_refinement_model.type             'experimental model' 
_pdbx_initial_refinement_model.source_name      PDB 
_pdbx_initial_refinement_model.accession_code   5DHC 
_pdbx_initial_refinement_model.details          ? 
# 
